data_8HX8
#
_entry.id   8HX8
#
_cell.length_a   98.334
_cell.length_b   172.848
_cell.length_c   161.054
_cell.angle_alpha   90.00
_cell.angle_beta   90.00
_cell.angle_gamma   90.00
#
_symmetry.space_group_name_H-M   'C 2 2 21'
#
loop_
_entity.id
_entity.type
_entity.pdbx_description
1 polymer '4-amino-4-deoxychorismate synthase'
2 non-polymer TRYPTOPHAN
3 non-polymer 'SUCCINIC ACID'
4 non-polymer 'MAGNESIUM ION'
5 water water
#
_entity_poly.entity_id   1
_entity_poly.type   'polypeptide(L)'
_entity_poly.pdbx_seq_one_letter_code
;MNHKVHHHHHHIEGRHMRTLLIDNYDSFTHNLFQYIGEATGQPPVVVPNDADWSRLPVEDFDAIVVSPGPGSPDRERDFG
ISRRAITDSGLPVLGV(OCS)LGHQGIAQLFGGTVGLAPEPMHGRVSEVRHTGEDVFRGLPSPFTAVRYHSLAATDLPDE
LEPLAWSDDGVVMGLRHREKPLWGVQFHPESIGSDFGREIMANFRDLALAHHRARRHGADSPYELHVRRVDVLPDAEEVR
RGCLPGEGTTFWLDSSSVLEGASRFSFLGDDRGPLAEYLTYRVADGVVSVRGSDGTTTRTRRPFFNYLEEQLERRRVPVA
PELPFEFNLGYVGYLGYELKAETTGDPAHRSPHPDAAFLFADRAIALDHQEGCCYLLALDRRGHDDGARAWLRETAETLT
GLAVRAPAEPTPAMVFGIPEAAAGFGPLARARHDKDAYLKRIDECLKEIRNGESYEICLTNMVTAPTEATALPLYSALRA
ISPVPYGALLEFPELSVLSASPERFLTIGADGGVESKPIKGTRPRGGTAEEDERLRADLAGREKDRAENLMIVDLVRNDL
NSVCAIGSVHVPRLFEVETYAPVHQLVSTIRGRLRPGTSTAACVRAAFPGGSMTGAPKKRTMEIIDRLEEGPRGVYSGAL
GWFALSGAADLSIVIRTIVLADGQAEFGVGGAIVSLSDQEEEFTETVVKARAMVTALDGSAVAGAR
;
_entity_poly.pdbx_strand_id   A,B
#
loop_
_chem_comp.id
_chem_comp.type
_chem_comp.name
_chem_comp.formula
MG non-polymer 'MAGNESIUM ION' 'Mg 2'
SIN non-polymer 'SUCCINIC ACID' 'C4 H6 O4'
#
# COMPACT_ATOMS: atom_id res chain seq x y z
N GLY A 14 -4.07 9.37 -16.69
CA GLY A 14 -5.20 10.31 -16.57
C GLY A 14 -5.07 11.18 -15.33
N ARG A 15 -5.52 10.64 -14.19
CA ARG A 15 -5.32 11.26 -12.88
C ARG A 15 -5.58 10.22 -11.79
N HIS A 16 -5.30 10.62 -10.54
CA HIS A 16 -5.64 9.80 -9.38
C HIS A 16 -6.98 10.27 -8.84
N MET A 17 -7.50 9.56 -7.84
CA MET A 17 -8.83 9.81 -7.34
C MET A 17 -8.75 10.49 -5.98
N ARG A 18 -9.53 11.55 -5.79
CA ARG A 18 -9.54 12.30 -4.54
C ARG A 18 -10.50 11.64 -3.56
N THR A 19 -10.08 11.54 -2.30
CA THR A 19 -10.92 10.98 -1.25
C THR A 19 -10.98 11.94 -0.06
N LEU A 20 -12.20 12.28 0.36
CA LEU A 20 -12.44 13.09 1.54
C LEU A 20 -12.66 12.15 2.73
N LEU A 21 -12.11 12.53 3.89
CA LEU A 21 -12.26 11.73 5.11
C LEU A 21 -12.77 12.63 6.24
N ILE A 22 -14.09 12.60 6.46
CA ILE A 22 -14.72 13.38 7.51
C ILE A 22 -14.38 12.76 8.86
N ASP A 23 -13.74 13.54 9.74
CA ASP A 23 -13.49 13.11 11.11
C ASP A 23 -14.66 13.50 12.00
N ASN A 24 -15.22 12.49 12.69
CA ASN A 24 -16.23 12.70 13.73
C ASN A 24 -15.51 12.66 15.07
N TYR A 25 -14.64 13.67 15.28
CA TYR A 25 -13.73 13.76 16.42
C TYR A 25 -13.63 12.42 17.14
N ASP A 26 -13.08 11.43 16.41
CA ASP A 26 -12.92 10.07 16.90
C ASP A 26 -11.43 9.75 16.95
N SER A 27 -11.09 8.73 17.74
CA SER A 27 -9.71 8.32 17.93
C SER A 27 -9.35 7.13 17.05
N PHE A 28 -9.85 7.09 15.80
CA PHE A 28 -9.48 6.06 14.85
C PHE A 28 -9.31 6.62 13.43
N THR A 29 -9.65 7.90 13.24
CA THR A 29 -9.72 8.50 11.91
C THR A 29 -8.39 8.35 11.17
N HIS A 30 -7.27 8.54 11.88
CA HIS A 30 -5.96 8.55 11.25
C HIS A 30 -5.53 7.14 10.85
N ASN A 31 -6.10 6.12 11.47
CA ASN A 31 -5.88 4.75 11.06
C ASN A 31 -6.50 4.53 9.66
N LEU A 32 -7.71 5.06 9.47
CA LEU A 32 -8.38 5.00 8.17
C LEU A 32 -7.55 5.76 7.13
N PHE A 33 -6.96 6.88 7.55
CA PHE A 33 -6.04 7.68 6.73
C PHE A 33 -4.91 6.78 6.20
N GLN A 34 -4.27 6.03 7.11
CA GLN A 34 -3.18 5.14 6.74
C GLN A 34 -3.66 4.11 5.73
N TYR A 35 -4.79 3.48 6.02
CA TYR A 35 -5.26 2.34 5.25
C TYR A 35 -5.71 2.81 3.88
N ILE A 36 -6.30 4.00 3.78
CA ILE A 36 -6.69 4.56 2.49
C ILE A 36 -5.42 4.89 1.71
N GLY A 37 -4.45 5.51 2.38
CA GLY A 37 -3.17 5.85 1.77
C GLY A 37 -2.50 4.64 1.13
N GLU A 38 -2.39 3.55 1.89
CA GLU A 38 -1.68 2.36 1.46
C GLU A 38 -2.44 1.62 0.36
N ALA A 39 -3.78 1.55 0.51
CA ALA A 39 -4.62 0.79 -0.41
C ALA A 39 -4.74 1.49 -1.76
N THR A 40 -4.87 2.82 -1.74
CA THR A 40 -5.21 3.60 -2.92
C THR A 40 -4.01 4.35 -3.47
N GLY A 41 -2.96 4.52 -2.67
CA GLY A 41 -1.75 5.21 -3.12
C GLY A 41 -1.91 6.73 -3.13
N GLN A 42 -2.97 7.23 -2.48
CA GLN A 42 -3.15 8.65 -2.26
C GLN A 42 -3.69 8.84 -0.85
N PRO A 43 -3.17 9.82 -0.08
CA PRO A 43 -3.68 10.10 1.25
C PRO A 43 -5.02 10.82 1.15
N PRO A 44 -6.03 10.50 1.98
CA PRO A 44 -7.29 11.25 2.01
C PRO A 44 -7.12 12.61 2.67
N VAL A 45 -8.00 13.54 2.31
CA VAL A 45 -8.04 14.87 2.93
C VAL A 45 -8.94 14.81 4.16
N VAL A 46 -8.37 14.97 5.35
CA VAL A 46 -9.12 14.87 6.59
C VAL A 46 -9.73 16.23 6.90
N VAL A 47 -11.07 16.25 7.07
CA VAL A 47 -11.79 17.45 7.49
C VAL A 47 -12.59 17.11 8.73
N PRO A 48 -12.71 18.04 9.72
CA PRO A 48 -13.59 17.82 10.86
C PRO A 48 -15.06 17.88 10.43
N ASN A 49 -15.93 17.28 11.24
CA ASN A 49 -17.35 17.16 10.92
C ASN A 49 -18.09 18.44 11.29
N ASP A 50 -17.41 19.36 12.00
CA ASP A 50 -17.99 20.66 12.33
C ASP A 50 -17.49 21.71 11.34
N ALA A 51 -16.92 21.26 10.20
CA ALA A 51 -16.47 22.16 9.15
C ALA A 51 -17.67 22.72 8.40
N ASP A 52 -17.43 23.78 7.64
CA ASP A 52 -18.47 24.49 6.92
C ASP A 52 -18.62 23.87 5.54
N TRP A 53 -19.81 23.29 5.26
CA TRP A 53 -20.06 22.60 4.01
C TRP A 53 -20.03 23.56 2.83
N SER A 54 -20.63 24.75 3.02
CA SER A 54 -20.66 25.79 2.00
C SER A 54 -19.25 26.07 1.48
N ARG A 55 -18.32 26.29 2.40
CA ARG A 55 -16.94 26.64 2.06
C ARG A 55 -16.23 25.43 1.47
N LEU A 56 -16.61 24.22 1.90
CA LEU A 56 -15.90 23.00 1.57
C LEU A 56 -16.05 22.68 0.08
N PRO A 57 -14.95 22.47 -0.66
CA PRO A 57 -15.00 22.23 -2.11
C PRO A 57 -15.20 20.76 -2.44
N VAL A 58 -16.45 20.28 -2.28
CA VAL A 58 -16.78 18.88 -2.48
C VAL A 58 -16.69 18.54 -3.97
N GLU A 59 -16.81 19.57 -4.82
CA GLU A 59 -16.62 19.44 -6.26
C GLU A 59 -15.38 18.61 -6.58
N ASP A 60 -14.28 18.88 -5.86
CA ASP A 60 -12.97 18.32 -6.19
C ASP A 60 -12.73 17.02 -5.39
N PHE A 61 -13.75 16.16 -5.31
CA PHE A 61 -13.64 14.91 -4.58
C PHE A 61 -14.49 13.85 -5.28
N ASP A 62 -13.96 12.62 -5.31
CA ASP A 62 -14.56 11.52 -6.05
C ASP A 62 -15.18 10.49 -5.10
N ALA A 63 -14.78 10.53 -3.81
CA ALA A 63 -15.32 9.62 -2.82
C ALA A 63 -15.23 10.26 -1.44
N ILE A 64 -16.12 9.84 -0.53
CA ILE A 64 -16.12 10.26 0.85
C ILE A 64 -16.03 9.02 1.74
N VAL A 65 -15.36 9.16 2.88
CA VAL A 65 -15.43 8.17 3.95
C VAL A 65 -15.86 8.90 5.22
N VAL A 66 -16.93 8.40 5.84
CA VAL A 66 -17.40 8.94 7.11
C VAL A 66 -16.85 8.06 8.24
N SER A 67 -16.00 8.69 9.08
CA SER A 67 -15.24 7.97 10.10
C SER A 67 -16.15 7.47 11.22
N PRO A 68 -15.66 6.56 12.07
CA PRO A 68 -16.34 6.21 13.31
C PRO A 68 -16.45 7.41 14.24
N GLY A 69 -17.15 7.22 15.36
CA GLY A 69 -17.30 8.27 16.34
C GLY A 69 -18.23 7.87 17.48
N PRO A 70 -18.16 8.57 18.63
CA PRO A 70 -19.06 8.30 19.76
C PRO A 70 -20.47 8.81 19.49
N GLY A 71 -21.39 8.45 20.39
CA GLY A 71 -22.78 8.86 20.29
C GLY A 71 -23.46 8.30 19.05
N SER A 72 -24.50 8.99 18.57
CA SER A 72 -25.34 8.50 17.49
C SER A 72 -25.39 9.53 16.36
N PRO A 73 -25.77 9.12 15.13
CA PRO A 73 -25.95 10.07 14.03
C PRO A 73 -27.25 10.88 14.11
N ASP A 74 -28.01 10.66 15.18
CA ASP A 74 -29.26 11.36 15.44
C ASP A 74 -28.97 12.67 16.17
N ARG A 75 -27.83 13.30 15.86
CA ARG A 75 -27.31 14.43 16.61
C ARG A 75 -26.45 15.30 15.69
N GLU A 76 -26.47 16.62 15.92
CA GLU A 76 -25.71 17.58 15.15
C GLU A 76 -24.22 17.45 15.52
N ARG A 77 -23.95 17.45 16.84
CA ARG A 77 -22.65 17.00 17.32
C ARG A 77 -22.63 15.48 17.15
N ASP A 78 -21.44 14.88 17.25
CA ASP A 78 -21.23 13.47 16.97
C ASP A 78 -21.05 13.25 15.46
N PHE A 79 -22.00 13.75 14.66
CA PHE A 79 -22.12 13.33 13.27
C PHE A 79 -21.94 14.51 12.30
N GLY A 80 -22.67 15.61 12.53
CA GLY A 80 -22.44 16.85 11.83
C GLY A 80 -22.59 16.75 10.30
N ILE A 81 -21.46 16.92 9.60
CA ILE A 81 -21.48 17.18 8.15
C ILE A 81 -21.45 15.86 7.37
N SER A 82 -21.26 14.75 8.09
CA SER A 82 -21.44 13.42 7.53
C SER A 82 -22.80 13.30 6.85
N ARG A 83 -23.83 13.86 7.49
CA ARG A 83 -25.21 13.83 7.00
C ARG A 83 -25.31 14.37 5.58
N ARG A 84 -24.62 15.49 5.32
CA ARG A 84 -24.67 16.15 4.02
C ARG A 84 -24.01 15.27 2.97
N ALA A 85 -22.90 14.63 3.35
CA ALA A 85 -22.16 13.74 2.46
C ALA A 85 -23.07 12.63 1.92
N ILE A 86 -23.95 12.12 2.79
CA ILE A 86 -24.79 10.97 2.44
C ILE A 86 -26.00 11.43 1.61
N THR A 87 -26.68 12.49 2.07
CA THR A 87 -27.93 12.92 1.45
C THR A 87 -27.65 13.73 0.17
N ASP A 88 -26.71 14.68 0.25
CA ASP A 88 -26.60 15.75 -0.74
C ASP A 88 -25.51 15.45 -1.77
N SER A 89 -24.27 15.26 -1.29
CA SER A 89 -23.08 15.29 -2.11
C SER A 89 -23.24 14.55 -3.43
N GLY A 90 -24.03 13.46 -3.43
CA GLY A 90 -24.25 12.67 -4.62
C GLY A 90 -23.06 11.76 -4.96
N LEU A 91 -22.15 11.58 -4.00
CA LEU A 91 -20.88 10.91 -4.25
C LEU A 91 -20.89 9.52 -3.63
N PRO A 92 -19.99 8.63 -4.06
CA PRO A 92 -19.67 7.41 -3.30
C PRO A 92 -19.32 7.77 -1.86
N VAL A 93 -19.94 7.05 -0.92
CA VAL A 93 -19.68 7.23 0.50
C VAL A 93 -19.49 5.86 1.14
N LEU A 94 -18.47 5.76 2.00
CA LEU A 94 -18.35 4.61 2.88
C LEU A 94 -18.50 5.09 4.33
N GLY A 95 -19.62 4.70 4.95
CA GLY A 95 -19.80 4.90 6.37
C GLY A 95 -19.07 3.80 7.15
N VAL A 96 -18.39 4.20 8.24
CA VAL A 96 -17.72 3.26 9.11
C VAL A 96 -18.27 3.46 10.51
N OCS A 97 -18.92 2.41 11.04
CA OCS A 97 -19.43 2.43 12.41
CB OCS A 97 -18.31 2.55 13.43
SG OCS A 97 -18.83 2.21 15.08
C OCS A 97 -20.51 3.51 12.54
O OCS A 97 -21.66 3.25 12.22
OD1 OCS A 97 -18.20 0.96 15.45
OD2 OCS A 97 -20.35 1.98 14.95
OD3 OCS A 97 -18.53 3.38 15.85
N LEU A 98 -20.12 4.72 12.96
CA LEU A 98 -21.07 5.80 13.15
C LEU A 98 -21.63 6.25 11.80
N GLY A 99 -20.82 6.08 10.74
CA GLY A 99 -21.25 6.37 9.39
C GLY A 99 -22.27 5.35 8.87
N HIS A 100 -21.97 4.06 9.10
CA HIS A 100 -22.85 2.95 8.74
C HIS A 100 -24.23 3.14 9.38
N GLN A 101 -24.23 3.41 10.69
CA GLN A 101 -25.44 3.73 11.44
C GLN A 101 -26.12 4.95 10.81
N GLY A 102 -25.31 5.96 10.46
CA GLY A 102 -25.79 7.17 9.81
C GLY A 102 -26.55 6.91 8.53
N ILE A 103 -26.07 5.97 7.72
CA ILE A 103 -26.71 5.64 6.44
C ILE A 103 -28.10 5.09 6.72
N ALA A 104 -28.23 4.29 7.79
CA ALA A 104 -29.47 3.61 8.11
C ALA A 104 -30.58 4.60 8.50
N GLN A 105 -30.28 5.50 9.44
CA GLN A 105 -31.29 6.39 9.99
C GLN A 105 -31.65 7.49 9.00
N LEU A 106 -30.71 7.84 8.11
CA LEU A 106 -30.92 8.90 7.14
C LEU A 106 -31.79 8.39 5.99
N PHE A 107 -31.99 7.08 5.91
CA PHE A 107 -32.91 6.48 4.95
C PHE A 107 -34.04 5.75 5.69
N GLY A 108 -34.26 6.11 6.96
CA GLY A 108 -35.30 5.50 7.78
C GLY A 108 -34.98 4.06 8.14
N GLY A 109 -34.07 3.87 9.10
CA GLY A 109 -33.67 2.56 9.59
C GLY A 109 -33.66 2.52 11.12
N THR A 110 -33.72 1.31 11.69
CA THR A 110 -33.78 1.13 13.13
C THR A 110 -32.38 0.86 13.67
N VAL A 111 -31.76 1.90 14.24
CA VAL A 111 -30.46 1.80 14.88
C VAL A 111 -30.69 1.70 16.39
N GLY A 112 -30.80 0.45 16.87
CA GLY A 112 -31.07 0.18 18.27
C GLY A 112 -29.96 -0.65 18.92
N LEU A 113 -30.10 -0.88 20.23
CA LEU A 113 -29.11 -1.60 21.02
C LEU A 113 -29.00 -3.04 20.54
N ALA A 114 -27.79 -3.45 20.16
CA ALA A 114 -27.51 -4.83 19.79
C ALA A 114 -27.67 -5.71 21.03
N PRO A 115 -27.71 -7.06 20.89
CA PRO A 115 -27.87 -7.94 22.04
C PRO A 115 -26.77 -7.78 23.08
N GLU A 116 -25.52 -7.67 22.59
CA GLU A 116 -24.37 -7.46 23.45
C GLU A 116 -23.51 -6.34 22.87
N PRO A 117 -23.29 -5.22 23.60
CA PRO A 117 -22.26 -4.24 23.24
C PRO A 117 -20.88 -4.89 23.09
N MET A 118 -20.09 -4.38 22.15
CA MET A 118 -18.86 -5.03 21.73
C MET A 118 -17.80 -3.97 21.41
N HIS A 119 -16.88 -3.76 22.36
CA HIS A 119 -15.85 -2.75 22.26
C HIS A 119 -14.47 -3.40 22.27
N GLY A 120 -13.71 -3.19 21.18
CA GLY A 120 -12.35 -3.69 21.07
C GLY A 120 -12.31 -5.21 21.04
N ARG A 121 -13.34 -5.81 20.44
CA ARG A 121 -13.56 -7.25 20.47
C ARG A 121 -13.91 -7.75 19.07
N VAL A 122 -13.61 -9.03 18.83
CA VAL A 122 -13.63 -9.63 17.51
C VAL A 122 -14.97 -10.32 17.28
N SER A 123 -15.43 -10.29 16.02
CA SER A 123 -16.53 -11.12 15.53
C SER A 123 -16.15 -11.73 14.19
N GLU A 124 -16.64 -12.96 13.94
CA GLU A 124 -16.54 -13.59 12.64
C GLU A 124 -17.65 -13.03 11.75
N VAL A 125 -17.26 -12.58 10.55
CA VAL A 125 -18.16 -11.84 9.68
C VAL A 125 -18.37 -12.63 8.39
N ARG A 126 -19.60 -13.10 8.18
CA ARG A 126 -19.97 -13.78 6.95
C ARG A 126 -20.75 -12.82 6.06
N HIS A 127 -20.53 -12.94 4.74
CA HIS A 127 -20.88 -11.90 3.79
C HIS A 127 -21.08 -12.48 2.40
N THR A 128 -21.67 -11.67 1.51
CA THR A 128 -22.02 -12.11 0.16
C THR A 128 -20.79 -12.15 -0.74
N GLY A 129 -19.81 -11.28 -0.46
CA GLY A 129 -18.65 -11.13 -1.32
C GLY A 129 -18.87 -10.07 -2.39
N GLU A 130 -19.84 -9.17 -2.14
CA GLU A 130 -20.25 -8.15 -3.10
C GLU A 130 -19.72 -6.78 -2.69
N ASP A 131 -19.21 -6.05 -3.68
CA ASP A 131 -18.82 -4.65 -3.54
C ASP A 131 -17.61 -4.54 -2.62
N VAL A 132 -17.81 -4.10 -1.37
CA VAL A 132 -16.72 -3.82 -0.46
C VAL A 132 -16.20 -5.12 0.16
N PHE A 133 -16.85 -6.25 -0.19
CA PHE A 133 -16.48 -7.54 0.35
C PHE A 133 -15.89 -8.45 -0.72
N ARG A 134 -15.68 -7.90 -1.92
CA ARG A 134 -15.09 -8.68 -3.01
C ARG A 134 -13.70 -9.14 -2.59
N GLY A 135 -13.37 -10.40 -2.92
CA GLY A 135 -12.05 -10.96 -2.65
C GLY A 135 -11.94 -11.54 -1.24
N LEU A 136 -12.74 -11.02 -0.30
CA LEU A 136 -12.64 -11.43 1.10
C LEU A 136 -13.25 -12.81 1.29
N PRO A 137 -12.64 -13.68 2.11
CA PRO A 137 -13.25 -14.96 2.46
C PRO A 137 -14.35 -14.77 3.50
N SER A 138 -15.35 -15.65 3.45
CA SER A 138 -16.46 -15.65 4.41
C SER A 138 -16.39 -16.92 5.24
N PRO A 139 -16.15 -16.86 6.59
CA PRO A 139 -16.01 -15.60 7.33
C PRO A 139 -14.62 -14.97 7.33
N PHE A 140 -14.55 -13.74 7.85
CA PHE A 140 -13.32 -13.11 8.29
C PHE A 140 -13.52 -12.43 9.64
N THR A 141 -12.40 -12.02 10.25
CA THR A 141 -12.38 -11.47 11.60
C THR A 141 -12.40 -9.94 11.51
N ALA A 142 -13.19 -9.30 12.38
CA ALA A 142 -13.28 -7.85 12.39
C ALA A 142 -13.64 -7.34 13.78
N VAL A 143 -12.98 -6.25 14.20
CA VAL A 143 -13.16 -5.68 15.53
C VAL A 143 -14.39 -4.77 15.52
N ARG A 144 -15.21 -4.88 16.57
CA ARG A 144 -16.41 -4.08 16.72
C ARG A 144 -16.23 -3.06 17.84
N TYR A 145 -16.89 -1.91 17.70
CA TYR A 145 -16.79 -0.83 18.68
C TYR A 145 -18.15 -0.16 18.89
N HIS A 146 -19.20 -0.94 19.18
CA HIS A 146 -20.53 -0.35 19.20
C HIS A 146 -21.49 -1.05 20.15
N SER A 147 -22.34 -0.22 20.78
CA SER A 147 -23.52 -0.68 21.50
C SER A 147 -24.73 -0.65 20.57
N LEU A 148 -24.77 0.36 19.68
CA LEU A 148 -25.86 0.52 18.72
C LEU A 148 -25.59 -0.35 17.50
N ALA A 149 -26.68 -0.76 16.82
CA ALA A 149 -26.61 -1.64 15.67
C ALA A 149 -27.86 -1.49 14.81
N ALA A 150 -27.67 -1.54 13.48
CA ALA A 150 -28.76 -1.40 12.54
C ALA A 150 -29.60 -2.68 12.53
N THR A 151 -30.92 -2.51 12.70
CA THR A 151 -31.83 -3.62 12.96
C THR A 151 -32.77 -3.79 11.77
N ASP A 152 -34.00 -3.26 11.90
CA ASP A 152 -34.97 -3.27 10.83
C ASP A 152 -34.49 -2.32 9.73
N LEU A 153 -34.08 -2.89 8.59
CA LEU A 153 -33.61 -2.10 7.45
C LEU A 153 -34.79 -1.65 6.61
N PRO A 154 -34.74 -0.44 6.02
CA PRO A 154 -35.77 -0.01 5.06
C PRO A 154 -35.66 -0.79 3.75
N ASP A 155 -36.50 -0.42 2.79
CA ASP A 155 -36.61 -1.13 1.53
C ASP A 155 -35.47 -0.72 0.59
N GLU A 156 -34.86 0.44 0.87
CA GLU A 156 -33.82 1.00 0.02
C GLU A 156 -32.46 0.38 0.34
N LEU A 157 -32.34 -0.24 1.53
CA LEU A 157 -31.06 -0.71 2.03
C LEU A 157 -31.08 -2.24 2.18
N GLU A 158 -30.11 -2.91 1.55
CA GLU A 158 -29.97 -4.36 1.67
C GLU A 158 -28.70 -4.70 2.43
N PRO A 159 -28.74 -5.62 3.42
CA PRO A 159 -27.55 -6.00 4.18
C PRO A 159 -26.66 -6.95 3.38
N LEU A 160 -25.34 -6.83 3.60
CA LEU A 160 -24.33 -7.58 2.85
C LEU A 160 -23.62 -8.61 3.74
N ALA A 161 -23.52 -8.32 5.04
CA ALA A 161 -22.76 -9.17 5.95
C ALA A 161 -23.38 -9.17 7.35
N TRP A 162 -23.10 -10.22 8.11
CA TRP A 162 -23.59 -10.35 9.48
C TRP A 162 -22.49 -10.93 10.37
N SER A 163 -22.57 -10.57 11.66
CA SER A 163 -21.68 -11.08 12.69
C SER A 163 -22.15 -12.46 13.15
N ASP A 164 -21.21 -13.24 13.71
CA ASP A 164 -21.56 -14.47 14.42
C ASP A 164 -22.62 -14.18 15.49
N ASP A 165 -22.56 -12.96 16.03
CA ASP A 165 -23.50 -12.45 17.03
C ASP A 165 -24.91 -12.37 16.45
N GLY A 166 -25.04 -12.42 15.12
CA GLY A 166 -26.33 -12.28 14.45
C GLY A 166 -26.73 -10.82 14.35
N VAL A 167 -25.83 -9.99 13.80
CA VAL A 167 -25.97 -8.54 13.74
C VAL A 167 -25.47 -8.06 12.39
N VAL A 168 -26.07 -6.97 11.89
CA VAL A 168 -25.76 -6.46 10.56
C VAL A 168 -24.39 -5.79 10.58
N MET A 169 -23.48 -6.30 9.75
CA MET A 169 -22.10 -5.84 9.71
C MET A 169 -21.83 -5.06 8.42
N GLY A 170 -22.68 -5.23 7.41
CA GLY A 170 -22.54 -4.51 6.16
C GLY A 170 -23.90 -4.18 5.54
N LEU A 171 -23.94 -3.12 4.73
CA LEU A 171 -25.13 -2.78 3.95
C LEU A 171 -24.74 -1.85 2.79
N ARG A 172 -25.70 -1.66 1.88
CA ARG A 172 -25.59 -0.68 0.81
C ARG A 172 -26.97 -0.17 0.43
N HIS A 173 -26.98 0.89 -0.40
CA HIS A 173 -28.19 1.40 -1.02
C HIS A 173 -28.40 0.63 -2.33
N ARG A 174 -29.67 0.38 -2.68
CA ARG A 174 -30.00 -0.42 -3.85
C ARG A 174 -29.74 0.39 -5.13
N GLU A 175 -29.95 1.71 -5.05
CA GLU A 175 -29.81 2.60 -6.20
C GLU A 175 -28.50 3.40 -6.10
N LYS A 176 -28.35 4.16 -5.02
CA LYS A 176 -27.29 5.14 -4.87
C LYS A 176 -25.98 4.45 -4.47
N PRO A 177 -24.79 5.10 -4.68
CA PRO A 177 -23.50 4.48 -4.35
C PRO A 177 -23.07 4.70 -2.90
N LEU A 178 -23.81 4.10 -1.97
CA LEU A 178 -23.53 4.22 -0.55
C LEU A 178 -23.23 2.84 0.03
N TRP A 179 -22.35 2.81 1.04
CA TRP A 179 -21.85 1.57 1.60
C TRP A 179 -21.54 1.76 3.08
N GLY A 180 -21.79 0.72 3.88
CA GLY A 180 -21.61 0.80 5.32
C GLY A 180 -20.97 -0.46 5.90
N VAL A 181 -20.23 -0.30 7.00
CA VAL A 181 -19.71 -1.39 7.79
C VAL A 181 -19.78 -0.99 9.27
N GLN A 182 -20.39 -1.85 10.11
CA GLN A 182 -20.43 -1.60 11.55
C GLN A 182 -19.05 -1.81 12.16
N PHE A 183 -18.32 -2.77 11.60
CA PHE A 183 -17.01 -3.14 12.10
C PHE A 183 -15.99 -2.08 11.65
N HIS A 184 -14.76 -2.21 12.18
CA HIS A 184 -13.67 -1.30 11.88
C HIS A 184 -12.63 -2.00 11.00
N PRO A 185 -12.59 -1.72 9.68
CA PRO A 185 -11.54 -2.25 8.82
C PRO A 185 -10.13 -1.95 9.31
N GLU A 186 -9.97 -0.77 9.94
CA GLU A 186 -8.66 -0.19 10.21
C GLU A 186 -8.11 -0.71 11.53
N SER A 187 -8.98 -1.26 12.40
CA SER A 187 -8.55 -1.77 13.70
C SER A 187 -7.50 -2.86 13.53
N ILE A 188 -6.54 -2.92 14.46
CA ILE A 188 -5.39 -3.81 14.34
C ILE A 188 -5.81 -5.27 14.51
N GLY A 189 -6.95 -5.51 15.17
CA GLY A 189 -7.48 -6.86 15.34
C GLY A 189 -8.23 -7.36 14.10
N SER A 190 -8.47 -6.46 13.13
CA SER A 190 -9.26 -6.79 11.96
C SER A 190 -8.38 -7.34 10.83
N ASP A 191 -9.01 -8.08 9.91
CA ASP A 191 -8.34 -8.53 8.70
C ASP A 191 -9.00 -7.92 7.47
N PHE A 192 -8.17 -7.70 6.45
CA PHE A 192 -8.56 -7.28 5.12
C PHE A 192 -9.12 -5.86 5.14
N GLY A 193 -8.60 -5.01 6.04
CA GLY A 193 -8.95 -3.61 6.07
C GLY A 193 -8.61 -2.90 4.76
N ARG A 194 -7.35 -3.05 4.32
CA ARG A 194 -6.86 -2.42 3.10
C ARG A 194 -7.66 -2.91 1.90
N GLU A 195 -8.02 -4.20 1.91
CA GLU A 195 -8.81 -4.76 0.82
C GLU A 195 -10.12 -3.99 0.70
N ILE A 196 -10.83 -3.86 1.83
CA ILE A 196 -12.11 -3.19 1.87
C ILE A 196 -11.96 -1.76 1.35
N MET A 197 -10.90 -1.06 1.78
CA MET A 197 -10.69 0.32 1.39
C MET A 197 -10.39 0.39 -0.11
N ALA A 198 -9.72 -0.63 -0.65
CA ALA A 198 -9.42 -0.72 -2.08
C ALA A 198 -10.70 -1.03 -2.87
N ASN A 199 -11.53 -1.91 -2.30
CA ASN A 199 -12.81 -2.24 -2.90
C ASN A 199 -13.65 -0.99 -3.06
N PHE A 200 -13.71 -0.15 -2.01
CA PHE A 200 -14.50 1.08 -2.06
C PHE A 200 -13.93 2.03 -3.10
N ARG A 201 -12.60 2.09 -3.21
CA ARG A 201 -11.97 2.88 -4.24
C ARG A 201 -12.51 2.42 -5.60
N ASP A 202 -12.44 1.09 -5.84
CA ASP A 202 -12.85 0.50 -7.10
C ASP A 202 -14.29 0.86 -7.45
N LEU A 203 -15.19 0.70 -6.46
CA LEU A 203 -16.60 1.02 -6.62
C LEU A 203 -16.79 2.46 -7.10
N ALA A 204 -16.06 3.39 -6.47
CA ALA A 204 -16.16 4.80 -6.80
C ALA A 204 -15.64 5.06 -8.21
N LEU A 205 -14.56 4.37 -8.61
CA LEU A 205 -14.01 4.51 -9.96
C LEU A 205 -15.07 4.12 -10.99
N ALA A 206 -15.69 2.97 -10.77
CA ALA A 206 -16.78 2.49 -11.61
C ALA A 206 -17.93 3.49 -11.62
N HIS A 207 -18.39 3.90 -10.43
CA HIS A 207 -19.50 4.83 -10.34
C HIS A 207 -19.25 6.02 -11.25
N HIS A 208 -18.03 6.58 -11.18
CA HIS A 208 -17.70 7.79 -11.91
C HIS A 208 -17.59 7.49 -13.41
N ARG A 209 -17.16 6.28 -13.77
CA ARG A 209 -17.06 5.90 -15.16
C ARG A 209 -18.46 5.72 -15.75
N ALA A 210 -19.45 5.45 -14.89
CA ALA A 210 -20.84 5.27 -15.31
C ALA A 210 -21.42 6.60 -15.81
N ARG A 211 -20.80 7.73 -15.43
CA ARG A 211 -21.21 9.04 -15.90
C ARG A 211 -20.22 9.52 -16.96
N SER A 217 -26.13 10.42 -25.91
CA SER A 217 -25.98 9.36 -26.95
C SER A 217 -26.64 9.81 -28.24
N PRO A 218 -25.93 9.80 -29.39
CA PRO A 218 -26.52 10.18 -30.69
C PRO A 218 -27.21 9.02 -31.42
N TYR A 219 -27.36 7.88 -30.73
CA TYR A 219 -27.95 6.67 -31.30
C TYR A 219 -29.07 6.14 -30.40
N GLU A 220 -29.96 5.34 -31.00
CA GLU A 220 -31.01 4.64 -30.30
C GLU A 220 -30.84 3.15 -30.58
N LEU A 221 -30.45 2.39 -29.55
CA LEU A 221 -30.13 0.98 -29.69
C LEU A 221 -31.39 0.15 -29.49
N HIS A 222 -31.71 -0.66 -30.50
CA HIS A 222 -32.80 -1.63 -30.41
C HIS A 222 -32.21 -3.01 -30.17
N VAL A 223 -32.80 -3.75 -29.21
CA VAL A 223 -32.35 -5.08 -28.85
C VAL A 223 -33.49 -6.06 -29.10
N ARG A 224 -33.15 -7.24 -29.62
CA ARG A 224 -34.13 -8.29 -29.90
C ARG A 224 -33.53 -9.64 -29.58
N ARG A 225 -34.28 -10.45 -28.82
CA ARG A 225 -33.85 -11.77 -28.43
C ARG A 225 -34.62 -12.82 -29.24
N VAL A 226 -33.92 -13.87 -29.66
CA VAL A 226 -34.52 -15.00 -30.37
C VAL A 226 -34.08 -16.28 -29.66
N ASP A 227 -35.06 -17.11 -29.26
CA ASP A 227 -34.78 -18.32 -28.50
C ASP A 227 -34.53 -19.50 -29.44
N VAL A 228 -33.59 -19.30 -30.37
CA VAL A 228 -33.02 -20.37 -31.17
C VAL A 228 -31.52 -20.14 -31.21
N LEU A 229 -30.75 -21.21 -31.41
CA LEU A 229 -29.31 -21.10 -31.59
C LEU A 229 -28.89 -21.95 -32.78
N PRO A 230 -28.82 -21.38 -33.99
CA PRO A 230 -28.24 -22.08 -35.14
C PRO A 230 -26.75 -22.37 -34.95
N ASP A 231 -26.18 -23.13 -35.89
CA ASP A 231 -24.74 -23.24 -36.02
C ASP A 231 -24.20 -21.90 -36.48
N ALA A 232 -23.09 -21.45 -35.89
CA ALA A 232 -22.53 -20.13 -36.18
C ALA A 232 -22.16 -20.04 -37.65
N GLU A 233 -21.67 -21.14 -38.22
CA GLU A 233 -21.27 -21.15 -39.61
C GLU A 233 -22.52 -21.01 -40.49
N GLU A 234 -23.65 -21.53 -39.99
CA GLU A 234 -24.92 -21.45 -40.71
C GLU A 234 -25.43 -20.01 -40.70
N VAL A 235 -25.15 -19.28 -39.61
CA VAL A 235 -25.52 -17.88 -39.48
C VAL A 235 -24.67 -17.04 -40.43
N ARG A 236 -23.35 -17.32 -40.47
CA ARG A 236 -22.47 -16.62 -41.38
C ARG A 236 -22.98 -16.77 -42.82
N ARG A 237 -23.22 -18.01 -43.23
CA ARG A 237 -23.63 -18.33 -44.59
C ARG A 237 -25.08 -17.88 -44.84
N GLY A 238 -25.95 -18.10 -43.85
CA GLY A 238 -27.37 -17.87 -43.99
C GLY A 238 -27.75 -16.38 -44.01
N CYS A 239 -27.19 -15.60 -43.08
CA CYS A 239 -27.63 -14.22 -42.86
C CYS A 239 -26.73 -13.19 -43.56
N LEU A 240 -25.43 -13.49 -43.70
CA LEU A 240 -24.50 -12.55 -44.30
C LEU A 240 -24.22 -12.98 -45.75
N PRO A 241 -23.74 -12.05 -46.61
CA PRO A 241 -23.42 -12.38 -48.00
C PRO A 241 -21.93 -12.67 -48.21
N GLY A 242 -21.63 -13.39 -49.31
CA GLY A 242 -20.25 -13.61 -49.74
C GLY A 242 -19.65 -12.34 -50.35
N GLU A 243 -20.46 -11.66 -51.16
CA GLU A 243 -20.13 -10.33 -51.68
C GLU A 243 -20.29 -9.31 -50.55
N GLY A 244 -19.18 -8.72 -50.10
CA GLY A 244 -19.24 -7.59 -49.19
C GLY A 244 -18.32 -7.75 -47.96
N THR A 245 -18.25 -6.67 -47.19
CA THR A 245 -17.44 -6.62 -45.97
C THR A 245 -18.24 -7.24 -44.82
N THR A 246 -17.64 -8.25 -44.18
CA THR A 246 -18.29 -8.99 -43.11
C THR A 246 -17.31 -9.26 -41.97
N PHE A 247 -17.86 -9.37 -40.76
CA PHE A 247 -17.09 -9.79 -39.60
C PHE A 247 -17.77 -11.01 -38.97
N TRP A 248 -16.94 -11.93 -38.45
CA TRP A 248 -17.40 -13.07 -37.68
C TRP A 248 -16.41 -13.27 -36.53
N LEU A 249 -16.84 -12.89 -35.32
CA LEU A 249 -16.08 -13.18 -34.12
C LEU A 249 -16.59 -14.50 -33.58
N ASP A 250 -15.69 -15.49 -33.52
CA ASP A 250 -16.08 -16.88 -33.52
C ASP A 250 -15.47 -17.61 -32.32
N SER A 251 -16.31 -17.89 -31.32
CA SER A 251 -15.97 -18.83 -30.27
C SER A 251 -16.17 -20.24 -30.81
N SER A 252 -15.24 -20.69 -31.65
CA SER A 252 -15.27 -22.04 -32.21
C SER A 252 -15.14 -23.06 -31.09
N SER A 253 -14.41 -22.68 -30.05
CA SER A 253 -14.41 -23.40 -28.79
C SER A 253 -15.28 -22.64 -27.78
N VAL A 254 -16.23 -23.35 -27.16
CA VAL A 254 -17.08 -22.80 -26.12
C VAL A 254 -16.82 -23.55 -24.82
N LEU A 255 -16.55 -22.78 -23.76
CA LEU A 255 -16.10 -23.32 -22.49
C LEU A 255 -16.55 -22.37 -21.38
N GLU A 256 -17.27 -22.89 -20.39
CA GLU A 256 -17.89 -22.04 -19.39
C GLU A 256 -16.82 -21.24 -18.67
N GLY A 257 -16.94 -19.92 -18.71
CA GLY A 257 -15.93 -19.03 -18.16
C GLY A 257 -15.01 -18.46 -19.23
N ALA A 258 -14.47 -19.33 -20.10
CA ALA A 258 -13.49 -18.93 -21.10
C ALA A 258 -14.15 -18.24 -22.29
N SER A 259 -15.21 -18.84 -22.85
CA SER A 259 -15.89 -18.25 -23.99
C SER A 259 -17.36 -18.68 -24.01
N ARG A 260 -18.19 -17.82 -24.61
CA ARG A 260 -19.64 -17.96 -24.50
C ARG A 260 -20.35 -17.41 -25.73
N PHE A 261 -19.76 -16.41 -26.39
CA PHE A 261 -20.48 -15.61 -27.37
C PHE A 261 -19.80 -15.65 -28.73
N SER A 262 -20.59 -15.36 -29.77
CA SER A 262 -20.09 -15.12 -31.12
C SER A 262 -20.86 -13.95 -31.70
N PHE A 263 -20.20 -13.16 -32.57
CA PHE A 263 -20.78 -11.93 -33.10
C PHE A 263 -20.56 -11.88 -34.61
N LEU A 264 -21.60 -11.45 -35.34
CA LEU A 264 -21.56 -11.45 -36.80
C LEU A 264 -22.30 -10.22 -37.33
N GLY A 265 -21.77 -9.62 -38.40
CA GLY A 265 -22.44 -8.53 -39.11
C GLY A 265 -21.81 -8.23 -40.47
N ASP A 266 -22.38 -7.25 -41.18
CA ASP A 266 -21.91 -6.87 -42.50
C ASP A 266 -22.05 -5.35 -42.66
N ASP A 267 -21.61 -4.83 -43.83
CA ASP A 267 -21.50 -3.40 -44.04
C ASP A 267 -22.70 -2.86 -44.82
N ARG A 268 -23.83 -3.58 -44.76
CA ARG A 268 -24.98 -3.25 -45.60
C ARG A 268 -25.90 -2.25 -44.90
N GLY A 269 -25.78 -2.12 -43.57
CA GLY A 269 -26.62 -1.21 -42.82
C GLY A 269 -26.43 0.24 -43.25
N PRO A 270 -27.39 1.14 -42.90
CA PRO A 270 -27.31 2.56 -43.29
C PRO A 270 -26.43 3.45 -42.43
N LEU A 271 -25.92 2.90 -41.30
CA LEU A 271 -25.08 3.66 -40.40
C LEU A 271 -23.69 3.04 -40.27
N ALA A 272 -23.41 2.04 -41.12
CA ALA A 272 -22.14 1.32 -41.08
C ALA A 272 -21.07 2.11 -41.83
N GLU A 273 -19.82 1.93 -41.40
CA GLU A 273 -18.68 2.58 -42.01
C GLU A 273 -17.50 1.60 -42.02
N TYR A 274 -16.52 1.86 -42.90
CA TYR A 274 -15.30 1.06 -42.95
C TYR A 274 -14.10 2.00 -43.07
N LEU A 275 -13.15 1.85 -42.14
CA LEU A 275 -12.02 2.75 -42.02
C LEU A 275 -10.72 1.94 -42.05
N THR A 276 -9.73 2.48 -42.76
CA THR A 276 -8.37 1.96 -42.71
C THR A 276 -7.47 3.01 -42.04
N TYR A 277 -6.20 2.64 -41.85
CA TYR A 277 -5.16 3.58 -41.47
C TYR A 277 -3.86 3.22 -42.19
N ARG A 278 -3.04 4.24 -42.46
CA ARG A 278 -1.69 4.04 -42.99
C ARG A 278 -0.73 4.75 -42.07
N VAL A 279 0.26 4.01 -41.55
CA VAL A 279 1.28 4.60 -40.71
C VAL A 279 2.16 5.51 -41.57
N ALA A 280 2.45 5.06 -42.80
CA ALA A 280 3.37 5.74 -43.69
C ALA A 280 2.84 7.12 -44.08
N ASP A 281 1.58 7.17 -44.58
CA ASP A 281 0.90 8.43 -44.82
C ASP A 281 0.61 9.14 -43.51
N GLY A 282 0.20 8.37 -42.50
CA GLY A 282 -0.31 8.92 -41.25
C GLY A 282 -1.75 9.43 -41.41
N VAL A 283 -2.53 8.76 -42.26
CA VAL A 283 -3.85 9.24 -42.63
C VAL A 283 -4.91 8.18 -42.29
N VAL A 284 -6.04 8.66 -41.77
CA VAL A 284 -7.23 7.85 -41.58
C VAL A 284 -8.13 8.04 -42.80
N SER A 285 -8.20 7.00 -43.64
CA SER A 285 -9.24 6.90 -44.66
C SER A 285 -10.44 6.18 -44.05
N VAL A 286 -11.64 6.74 -44.27
CA VAL A 286 -12.88 6.17 -43.75
C VAL A 286 -13.95 6.31 -44.85
N ARG A 287 -14.83 5.29 -44.91
CA ARG A 287 -15.89 5.23 -45.90
C ARG A 287 -17.24 5.25 -45.19
N GLY A 288 -17.97 6.37 -45.30
CA GLY A 288 -19.29 6.48 -44.69
C GLY A 288 -20.26 5.50 -45.32
N SER A 289 -21.48 5.42 -44.77
CA SER A 289 -22.53 4.64 -45.40
C SER A 289 -23.08 5.38 -46.63
N ASP A 290 -22.67 6.64 -46.79
CA ASP A 290 -23.09 7.49 -47.89
C ASP A 290 -22.41 7.04 -49.19
N GLY A 291 -21.12 6.70 -49.09
CA GLY A 291 -20.23 6.57 -50.24
C GLY A 291 -19.01 7.48 -50.07
N THR A 292 -19.27 8.64 -49.45
CA THR A 292 -18.25 9.55 -48.95
C THR A 292 -17.02 8.82 -48.44
N THR A 293 -15.85 9.34 -48.81
CA THR A 293 -14.57 8.83 -48.30
C THR A 293 -13.74 9.99 -47.77
N THR A 294 -13.82 10.20 -46.44
CA THR A 294 -13.05 11.22 -45.74
C THR A 294 -11.57 10.79 -45.68
N ARG A 295 -10.68 11.76 -45.45
CA ARG A 295 -9.30 11.47 -45.15
C ARG A 295 -8.77 12.49 -44.14
N THR A 296 -8.51 12.02 -42.90
CA THR A 296 -7.85 12.82 -41.88
C THR A 296 -6.35 12.50 -41.89
N ARG A 297 -5.54 13.46 -41.40
CA ARG A 297 -4.15 13.21 -41.11
C ARG A 297 -3.98 13.13 -39.59
N ARG A 298 -4.50 12.03 -39.01
CA ARG A 298 -4.52 11.83 -37.57
C ARG A 298 -3.61 10.66 -37.20
N PRO A 299 -3.39 10.39 -35.89
CA PRO A 299 -2.98 9.08 -35.41
C PRO A 299 -4.24 8.31 -35.00
N PHE A 300 -4.24 7.00 -35.26
CA PHE A 300 -5.46 6.20 -35.24
C PHE A 300 -6.05 6.13 -33.82
N PHE A 301 -5.22 5.87 -32.82
CA PHE A 301 -5.72 5.72 -31.45
C PHE A 301 -6.39 7.01 -30.99
N ASN A 302 -5.96 8.14 -31.56
CA ASN A 302 -6.52 9.44 -31.24
C ASN A 302 -7.95 9.52 -31.81
N TYR A 303 -8.06 9.23 -33.11
CA TYR A 303 -9.31 9.17 -33.84
C TYR A 303 -10.31 8.27 -33.12
N LEU A 304 -9.85 7.06 -32.78
CA LEU A 304 -10.71 6.03 -32.22
C LEU A 304 -11.28 6.49 -30.87
N GLU A 305 -10.42 7.11 -30.05
CA GLU A 305 -10.80 7.60 -28.74
C GLU A 305 -11.95 8.60 -28.85
N GLU A 306 -11.84 9.50 -29.84
CA GLU A 306 -12.79 10.59 -30.06
C GLU A 306 -14.14 10.00 -30.44
N GLN A 307 -14.14 9.14 -31.47
CA GLN A 307 -15.34 8.50 -31.99
C GLN A 307 -16.05 7.76 -30.85
N LEU A 308 -15.28 7.01 -30.06
CA LEU A 308 -15.83 6.23 -28.96
C LEU A 308 -16.46 7.14 -27.91
N GLU A 309 -15.87 8.33 -27.70
CA GLU A 309 -16.42 9.30 -26.76
C GLU A 309 -17.70 9.90 -27.32
N ARG A 310 -17.67 10.25 -28.62
CA ARG A 310 -18.78 10.97 -29.23
C ARG A 310 -19.97 10.02 -29.38
N ARG A 311 -19.70 8.80 -29.89
CA ARG A 311 -20.74 7.83 -30.21
C ARG A 311 -21.06 6.94 -28.99
N ARG A 312 -20.93 7.47 -27.77
CA ARG A 312 -21.17 6.66 -26.58
C ARG A 312 -22.62 6.21 -26.53
N VAL A 313 -22.82 5.00 -26.02
CA VAL A 313 -24.15 4.44 -25.77
C VAL A 313 -24.07 3.61 -24.49
N PRO A 314 -25.05 3.71 -23.57
CA PRO A 314 -25.05 2.90 -22.35
C PRO A 314 -25.32 1.44 -22.66
N VAL A 315 -24.80 0.56 -21.81
CA VAL A 315 -24.98 -0.88 -21.97
C VAL A 315 -26.41 -1.23 -21.58
N ALA A 316 -27.09 -2.00 -22.45
CA ALA A 316 -28.45 -2.45 -22.21
C ALA A 316 -28.45 -3.55 -21.15
N PRO A 317 -29.29 -3.45 -20.10
CA PRO A 317 -29.21 -4.35 -18.95
C PRO A 317 -29.61 -5.80 -19.21
N GLU A 318 -30.48 -6.03 -20.21
CA GLU A 318 -31.00 -7.35 -20.51
C GLU A 318 -29.90 -8.25 -21.09
N LEU A 319 -28.90 -7.63 -21.74
CA LEU A 319 -27.82 -8.37 -22.39
C LEU A 319 -26.90 -8.99 -21.35
N PRO A 320 -26.36 -10.21 -21.60
CA PRO A 320 -25.29 -10.79 -20.77
C PRO A 320 -23.88 -10.44 -21.22
N PHE A 321 -23.76 -9.47 -22.13
CA PHE A 321 -22.48 -9.01 -22.62
C PHE A 321 -22.53 -7.50 -22.78
N GLU A 322 -21.34 -6.88 -22.90
CA GLU A 322 -21.23 -5.43 -22.94
C GLU A 322 -20.86 -4.95 -24.34
N PHE A 323 -20.90 -5.85 -25.33
CA PHE A 323 -20.87 -5.42 -26.72
C PHE A 323 -22.26 -4.94 -27.12
N ASN A 324 -22.42 -3.62 -27.23
CA ASN A 324 -23.64 -3.02 -27.73
C ASN A 324 -23.32 -2.28 -29.02
N LEU A 325 -22.67 -2.98 -29.94
CA LEU A 325 -22.27 -2.46 -31.23
C LEU A 325 -21.05 -1.54 -31.05
N GLY A 326 -20.50 -1.07 -32.18
CA GLY A 326 -19.26 -0.32 -32.17
C GLY A 326 -18.30 -0.81 -33.25
N TYR A 327 -16.99 -0.76 -32.95
CA TYR A 327 -15.98 -1.01 -33.96
C TYR A 327 -15.48 -2.45 -33.81
N VAL A 328 -15.36 -3.12 -34.95
CA VAL A 328 -14.87 -4.49 -35.02
C VAL A 328 -13.83 -4.56 -36.14
N GLY A 329 -12.63 -5.05 -35.82
CA GLY A 329 -11.52 -5.08 -36.76
C GLY A 329 -10.21 -5.45 -36.09
N TYR A 330 -9.10 -4.93 -36.64
CA TYR A 330 -7.77 -5.28 -36.16
C TYR A 330 -6.87 -4.05 -36.11
N LEU A 331 -5.95 -4.06 -35.13
CA LEU A 331 -4.90 -3.07 -35.00
C LEU A 331 -3.59 -3.73 -35.41
N GLY A 332 -2.93 -3.17 -36.44
CA GLY A 332 -1.72 -3.77 -36.98
C GLY A 332 -0.50 -3.47 -36.12
N TYR A 333 0.52 -4.34 -36.23
CA TYR A 333 1.72 -4.24 -35.40
C TYR A 333 2.38 -2.87 -35.58
N GLU A 334 2.36 -2.33 -36.80
CA GLU A 334 3.11 -1.13 -37.15
C GLU A 334 2.49 0.13 -36.54
N LEU A 335 1.34 0.01 -35.85
CA LEU A 335 0.79 1.11 -35.08
C LEU A 335 1.68 1.45 -33.89
N LYS A 336 2.67 0.61 -33.58
CA LYS A 336 3.65 0.89 -32.55
C LYS A 336 4.31 2.25 -32.81
N ALA A 337 4.43 2.60 -34.10
CA ALA A 337 4.93 3.90 -34.54
C ALA A 337 4.27 5.06 -33.77
N GLU A 338 3.00 4.92 -33.39
CA GLU A 338 2.29 5.97 -32.67
C GLU A 338 1.95 5.53 -31.25
N THR A 339 2.78 4.64 -30.68
CA THR A 339 2.77 4.35 -29.26
C THR A 339 4.18 4.57 -28.74
N THR A 340 4.95 3.48 -28.58
CA THR A 340 6.30 3.59 -28.03
C THR A 340 7.35 3.05 -29.01
N GLY A 341 6.93 2.67 -30.23
CA GLY A 341 7.83 2.10 -31.22
C GLY A 341 8.16 3.10 -32.32
N ASP A 342 8.94 2.65 -33.32
CA ASP A 342 9.39 3.49 -34.42
C ASP A 342 8.78 3.02 -35.75
N PRO A 343 8.38 3.94 -36.66
CA PRO A 343 7.93 3.55 -38.00
C PRO A 343 9.11 3.09 -38.84
N ALA A 344 9.52 1.82 -38.64
CA ALA A 344 10.67 1.25 -39.32
C ALA A 344 10.24 0.65 -40.65
N HIS A 345 9.14 -0.12 -40.64
CA HIS A 345 8.69 -0.86 -41.81
C HIS A 345 7.23 -0.52 -42.15
N ARG A 346 6.90 -0.70 -43.43
CA ARG A 346 5.62 -0.29 -43.99
C ARG A 346 4.85 -1.54 -44.43
N SER A 347 3.68 -1.77 -43.81
CA SER A 347 2.89 -2.96 -44.03
C SER A 347 2.26 -2.94 -45.43
N PRO A 348 2.17 -4.11 -46.13
CA PRO A 348 1.38 -4.20 -47.35
C PRO A 348 -0.08 -3.86 -47.10
N HIS A 349 -0.61 -4.33 -45.96
CA HIS A 349 -2.01 -4.22 -45.62
C HIS A 349 -2.22 -2.98 -44.75
N PRO A 350 -3.49 -2.57 -44.47
CA PRO A 350 -3.75 -1.50 -43.51
C PRO A 350 -3.10 -1.75 -42.15
N ASP A 351 -2.70 -0.64 -41.48
CA ASP A 351 -2.08 -0.70 -40.17
C ASP A 351 -3.18 -0.66 -39.11
N ALA A 352 -4.37 -0.18 -39.50
CA ALA A 352 -5.60 -0.46 -38.78
C ALA A 352 -6.74 -0.55 -39.77
N ALA A 353 -7.83 -1.19 -39.36
CA ALA A 353 -8.94 -1.51 -40.26
C ALA A 353 -10.11 -2.05 -39.43
N PHE A 354 -11.23 -1.33 -39.45
CA PHE A 354 -12.38 -1.65 -38.63
C PHE A 354 -13.67 -1.41 -39.42
N LEU A 355 -14.72 -2.13 -39.02
CA LEU A 355 -16.07 -1.84 -39.45
C LEU A 355 -16.81 -1.23 -38.27
N PHE A 356 -17.39 -0.03 -38.46
CA PHE A 356 -18.38 0.44 -37.51
C PHE A 356 -19.65 -0.36 -37.73
N ALA A 357 -19.96 -1.23 -36.77
CA ALA A 357 -21.10 -2.14 -36.85
C ALA A 357 -22.35 -1.46 -36.31
N ASP A 358 -23.29 -1.14 -37.21
CA ASP A 358 -24.58 -0.58 -36.82
C ASP A 358 -25.63 -1.68 -36.64
N ARG A 359 -25.32 -2.90 -37.11
CA ARG A 359 -26.24 -4.03 -37.08
C ARG A 359 -25.45 -5.33 -36.89
N ALA A 360 -25.79 -6.10 -35.83
CA ALA A 360 -25.00 -7.27 -35.47
C ALA A 360 -25.86 -8.37 -34.87
N ILE A 361 -25.43 -9.62 -35.13
CA ILE A 361 -26.08 -10.82 -34.65
C ILE A 361 -25.18 -11.44 -33.60
N ALA A 362 -25.74 -11.71 -32.40
CA ALA A 362 -24.94 -12.13 -31.26
C ALA A 362 -25.45 -13.46 -30.71
N LEU A 363 -24.57 -14.48 -30.73
CA LEU A 363 -24.92 -15.83 -30.32
C LEU A 363 -24.49 -16.06 -28.87
N ASP A 364 -25.40 -16.59 -28.06
CA ASP A 364 -25.11 -16.97 -26.69
C ASP A 364 -25.09 -18.49 -26.61
N HIS A 365 -23.89 -19.06 -26.75
CA HIS A 365 -23.72 -20.51 -26.79
C HIS A 365 -24.15 -21.17 -25.48
N GLN A 366 -24.12 -20.41 -24.37
CA GLN A 366 -24.38 -20.96 -23.06
C GLN A 366 -25.88 -21.16 -22.85
N GLU A 367 -26.69 -20.16 -23.20
CA GLU A 367 -28.12 -20.20 -22.90
C GLU A 367 -28.92 -20.67 -24.12
N GLY A 368 -28.28 -20.78 -25.27
CA GLY A 368 -28.94 -21.34 -26.45
C GLY A 368 -29.93 -20.36 -27.07
N CYS A 369 -29.52 -19.09 -27.20
CA CYS A 369 -30.35 -18.08 -27.83
C CYS A 369 -29.48 -17.07 -28.59
N CYS A 370 -30.14 -16.18 -29.34
CA CYS A 370 -29.49 -15.12 -30.09
C CYS A 370 -29.99 -13.76 -29.61
N TYR A 371 -29.15 -12.74 -29.81
CA TYR A 371 -29.52 -11.35 -29.61
C TYR A 371 -29.21 -10.58 -30.87
N LEU A 372 -30.22 -9.91 -31.43
CA LEU A 372 -30.04 -9.00 -32.55
C LEU A 372 -29.90 -7.58 -32.03
N LEU A 373 -28.96 -6.83 -32.61
CA LEU A 373 -28.64 -5.47 -32.20
C LEU A 373 -28.54 -4.58 -33.42
N ALA A 374 -29.24 -3.45 -33.40
CA ALA A 374 -29.18 -2.50 -34.51
C ALA A 374 -29.40 -1.07 -33.99
N LEU A 375 -28.65 -0.13 -34.58
CA LEU A 375 -28.71 1.28 -34.22
C LEU A 375 -29.65 2.03 -35.15
N ASP A 376 -30.50 2.85 -34.55
CA ASP A 376 -31.13 3.98 -35.22
C ASP A 376 -30.50 5.26 -34.70
N ARG A 377 -30.44 6.30 -35.54
CA ARG A 377 -30.14 7.64 -35.04
C ARG A 377 -31.21 8.00 -34.02
N ARG A 378 -30.83 8.76 -32.99
CA ARG A 378 -31.77 9.15 -31.94
C ARG A 378 -33.05 9.70 -32.56
N GLY A 379 -32.89 10.58 -33.56
CA GLY A 379 -34.02 11.26 -34.18
C GLY A 379 -34.75 10.37 -35.19
N HIS A 380 -34.06 10.00 -36.28
CA HIS A 380 -34.72 9.44 -37.45
C HIS A 380 -34.75 7.91 -37.32
N ASP A 381 -35.57 7.28 -38.17
CA ASP A 381 -35.87 5.86 -38.10
C ASP A 381 -34.69 5.08 -38.68
N ASP A 382 -34.66 4.92 -40.02
CA ASP A 382 -33.66 4.12 -40.71
C ASP A 382 -33.99 2.62 -40.56
N GLY A 383 -35.27 2.31 -40.31
CA GLY A 383 -35.78 0.94 -40.28
C GLY A 383 -34.75 -0.07 -39.78
N ALA A 384 -34.26 0.12 -38.55
CA ALA A 384 -33.42 -0.85 -37.90
C ALA A 384 -34.25 -1.83 -37.08
N ARG A 385 -35.49 -1.43 -36.73
CA ARG A 385 -36.45 -2.33 -36.11
C ARG A 385 -36.98 -3.31 -37.15
N ALA A 386 -36.88 -2.92 -38.43
CA ALA A 386 -37.24 -3.77 -39.56
C ALA A 386 -36.25 -4.93 -39.68
N TRP A 387 -34.96 -4.63 -39.49
CA TRP A 387 -33.89 -5.59 -39.60
C TRP A 387 -33.91 -6.57 -38.44
N LEU A 388 -34.49 -6.15 -37.31
CA LEU A 388 -34.68 -7.02 -36.14
C LEU A 388 -35.64 -8.16 -36.48
N ARG A 389 -36.86 -7.81 -36.91
CA ARG A 389 -37.93 -8.78 -37.04
C ARG A 389 -37.67 -9.68 -38.25
N GLU A 390 -37.00 -9.14 -39.27
CA GLU A 390 -36.70 -9.88 -40.48
C GLU A 390 -35.62 -10.93 -40.20
N THR A 391 -34.52 -10.50 -39.58
CA THR A 391 -33.38 -11.36 -39.29
C THR A 391 -33.75 -12.41 -38.24
N ALA A 392 -34.70 -12.07 -37.35
CA ALA A 392 -35.24 -13.01 -36.39
C ALA A 392 -35.89 -14.20 -37.10
N GLU A 393 -36.65 -13.91 -38.17
CA GLU A 393 -37.36 -14.96 -38.89
C GLU A 393 -36.38 -15.74 -39.77
N THR A 394 -35.31 -15.08 -40.21
CA THR A 394 -34.26 -15.78 -40.94
C THR A 394 -33.57 -16.77 -39.99
N LEU A 395 -33.19 -16.29 -38.81
CA LEU A 395 -32.47 -17.09 -37.84
C LEU A 395 -33.26 -18.33 -37.43
N THR A 396 -34.59 -18.22 -37.32
CA THR A 396 -35.40 -19.34 -36.86
C THR A 396 -35.38 -20.45 -37.91
N GLY A 397 -35.19 -20.07 -39.18
CA GLY A 397 -35.16 -21.02 -40.28
C GLY A 397 -33.81 -21.71 -40.45
N LEU A 398 -32.81 -21.30 -39.66
CA LEU A 398 -31.47 -21.85 -39.74
C LEU A 398 -31.17 -22.76 -38.55
N ALA A 399 -32.13 -22.87 -37.62
CA ALA A 399 -31.94 -23.62 -36.40
C ALA A 399 -32.22 -25.10 -36.65
N VAL A 400 -31.15 -25.91 -36.73
CA VAL A 400 -31.26 -27.34 -36.90
C VAL A 400 -30.21 -28.03 -36.02
N ARG A 401 -30.44 -29.33 -35.78
CA ARG A 401 -29.55 -30.16 -34.99
C ARG A 401 -28.17 -30.19 -35.62
N ALA A 402 -27.21 -29.51 -34.98
CA ALA A 402 -25.81 -29.61 -35.38
C ALA A 402 -25.28 -30.97 -34.94
N PRO A 403 -24.90 -31.89 -35.87
CA PRO A 403 -24.37 -33.20 -35.48
C PRO A 403 -23.05 -33.04 -34.71
N ALA A 404 -23.01 -33.63 -33.51
CA ALA A 404 -21.84 -33.54 -32.65
C ALA A 404 -20.64 -34.21 -33.33
N GLU A 405 -19.54 -33.46 -33.46
CA GLU A 405 -18.38 -33.86 -34.23
C GLU A 405 -17.11 -33.50 -33.47
N PRO A 406 -16.66 -34.34 -32.52
CA PRO A 406 -15.43 -34.09 -31.76
C PRO A 406 -14.23 -33.74 -32.63
N THR A 407 -13.40 -32.81 -32.11
CA THR A 407 -12.27 -32.29 -32.85
C THR A 407 -10.99 -33.05 -32.43
N PRO A 408 -10.18 -33.55 -33.39
CA PRO A 408 -8.94 -34.25 -33.06
C PRO A 408 -7.80 -33.30 -32.71
N ALA A 409 -6.94 -33.73 -31.78
CA ALA A 409 -5.72 -33.03 -31.46
C ALA A 409 -4.69 -33.23 -32.58
N MET A 410 -3.65 -32.39 -32.59
CA MET A 410 -2.65 -32.40 -33.66
C MET A 410 -1.32 -32.91 -33.11
N VAL A 411 -0.30 -33.00 -33.98
CA VAL A 411 0.96 -33.61 -33.60
C VAL A 411 2.14 -32.84 -34.21
N PHE A 412 3.36 -33.23 -33.83
CA PHE A 412 4.58 -32.76 -34.44
C PHE A 412 5.45 -33.96 -34.85
N GLY A 413 6.29 -33.78 -35.88
CA GLY A 413 7.18 -34.83 -36.35
C GLY A 413 8.19 -34.30 -37.35
N ALA A 419 8.87 -30.11 -39.62
CA ALA A 419 8.93 -30.80 -40.94
C ALA A 419 9.05 -29.79 -42.07
N GLY A 420 8.29 -28.68 -41.98
CA GLY A 420 8.30 -27.64 -43.00
C GLY A 420 7.17 -26.64 -42.81
N PHE A 421 6.95 -25.81 -43.83
CA PHE A 421 5.94 -24.75 -43.81
C PHE A 421 4.95 -24.89 -44.97
N GLY A 422 4.92 -26.07 -45.60
CA GLY A 422 4.06 -26.30 -46.74
C GLY A 422 4.86 -26.40 -48.04
N PRO A 423 4.23 -26.85 -49.14
CA PRO A 423 4.96 -27.27 -50.33
C PRO A 423 5.62 -26.10 -51.08
N LEU A 424 4.82 -25.05 -51.36
CA LEU A 424 5.30 -23.88 -52.09
C LEU A 424 5.23 -22.63 -51.20
N ALA A 425 5.36 -22.85 -49.88
CA ALA A 425 5.33 -21.76 -48.92
C ALA A 425 6.76 -21.25 -48.68
N ARG A 426 6.95 -19.94 -48.91
CA ARG A 426 8.26 -19.31 -48.75
C ARG A 426 8.28 -18.51 -47.45
N ALA A 427 9.11 -18.95 -46.51
CA ALA A 427 9.43 -18.18 -45.31
C ALA A 427 10.32 -17.01 -45.70
N ARG A 428 10.15 -15.87 -45.03
CA ARG A 428 10.96 -14.69 -45.29
C ARG A 428 12.41 -15.02 -44.97
N HIS A 429 12.65 -15.43 -43.72
CA HIS A 429 13.93 -15.98 -43.31
C HIS A 429 13.82 -17.50 -43.38
N ASP A 430 14.65 -18.13 -44.21
CA ASP A 430 14.72 -19.59 -44.20
C ASP A 430 15.31 -20.01 -42.85
N LYS A 431 15.38 -21.32 -42.61
CA LYS A 431 15.83 -21.84 -41.32
C LYS A 431 17.18 -21.23 -40.96
N ASP A 432 18.16 -21.40 -41.86
CA ASP A 432 19.53 -20.95 -41.65
C ASP A 432 19.56 -19.48 -41.25
N ALA A 433 18.82 -18.65 -41.99
CA ALA A 433 18.74 -17.21 -41.74
C ALA A 433 18.15 -16.96 -40.35
N TYR A 434 17.18 -17.79 -39.93
CA TYR A 434 16.51 -17.63 -38.65
C TYR A 434 17.47 -17.98 -37.51
N LEU A 435 18.18 -19.12 -37.65
CA LEU A 435 19.15 -19.56 -36.66
C LEU A 435 20.23 -18.50 -36.43
N LYS A 436 20.54 -17.73 -37.48
CA LYS A 436 21.46 -16.61 -37.38
C LYS A 436 20.84 -15.51 -36.51
N ARG A 437 19.58 -15.14 -36.81
CA ARG A 437 18.90 -14.05 -36.13
C ARG A 437 18.61 -14.42 -34.67
N ILE A 438 18.47 -15.72 -34.40
CA ILE A 438 18.36 -16.18 -33.02
C ILE A 438 19.68 -15.90 -32.30
N ASP A 439 20.81 -16.09 -33.00
CA ASP A 439 22.11 -15.86 -32.42
C ASP A 439 22.32 -14.36 -32.20
N GLU A 440 21.81 -13.53 -33.11
CA GLU A 440 21.84 -12.08 -32.93
C GLU A 440 21.07 -11.70 -31.67
N CYS A 441 19.89 -12.30 -31.49
CA CYS A 441 19.09 -12.09 -30.30
C CYS A 441 19.88 -12.47 -29.04
N LEU A 442 20.61 -13.58 -29.13
CA LEU A 442 21.36 -14.10 -27.99
C LEU A 442 22.49 -13.15 -27.63
N LYS A 443 23.10 -12.51 -28.63
CA LYS A 443 24.12 -11.49 -28.41
C LYS A 443 23.53 -10.30 -27.66
N GLU A 444 22.37 -9.84 -28.12
CA GLU A 444 21.73 -8.65 -27.56
C GLU A 444 21.38 -8.87 -26.09
N ILE A 445 21.07 -10.11 -25.70
CA ILE A 445 20.72 -10.45 -24.33
C ILE A 445 21.97 -10.43 -23.44
N ARG A 446 23.10 -10.91 -23.96
CA ARG A 446 24.36 -10.90 -23.23
C ARG A 446 24.77 -9.47 -22.89
N ASN A 447 24.68 -8.57 -23.88
CA ASN A 447 25.02 -7.16 -23.71
C ASN A 447 23.93 -6.40 -22.96
N GLY A 448 22.93 -7.12 -22.43
CA GLY A 448 21.90 -6.55 -21.58
C GLY A 448 21.04 -5.51 -22.31
N GLU A 449 20.65 -5.82 -23.55
CA GLU A 449 19.81 -4.93 -24.36
C GLU A 449 18.35 -5.38 -24.29
N SER A 450 18.15 -6.69 -24.10
CA SER A 450 16.84 -7.27 -23.86
C SER A 450 16.99 -8.45 -22.92
N TYR A 451 15.89 -8.80 -22.23
CA TYR A 451 15.83 -9.95 -21.35
C TYR A 451 15.11 -11.10 -22.04
N GLU A 452 14.17 -10.73 -22.93
CA GLU A 452 13.42 -11.66 -23.77
C GLU A 452 13.07 -10.97 -25.09
N ILE A 453 13.37 -11.65 -26.20
CA ILE A 453 13.07 -11.14 -27.53
C ILE A 453 12.05 -12.09 -28.16
N CYS A 454 10.90 -11.53 -28.54
CA CYS A 454 9.89 -12.29 -29.25
C CYS A 454 10.12 -12.15 -30.75
N LEU A 455 11.14 -12.85 -31.23
CA LEU A 455 11.48 -12.87 -32.65
C LEU A 455 10.45 -13.72 -33.39
N THR A 456 10.07 -13.25 -34.58
CA THR A 456 9.04 -13.90 -35.38
C THR A 456 9.50 -13.99 -36.84
N ASN A 457 8.83 -14.88 -37.58
CA ASN A 457 9.05 -15.02 -39.02
C ASN A 457 7.75 -14.66 -39.73
N MET A 458 7.76 -14.73 -41.06
CA MET A 458 6.56 -14.52 -41.86
C MET A 458 6.60 -15.46 -43.04
N VAL A 459 5.64 -16.40 -43.08
CA VAL A 459 5.54 -17.38 -44.15
C VAL A 459 4.49 -16.89 -45.15
N THR A 460 4.84 -16.97 -46.44
CA THR A 460 3.93 -16.70 -47.54
C THR A 460 3.68 -18.01 -48.28
N ALA A 461 2.47 -18.17 -48.82
CA ALA A 461 2.11 -19.37 -49.56
C ALA A 461 0.95 -19.04 -50.51
N PRO A 462 0.98 -19.53 -51.77
CA PRO A 462 -0.10 -19.27 -52.72
C PRO A 462 -1.33 -20.11 -52.41
N THR A 463 -2.51 -19.55 -52.69
CA THR A 463 -3.76 -20.26 -52.51
C THR A 463 -4.84 -19.56 -53.34
N GLU A 464 -5.60 -20.36 -54.09
CA GLU A 464 -6.75 -19.86 -54.82
C GLU A 464 -7.99 -19.85 -53.93
N ALA A 465 -7.86 -20.45 -52.73
CA ALA A 465 -8.97 -20.60 -51.80
C ALA A 465 -9.53 -19.24 -51.42
N THR A 466 -10.86 -19.16 -51.30
CA THR A 466 -11.51 -17.96 -50.79
C THR A 466 -11.59 -18.11 -49.27
N ALA A 467 -11.98 -17.02 -48.59
CA ALA A 467 -11.81 -16.92 -47.16
C ALA A 467 -12.69 -17.93 -46.42
N LEU A 468 -13.99 -17.94 -46.73
CA LEU A 468 -14.97 -18.65 -45.93
C LEU A 468 -14.74 -20.16 -45.97
N PRO A 469 -14.54 -20.78 -47.16
CA PRO A 469 -14.21 -22.21 -47.22
C PRO A 469 -12.97 -22.55 -46.40
N LEU A 470 -11.96 -21.67 -46.48
CA LEU A 470 -10.69 -21.91 -45.83
C LEU A 470 -10.80 -21.70 -44.32
N TYR A 471 -11.59 -20.70 -43.91
CA TYR A 471 -11.83 -20.48 -42.50
C TYR A 471 -12.64 -21.65 -41.92
N SER A 472 -13.58 -22.14 -42.72
CA SER A 472 -14.40 -23.27 -42.33
C SER A 472 -13.51 -24.43 -41.91
N ALA A 473 -12.39 -24.60 -42.64
CA ALA A 473 -11.44 -25.69 -42.42
C ALA A 473 -10.60 -25.41 -41.17
N LEU A 474 -10.16 -24.16 -41.04
CA LEU A 474 -9.30 -23.76 -39.94
C LEU A 474 -10.04 -23.94 -38.62
N ARG A 475 -11.26 -23.39 -38.53
CA ARG A 475 -12.03 -23.43 -37.29
C ARG A 475 -12.33 -24.88 -36.88
N ALA A 476 -12.35 -25.80 -37.84
CA ALA A 476 -12.58 -27.21 -37.58
C ALA A 476 -11.32 -27.86 -37.03
N ILE A 477 -10.16 -27.42 -37.55
CA ILE A 477 -8.86 -27.94 -37.16
C ILE A 477 -8.51 -27.48 -35.75
N SER A 478 -8.65 -26.17 -35.47
CA SER A 478 -8.15 -25.57 -34.25
C SER A 478 -9.22 -24.67 -33.63
N PRO A 479 -10.26 -25.25 -32.98
CA PRO A 479 -11.28 -24.45 -32.31
C PRO A 479 -10.68 -23.69 -31.13
N VAL A 480 -10.98 -22.39 -31.05
CA VAL A 480 -10.36 -21.52 -30.06
C VAL A 480 -11.42 -20.55 -29.54
N PRO A 481 -11.16 -19.88 -28.38
CA PRO A 481 -12.06 -18.85 -27.86
C PRO A 481 -12.08 -17.55 -28.65
N TYR A 482 -10.97 -17.21 -29.32
CA TYR A 482 -10.83 -15.92 -29.98
C TYR A 482 -10.56 -16.09 -31.48
N GLY A 483 -11.27 -17.03 -32.12
CA GLY A 483 -11.24 -17.14 -33.57
C GLY A 483 -11.98 -15.98 -34.23
N ALA A 484 -11.67 -15.69 -35.50
CA ALA A 484 -12.39 -14.66 -36.22
C ALA A 484 -12.10 -14.72 -37.71
N LEU A 485 -13.15 -14.39 -38.49
CA LEU A 485 -13.07 -14.20 -39.92
C LEU A 485 -13.49 -12.76 -40.25
N LEU A 486 -12.52 -11.95 -40.68
CA LEU A 486 -12.79 -10.61 -41.20
C LEU A 486 -12.60 -10.64 -42.71
N GLU A 487 -13.67 -10.36 -43.46
CA GLU A 487 -13.59 -10.28 -44.91
C GLU A 487 -13.71 -8.80 -45.30
N PHE A 488 -12.56 -8.20 -45.60
CA PHE A 488 -12.46 -6.77 -45.85
C PHE A 488 -11.98 -6.56 -47.29
N PRO A 489 -12.20 -5.37 -47.88
CA PRO A 489 -11.84 -5.11 -49.29
C PRO A 489 -10.37 -5.34 -49.63
N GLU A 490 -9.47 -5.02 -48.69
CA GLU A 490 -8.04 -5.10 -48.94
C GLU A 490 -7.55 -6.52 -48.66
N LEU A 491 -8.17 -7.21 -47.68
CA LEU A 491 -7.66 -8.48 -47.19
C LEU A 491 -8.74 -9.23 -46.41
N SER A 492 -8.47 -10.51 -46.17
CA SER A 492 -9.25 -11.30 -45.23
C SER A 492 -8.33 -11.83 -44.14
N VAL A 493 -8.81 -11.80 -42.88
CA VAL A 493 -8.04 -12.22 -41.73
C VAL A 493 -8.69 -13.47 -41.13
N LEU A 494 -7.96 -14.59 -41.21
CA LEU A 494 -8.46 -15.88 -40.77
C LEU A 494 -7.73 -16.24 -39.48
N SER A 495 -8.32 -15.84 -38.34
CA SER A 495 -7.65 -15.94 -37.05
C SER A 495 -8.17 -17.14 -36.28
N ALA A 496 -7.24 -17.96 -35.76
CA ALA A 496 -7.57 -19.01 -34.81
C ALA A 496 -6.81 -18.76 -33.52
N SER A 497 -6.83 -17.50 -33.07
CA SER A 497 -6.11 -17.07 -31.88
C SER A 497 -6.76 -17.62 -30.61
N PRO A 498 -5.96 -18.14 -29.66
CA PRO A 498 -6.46 -18.52 -28.33
C PRO A 498 -6.19 -17.49 -27.25
N GLU A 499 -5.64 -16.32 -27.65
CA GLU A 499 -4.99 -15.42 -26.72
C GLU A 499 -5.80 -14.15 -26.50
N ARG A 500 -6.10 -13.89 -25.22
CA ARG A 500 -6.71 -12.65 -24.77
C ARG A 500 -5.62 -11.61 -24.52
N PHE A 501 -5.76 -10.47 -25.21
CA PHE A 501 -4.88 -9.32 -25.03
C PHE A 501 -5.45 -8.42 -23.94
N LEU A 502 -6.61 -7.82 -24.23
CA LEU A 502 -7.26 -6.90 -23.30
C LEU A 502 -8.76 -7.16 -23.30
N THR A 503 -9.31 -7.37 -22.11
CA THR A 503 -10.75 -7.39 -21.93
C THR A 503 -11.11 -6.30 -20.92
N ILE A 504 -11.76 -5.24 -21.41
CA ILE A 504 -12.03 -4.06 -20.62
C ILE A 504 -13.54 -3.94 -20.39
N GLY A 505 -13.94 -3.94 -19.11
CA GLY A 505 -15.31 -3.68 -18.75
C GLY A 505 -15.70 -2.24 -19.03
N ALA A 506 -16.99 -1.97 -19.12
CA ALA A 506 -17.50 -0.61 -19.20
C ALA A 506 -17.32 0.07 -17.84
N ASP A 507 -17.26 -0.74 -16.76
CA ASP A 507 -17.04 -0.23 -15.42
C ASP A 507 -15.57 0.15 -15.22
N GLY A 508 -14.69 -0.27 -16.14
CA GLY A 508 -13.31 0.17 -16.16
C GLY A 508 -12.31 -0.90 -15.70
N GLY A 509 -12.80 -2.03 -15.23
CA GLY A 509 -11.95 -3.19 -14.98
C GLY A 509 -11.22 -3.62 -16.26
N VAL A 510 -9.99 -4.12 -16.10
CA VAL A 510 -9.18 -4.60 -17.21
C VAL A 510 -8.65 -6.00 -16.86
N GLU A 511 -8.61 -6.87 -17.87
CA GLU A 511 -7.92 -8.16 -17.74
C GLU A 511 -7.01 -8.36 -18.95
N SER A 512 -5.85 -8.95 -18.70
CA SER A 512 -4.98 -9.42 -19.77
C SER A 512 -4.47 -10.82 -19.41
N LYS A 513 -4.34 -11.67 -20.44
CA LYS A 513 -3.89 -13.04 -20.24
C LYS A 513 -2.76 -13.35 -21.22
N PRO A 514 -1.54 -12.81 -20.98
CA PRO A 514 -0.41 -13.07 -21.87
C PRO A 514 -0.12 -14.55 -22.00
N ILE A 515 -0.03 -15.02 -23.25
CA ILE A 515 0.41 -16.37 -23.54
C ILE A 515 1.89 -16.31 -23.89
N LYS A 516 2.68 -17.14 -23.21
CA LYS A 516 4.10 -17.26 -23.48
C LYS A 516 4.58 -18.50 -22.75
N GLY A 517 5.09 -19.47 -23.53
CA GLY A 517 5.28 -20.83 -23.06
C GLY A 517 4.45 -21.77 -23.92
N THR A 518 5.08 -22.29 -24.98
CA THR A 518 4.39 -23.12 -25.94
C THR A 518 4.94 -24.54 -25.86
N ARG A 519 4.08 -25.51 -26.17
CA ARG A 519 4.44 -26.91 -26.24
C ARG A 519 3.49 -27.61 -27.21
N PRO A 520 3.97 -28.48 -28.14
CA PRO A 520 3.09 -29.27 -29.00
C PRO A 520 2.23 -30.29 -28.24
N ARG A 521 1.16 -30.75 -28.89
CA ARG A 521 0.31 -31.77 -28.30
C ARG A 521 1.00 -33.12 -28.42
N GLY A 522 0.66 -34.04 -27.50
CA GLY A 522 1.21 -35.38 -27.51
C GLY A 522 0.54 -36.27 -28.55
N GLY A 523 1.34 -37.14 -29.17
CA GLY A 523 0.83 -38.17 -30.07
C GLY A 523 -0.06 -39.18 -29.35
N THR A 524 0.18 -39.38 -28.05
CA THR A 524 -0.69 -40.19 -27.20
C THR A 524 -1.40 -39.27 -26.20
N ALA A 525 -2.24 -39.86 -25.33
CA ALA A 525 -2.94 -39.12 -24.30
C ALA A 525 -2.09 -39.01 -23.04
N GLU A 526 -1.21 -39.99 -22.84
CA GLU A 526 -0.20 -39.97 -21.78
C GLU A 526 0.79 -38.84 -22.04
N GLU A 527 1.52 -38.95 -23.17
CA GLU A 527 2.54 -37.98 -23.54
C GLU A 527 1.94 -36.58 -23.59
N ASP A 528 0.61 -36.49 -23.68
CA ASP A 528 -0.09 -35.22 -23.69
C ASP A 528 -0.01 -34.58 -22.31
N GLU A 529 -0.30 -35.39 -21.26
CA GLU A 529 -0.16 -34.97 -19.89
C GLU A 529 1.31 -34.73 -19.55
N ARG A 530 2.21 -35.46 -20.22
CA ARG A 530 3.64 -35.35 -19.98
C ARG A 530 4.13 -33.98 -20.43
N LEU A 531 3.67 -33.53 -21.60
CA LEU A 531 4.05 -32.23 -22.14
C LEU A 531 3.30 -31.13 -21.42
N ARG A 532 2.04 -31.40 -21.07
CA ARG A 532 1.22 -30.46 -20.33
C ARG A 532 1.91 -30.14 -19.00
N ALA A 533 2.55 -31.15 -18.40
CA ALA A 533 3.16 -31.03 -17.09
C ALA A 533 4.57 -30.42 -17.20
N ASP A 534 5.32 -30.81 -18.24
CA ASP A 534 6.64 -30.26 -18.50
C ASP A 534 6.56 -28.75 -18.72
N LEU A 535 5.52 -28.29 -19.42
CA LEU A 535 5.36 -26.89 -19.77
C LEU A 535 5.09 -26.05 -18.53
N ALA A 536 4.35 -26.61 -17.56
CA ALA A 536 3.99 -25.87 -16.35
C ALA A 536 5.15 -25.84 -15.37
N GLY A 537 6.09 -26.79 -15.51
CA GLY A 537 7.14 -27.00 -14.53
C GLY A 537 8.48 -26.36 -14.91
N ARG A 538 8.76 -26.20 -16.21
CA ARG A 538 10.08 -25.77 -16.66
C ARG A 538 10.37 -24.33 -16.22
N GLU A 539 11.60 -24.12 -15.72
CA GLU A 539 12.07 -22.81 -15.29
C GLU A 539 12.11 -21.84 -16.45
N LYS A 540 12.56 -22.33 -17.62
CA LYS A 540 12.74 -21.52 -18.81
C LYS A 540 11.41 -20.91 -19.22
N ASP A 541 10.37 -21.74 -19.30
CA ASP A 541 9.08 -21.33 -19.80
C ASP A 541 8.38 -20.42 -18.77
N ARG A 542 8.53 -20.75 -17.48
CA ARG A 542 7.98 -19.92 -16.43
C ARG A 542 8.63 -18.53 -16.48
N ALA A 543 9.94 -18.51 -16.77
CA ALA A 543 10.70 -17.27 -16.86
C ALA A 543 10.25 -16.45 -18.05
N GLU A 544 10.07 -17.12 -19.21
CA GLU A 544 9.54 -16.47 -20.39
C GLU A 544 8.21 -15.80 -20.05
N ASN A 545 7.38 -16.52 -19.28
CA ASN A 545 6.05 -16.04 -18.96
C ASN A 545 6.14 -14.87 -17.98
N LEU A 546 6.92 -15.07 -16.91
CA LEU A 546 6.98 -14.12 -15.81
C LEU A 546 7.44 -12.74 -16.32
N MET A 547 8.46 -12.74 -17.18
CA MET A 547 9.03 -11.51 -17.70
C MET A 547 7.95 -10.71 -18.44
N ILE A 548 7.00 -11.42 -19.06
CA ILE A 548 5.93 -10.77 -19.81
C ILE A 548 4.85 -10.30 -18.85
N VAL A 549 4.58 -11.07 -17.78
CA VAL A 549 3.66 -10.64 -16.74
C VAL A 549 4.10 -9.28 -16.22
N ASP A 550 5.39 -9.15 -15.88
CA ASP A 550 5.92 -7.92 -15.31
C ASP A 550 5.78 -6.77 -16.31
N LEU A 551 5.97 -7.08 -17.60
CA LEU A 551 5.95 -6.09 -18.66
C LEU A 551 4.52 -5.59 -18.87
N VAL A 552 3.56 -6.49 -18.73
CA VAL A 552 2.17 -6.16 -18.93
C VAL A 552 1.64 -5.42 -17.70
N ARG A 553 2.05 -5.85 -16.50
CA ARG A 553 1.71 -5.13 -15.28
C ARG A 553 2.15 -3.68 -15.40
N ASN A 554 3.32 -3.49 -16.04
CA ASN A 554 3.92 -2.18 -16.20
C ASN A 554 3.02 -1.32 -17.09
N ASP A 555 2.66 -1.86 -18.26
CA ASP A 555 1.79 -1.20 -19.22
C ASP A 555 0.48 -0.77 -18.54
N LEU A 556 -0.11 -1.68 -17.77
CA LEU A 556 -1.38 -1.41 -17.11
C LEU A 556 -1.19 -0.41 -15.97
N ASN A 557 -0.08 -0.52 -15.22
CA ASN A 557 0.18 0.39 -14.12
C ASN A 557 0.31 1.82 -14.64
N SER A 558 0.66 1.98 -15.92
CA SER A 558 0.77 3.31 -16.51
C SER A 558 -0.59 4.00 -16.59
N VAL A 559 -1.68 3.23 -16.70
CA VAL A 559 -3.00 3.80 -16.92
C VAL A 559 -4.02 3.24 -15.93
N CYS A 560 -3.59 2.48 -14.92
CA CYS A 560 -4.49 1.92 -13.92
C CYS A 560 -4.27 2.58 -12.56
N ALA A 561 -5.22 2.38 -11.66
CA ALA A 561 -5.22 3.01 -10.34
C ALA A 561 -4.31 2.23 -9.39
N ILE A 562 -3.62 2.97 -8.53
CA ILE A 562 -2.56 2.41 -7.70
C ILE A 562 -3.19 1.45 -6.71
N GLY A 563 -2.69 0.19 -6.71
CA GLY A 563 -3.26 -0.89 -5.91
C GLY A 563 -4.09 -1.86 -6.76
N SER A 564 -4.62 -1.37 -7.89
CA SER A 564 -5.59 -2.13 -8.69
C SER A 564 -4.90 -3.27 -9.43
N VAL A 565 -3.69 -3.02 -9.95
CA VAL A 565 -3.01 -4.01 -10.76
C VAL A 565 -2.56 -5.15 -9.85
N HIS A 566 -2.87 -6.38 -10.29
CA HIS A 566 -2.54 -7.58 -9.54
C HIS A 566 -2.65 -8.79 -10.48
N VAL A 567 -2.26 -9.97 -9.99
CA VAL A 567 -2.15 -11.16 -10.82
C VAL A 567 -2.90 -12.31 -10.14
N PRO A 568 -4.22 -12.50 -10.42
CA PRO A 568 -4.98 -13.56 -9.77
C PRO A 568 -4.46 -14.98 -10.04
N ARG A 569 -3.79 -15.18 -11.18
CA ARG A 569 -3.35 -16.51 -11.57
C ARG A 569 -2.09 -16.40 -12.43
N LEU A 570 -1.23 -17.41 -12.25
CA LEU A 570 0.12 -17.40 -12.77
C LEU A 570 0.46 -18.80 -13.26
N PHE A 571 0.96 -18.91 -14.49
CA PHE A 571 1.47 -20.15 -15.05
C PHE A 571 0.40 -21.24 -15.08
N GLU A 572 -0.77 -20.90 -15.65
CA GLU A 572 -1.84 -21.85 -15.96
C GLU A 572 -1.58 -22.43 -17.34
N VAL A 573 -1.93 -23.71 -17.56
CA VAL A 573 -1.75 -24.35 -18.85
C VAL A 573 -3.12 -24.56 -19.51
N GLU A 574 -3.34 -23.90 -20.65
CA GLU A 574 -4.51 -24.14 -21.48
C GLU A 574 -4.11 -24.97 -22.69
N THR A 575 -5.04 -25.85 -23.13
CA THR A 575 -4.77 -26.86 -24.14
C THR A 575 -5.79 -26.74 -25.26
N TYR A 576 -5.28 -26.71 -26.51
CA TYR A 576 -6.12 -26.59 -27.70
C TYR A 576 -5.70 -27.67 -28.68
N ALA A 577 -6.50 -27.89 -29.71
CA ALA A 577 -6.21 -28.93 -30.69
C ALA A 577 -4.74 -28.85 -31.12
N PRO A 578 -4.23 -27.69 -31.59
CA PRO A 578 -2.85 -27.63 -32.09
C PRO A 578 -1.73 -27.61 -31.05
N VAL A 579 -2.00 -27.20 -29.80
CA VAL A 579 -0.89 -26.84 -28.93
C VAL A 579 -1.33 -26.68 -27.47
N HIS A 580 -0.35 -26.79 -26.56
CA HIS A 580 -0.48 -26.43 -25.15
C HIS A 580 0.15 -25.05 -24.91
N GLN A 581 -0.53 -24.19 -24.15
CA GLN A 581 -0.06 -22.84 -23.90
C GLN A 581 0.01 -22.54 -22.40
N LEU A 582 1.08 -21.85 -22.00
CA LEU A 582 1.24 -21.36 -20.65
C LEU A 582 0.73 -19.92 -20.57
N VAL A 583 -0.30 -19.72 -19.72
CA VAL A 583 -1.05 -18.49 -19.66
C VAL A 583 -1.02 -17.97 -18.23
N SER A 584 -0.84 -16.65 -18.09
CA SER A 584 -0.97 -15.95 -16.81
C SER A 584 -2.05 -14.90 -16.95
N THR A 585 -2.71 -14.55 -15.83
CA THR A 585 -3.79 -13.59 -15.83
C THR A 585 -3.39 -12.36 -15.01
N ILE A 586 -3.48 -11.20 -15.66
CA ILE A 586 -3.20 -9.94 -15.00
C ILE A 586 -4.48 -9.12 -15.02
N ARG A 587 -4.71 -8.33 -13.97
CA ARG A 587 -5.91 -7.52 -13.88
C ARG A 587 -5.54 -6.15 -13.32
N GLY A 588 -6.39 -5.17 -13.62
CA GLY A 588 -6.27 -3.82 -13.09
C GLY A 588 -7.56 -3.05 -13.31
N ARG A 589 -7.60 -1.79 -12.82
CA ARG A 589 -8.77 -0.96 -12.97
C ARG A 589 -8.34 0.43 -13.45
N LEU A 590 -8.94 0.89 -14.55
CA LEU A 590 -8.54 2.12 -15.19
C LEU A 590 -8.65 3.29 -14.23
N ARG A 591 -7.74 4.26 -14.44
CA ARG A 591 -7.79 5.54 -13.73
C ARG A 591 -8.93 6.39 -14.28
N PRO A 592 -9.47 7.34 -13.48
CA PRO A 592 -10.44 8.32 -13.99
C PRO A 592 -9.83 9.15 -15.11
N GLY A 593 -10.61 9.35 -16.19
CA GLY A 593 -10.16 10.12 -17.34
C GLY A 593 -9.52 9.25 -18.41
N THR A 594 -8.96 8.11 -18.01
CA THR A 594 -8.34 7.17 -18.95
C THR A 594 -9.43 6.46 -19.75
N SER A 595 -9.47 6.77 -21.05
CA SER A 595 -10.34 6.07 -21.97
C SER A 595 -9.84 4.64 -22.17
N THR A 596 -10.75 3.81 -22.68
CA THR A 596 -10.46 2.41 -22.97
C THR A 596 -9.44 2.33 -24.11
N ALA A 597 -9.45 3.32 -25.02
CA ALA A 597 -8.53 3.36 -26.14
C ALA A 597 -7.13 3.78 -25.68
N ALA A 598 -7.08 4.68 -24.69
CA ALA A 598 -5.84 5.06 -24.05
C ALA A 598 -5.15 3.83 -23.49
N CYS A 599 -5.96 2.97 -22.86
CA CYS A 599 -5.47 1.77 -22.19
C CYS A 599 -4.81 0.81 -23.17
N VAL A 600 -5.36 0.76 -24.40
CA VAL A 600 -4.86 -0.16 -25.40
C VAL A 600 -3.58 0.41 -26.01
N ARG A 601 -3.57 1.73 -26.26
CA ARG A 601 -2.40 2.42 -26.77
C ARG A 601 -1.23 2.21 -25.81
N ALA A 602 -1.53 2.22 -24.50
CA ALA A 602 -0.53 2.06 -23.45
C ALA A 602 0.10 0.67 -23.53
N ALA A 603 -0.68 -0.31 -23.96
CA ALA A 603 -0.28 -1.71 -23.91
C ALA A 603 0.06 -2.25 -25.29
N PHE A 604 0.03 -1.40 -26.32
CA PHE A 604 0.16 -1.85 -27.70
C PHE A 604 1.52 -1.45 -28.27
N PRO A 605 2.28 -2.37 -28.92
CA PRO A 605 1.91 -3.78 -29.05
C PRO A 605 2.03 -4.58 -27.76
N GLY A 606 1.26 -5.68 -27.70
CA GLY A 606 1.26 -6.56 -26.54
C GLY A 606 2.65 -7.08 -26.19
N GLY A 607 2.94 -7.14 -24.89
CA GLY A 607 4.21 -7.62 -24.38
C GLY A 607 4.53 -9.04 -24.84
N SER A 608 3.49 -9.88 -25.01
CA SER A 608 3.68 -11.29 -25.34
C SER A 608 4.23 -11.47 -26.75
N MET A 609 4.11 -10.42 -27.58
CA MET A 609 4.58 -10.49 -28.96
C MET A 609 5.84 -9.65 -29.17
N THR A 610 6.25 -8.87 -28.16
CA THR A 610 7.43 -8.02 -28.25
C THR A 610 8.54 -8.57 -27.38
N GLY A 611 8.29 -8.59 -26.07
CA GLY A 611 9.31 -8.93 -25.09
C GLY A 611 9.66 -7.70 -24.25
N ALA A 612 10.60 -7.87 -23.30
CA ALA A 612 10.99 -6.79 -22.41
C ALA A 612 12.50 -6.57 -22.47
N PRO A 613 12.99 -5.31 -22.31
CA PRO A 613 12.14 -4.13 -22.24
C PRO A 613 11.59 -3.77 -23.61
N LYS A 614 10.33 -3.34 -23.65
CA LYS A 614 9.57 -3.28 -24.89
C LYS A 614 10.32 -2.44 -25.93
N LYS A 615 10.61 -1.18 -25.61
CA LYS A 615 11.08 -0.21 -26.59
C LYS A 615 12.33 -0.73 -27.31
N ARG A 616 13.38 -1.04 -26.56
CA ARG A 616 14.65 -1.48 -27.13
C ARG A 616 14.49 -2.83 -27.81
N THR A 617 13.59 -3.67 -27.29
CA THR A 617 13.34 -4.98 -27.85
C THR A 617 12.73 -4.81 -29.24
N MET A 618 11.83 -3.83 -29.38
CA MET A 618 11.14 -3.57 -30.62
C MET A 618 12.08 -2.99 -31.67
N GLU A 619 13.11 -2.28 -31.20
CA GLU A 619 14.17 -1.81 -32.06
C GLU A 619 14.97 -2.99 -32.62
N ILE A 620 15.32 -3.94 -31.74
CA ILE A 620 16.08 -5.13 -32.14
C ILE A 620 15.27 -5.91 -33.18
N ILE A 621 13.95 -5.97 -32.97
CA ILE A 621 13.02 -6.61 -33.88
C ILE A 621 13.08 -5.94 -35.26
N ASP A 622 13.14 -4.59 -35.28
CA ASP A 622 13.12 -3.82 -36.52
C ASP A 622 14.33 -4.13 -37.39
N ARG A 623 15.50 -4.30 -36.77
CA ARG A 623 16.75 -4.54 -37.50
C ARG A 623 16.77 -5.96 -38.04
N LEU A 624 16.28 -6.91 -37.24
CA LEU A 624 16.47 -8.34 -37.50
C LEU A 624 15.40 -8.88 -38.44
N GLU A 625 14.15 -8.42 -38.30
CA GLU A 625 13.04 -8.96 -39.09
C GLU A 625 13.07 -8.39 -40.50
N GLU A 626 13.63 -7.18 -40.65
CA GLU A 626 13.88 -6.57 -41.95
C GLU A 626 12.57 -6.45 -42.73
N GLY A 627 11.46 -6.16 -42.03
CA GLY A 627 10.18 -6.01 -42.68
C GLY A 627 9.03 -6.01 -41.68
N PRO A 628 7.79 -5.79 -42.15
CA PRO A 628 6.64 -5.65 -41.25
C PRO A 628 6.07 -6.99 -40.79
N ARG A 629 5.34 -6.95 -39.68
CA ARG A 629 4.54 -8.07 -39.22
C ARG A 629 3.11 -7.94 -39.75
N GLY A 630 2.67 -6.70 -40.01
CA GLY A 630 1.33 -6.43 -40.52
C GLY A 630 0.26 -6.64 -39.46
N VAL A 631 -0.70 -7.52 -39.76
CA VAL A 631 -1.84 -7.79 -38.89
C VAL A 631 -1.37 -8.72 -37.76
N TYR A 632 -0.57 -9.72 -38.15
CA TYR A 632 0.08 -10.60 -37.21
C TYR A 632 0.74 -9.77 -36.12
N SER A 633 0.63 -10.24 -34.87
CA SER A 633 1.27 -9.61 -33.73
C SER A 633 0.40 -8.48 -33.16
N GLY A 634 -0.61 -8.06 -33.93
CA GLY A 634 -1.48 -6.96 -33.53
C GLY A 634 -2.59 -7.42 -32.59
N ALA A 635 -3.67 -6.64 -32.54
CA ALA A 635 -4.85 -7.04 -31.80
C ALA A 635 -6.04 -7.07 -32.75
N LEU A 636 -7.01 -7.94 -32.43
CA LEU A 636 -8.23 -8.10 -33.20
C LEU A 636 -9.38 -8.34 -32.22
N GLY A 637 -10.50 -7.65 -32.43
CA GLY A 637 -11.67 -7.77 -31.57
C GLY A 637 -12.57 -6.56 -31.71
N TRP A 638 -13.25 -6.19 -30.61
CA TRP A 638 -14.27 -5.15 -30.64
C TRP A 638 -14.06 -4.09 -29.56
N PHE A 639 -14.49 -2.88 -29.91
CA PHE A 639 -14.62 -1.73 -29.01
C PHE A 639 -16.08 -1.31 -28.98
N ALA A 640 -16.76 -1.53 -27.85
CA ALA A 640 -18.17 -1.22 -27.75
C ALA A 640 -18.38 0.28 -27.50
N LEU A 641 -19.58 0.77 -27.82
CA LEU A 641 -19.99 2.13 -27.52
C LEU A 641 -20.25 2.29 -26.03
N SER A 642 -20.41 1.17 -25.32
CA SER A 642 -20.51 1.15 -23.88
C SER A 642 -19.20 1.60 -23.23
N GLY A 643 -18.09 1.43 -23.96
CA GLY A 643 -16.76 1.74 -23.46
C GLY A 643 -15.97 0.48 -23.11
N ALA A 644 -16.64 -0.67 -23.21
CA ALA A 644 -16.02 -1.97 -23.07
C ALA A 644 -15.23 -2.32 -24.33
N ALA A 645 -14.32 -3.30 -24.20
CA ALA A 645 -13.60 -3.86 -25.33
C ALA A 645 -13.24 -5.31 -25.06
N ASP A 646 -13.07 -6.09 -26.13
CA ASP A 646 -12.49 -7.43 -26.05
C ASP A 646 -11.57 -7.62 -27.25
N LEU A 647 -10.26 -7.73 -26.96
CA LEU A 647 -9.23 -7.81 -27.98
C LEU A 647 -8.39 -9.07 -27.76
N SER A 648 -8.04 -9.72 -28.87
CA SER A 648 -7.19 -10.90 -28.88
C SER A 648 -5.86 -10.56 -29.54
N ILE A 649 -4.80 -11.27 -29.16
CA ILE A 649 -3.54 -11.16 -29.88
C ILE A 649 -3.70 -11.91 -31.20
N VAL A 650 -3.26 -11.30 -32.30
CA VAL A 650 -3.29 -11.97 -33.59
C VAL A 650 -2.09 -12.92 -33.70
N ILE A 651 -2.39 -14.21 -33.49
CA ILE A 651 -1.48 -15.31 -33.76
C ILE A 651 -2.29 -16.45 -34.38
N ARG A 652 -1.60 -17.44 -34.95
CA ARG A 652 -2.23 -18.57 -35.59
C ARG A 652 -3.28 -18.06 -36.58
N THR A 653 -2.87 -17.06 -37.37
CA THR A 653 -3.77 -16.28 -38.21
C THR A 653 -3.24 -16.30 -39.65
N ILE A 654 -4.14 -16.59 -40.60
CA ILE A 654 -3.83 -16.47 -42.01
C ILE A 654 -4.41 -15.14 -42.53
N VAL A 655 -3.54 -14.32 -43.13
CA VAL A 655 -3.96 -13.13 -43.85
C VAL A 655 -4.06 -13.52 -45.32
N LEU A 656 -5.23 -13.28 -45.91
CA LEU A 656 -5.49 -13.68 -47.29
C LEU A 656 -5.59 -12.42 -48.15
N ALA A 657 -4.77 -12.35 -49.21
CA ALA A 657 -4.83 -11.23 -50.12
C ALA A 657 -4.09 -11.58 -51.42
N ASP A 658 -4.68 -11.17 -52.55
CA ASP A 658 -4.01 -11.19 -53.84
C ASP A 658 -3.46 -12.57 -54.16
N GLY A 659 -4.19 -13.61 -53.76
CA GLY A 659 -3.88 -14.98 -54.16
C GLY A 659 -2.75 -15.63 -53.36
N GLN A 660 -2.41 -15.04 -52.21
CA GLN A 660 -1.41 -15.65 -51.34
C GLN A 660 -1.85 -15.55 -49.88
N ALA A 661 -1.44 -16.56 -49.10
CA ALA A 661 -1.76 -16.66 -47.69
C ALA A 661 -0.49 -16.36 -46.89
N GLU A 662 -0.58 -15.35 -46.01
CA GLU A 662 0.53 -14.92 -45.18
C GLU A 662 0.19 -15.19 -43.71
N PHE A 663 1.14 -15.78 -42.98
CA PHE A 663 0.95 -16.06 -41.56
C PHE A 663 2.28 -15.98 -40.83
N GLY A 664 2.29 -15.23 -39.73
CA GLY A 664 3.46 -15.12 -38.89
C GLY A 664 3.50 -16.23 -37.84
N VAL A 665 4.72 -16.61 -37.45
CA VAL A 665 4.95 -17.50 -36.32
C VAL A 665 6.15 -16.95 -35.57
N GLY A 666 6.16 -17.14 -34.25
CA GLY A 666 7.19 -16.55 -33.40
C GLY A 666 7.55 -17.43 -32.21
N GLY A 667 8.30 -16.84 -31.27
CA GLY A 667 8.79 -17.55 -30.12
C GLY A 667 9.67 -16.65 -29.25
N ALA A 668 9.82 -17.02 -27.98
CA ALA A 668 10.60 -16.22 -27.05
C ALA A 668 12.05 -16.64 -27.18
N ILE A 669 12.94 -15.66 -27.35
CA ILE A 669 14.37 -15.90 -27.29
C ILE A 669 14.88 -15.34 -25.97
N VAL A 670 15.47 -16.22 -25.16
CA VAL A 670 15.97 -15.88 -23.83
C VAL A 670 17.37 -16.47 -23.67
N SER A 671 18.05 -16.06 -22.60
CA SER A 671 19.39 -16.51 -22.25
C SER A 671 19.57 -18.01 -22.51
N LEU A 672 18.56 -18.81 -22.16
CA LEU A 672 18.67 -20.27 -22.16
C LEU A 672 18.10 -20.89 -23.43
N SER A 673 17.79 -20.07 -24.44
CA SER A 673 17.24 -20.56 -25.70
C SER A 673 18.27 -21.39 -26.48
N ASP A 674 17.78 -22.39 -27.21
CA ASP A 674 18.58 -23.26 -28.06
C ASP A 674 18.20 -23.01 -29.51
N GLN A 675 19.14 -22.50 -30.30
CA GLN A 675 18.88 -22.00 -31.65
C GLN A 675 17.90 -22.93 -32.39
N GLU A 676 18.19 -24.24 -32.39
CA GLU A 676 17.46 -25.21 -33.20
C GLU A 676 16.06 -25.44 -32.63
N GLU A 677 15.95 -25.56 -31.31
CA GLU A 677 14.68 -25.86 -30.65
C GLU A 677 13.69 -24.71 -30.86
N GLU A 678 14.20 -23.47 -30.82
CA GLU A 678 13.38 -22.30 -31.06
C GLU A 678 12.88 -22.26 -32.50
N PHE A 679 13.72 -22.68 -33.45
CA PHE A 679 13.29 -22.69 -34.84
C PHE A 679 12.12 -23.65 -35.02
N THR A 680 12.20 -24.80 -34.35
CA THR A 680 11.18 -25.83 -34.43
C THR A 680 9.87 -25.33 -33.82
N GLU A 681 9.96 -24.52 -32.75
CA GLU A 681 8.79 -24.00 -32.08
C GLU A 681 7.95 -23.19 -33.07
N THR A 682 8.60 -22.46 -33.98
CA THR A 682 7.88 -21.62 -34.93
C THR A 682 7.08 -22.50 -35.90
N VAL A 683 7.57 -23.71 -36.17
CA VAL A 683 6.95 -24.61 -37.12
C VAL A 683 5.74 -25.29 -36.48
N VAL A 684 5.93 -25.83 -35.28
CA VAL A 684 4.85 -26.36 -34.46
C VAL A 684 3.65 -25.41 -34.51
N LYS A 685 3.90 -24.10 -34.41
CA LYS A 685 2.85 -23.10 -34.34
C LYS A 685 2.18 -22.92 -35.70
N ALA A 686 2.90 -23.15 -36.80
CA ALA A 686 2.38 -22.93 -38.14
C ALA A 686 1.45 -24.08 -38.57
N ARG A 687 1.37 -25.13 -37.75
CA ARG A 687 0.75 -26.39 -38.12
C ARG A 687 -0.70 -26.18 -38.55
N ALA A 688 -1.49 -25.50 -37.72
CA ALA A 688 -2.91 -25.31 -37.97
C ALA A 688 -3.14 -24.57 -39.29
N MET A 689 -2.37 -23.49 -39.52
CA MET A 689 -2.46 -22.71 -40.75
C MET A 689 -2.02 -23.57 -41.95
N VAL A 690 -0.93 -24.30 -41.79
CA VAL A 690 -0.36 -25.11 -42.85
C VAL A 690 -1.34 -26.23 -43.23
N THR A 691 -2.05 -26.76 -42.24
CA THR A 691 -2.98 -27.86 -42.47
C THR A 691 -4.24 -27.33 -43.17
N ALA A 692 -4.66 -26.11 -42.81
CA ALA A 692 -5.82 -25.49 -43.45
C ALA A 692 -5.58 -25.30 -44.94
N LEU A 693 -4.40 -24.77 -45.28
CA LEU A 693 -4.06 -24.42 -46.65
C LEU A 693 -3.90 -25.68 -47.51
N ASP A 694 -3.47 -26.78 -46.88
CA ASP A 694 -3.31 -28.04 -47.59
C ASP A 694 -4.57 -28.34 -48.40
N GLY A 695 -4.39 -28.79 -49.65
CA GLY A 695 -5.50 -29.03 -50.56
C GLY A 695 -5.92 -27.76 -51.31
N SER A 696 -4.93 -26.96 -51.72
CA SER A 696 -5.12 -25.70 -52.41
C SER A 696 -6.19 -24.85 -51.69
N ARG B 15 4.11 17.68 6.46
CA ARG B 15 4.06 17.39 4.99
C ARG B 15 4.38 15.91 4.75
N HIS B 16 4.13 15.46 3.51
CA HIS B 16 4.42 14.10 3.08
C HIS B 16 5.70 14.11 2.24
N MET B 17 6.45 12.99 2.28
CA MET B 17 7.76 12.91 1.67
C MET B 17 7.62 12.72 0.16
N ARG B 18 8.43 13.46 -0.60
CA ARG B 18 8.32 13.52 -2.04
C ARG B 18 9.45 12.70 -2.66
N THR B 19 9.10 11.68 -3.46
CA THR B 19 10.08 10.80 -4.06
C THR B 19 10.13 11.02 -5.58
N LEU B 20 11.35 11.04 -6.12
CA LEU B 20 11.58 11.13 -7.56
C LEU B 20 11.98 9.76 -8.08
N LEU B 21 11.30 9.31 -9.15
CA LEU B 21 11.63 8.06 -9.81
C LEU B 21 12.18 8.38 -11.19
N ILE B 22 13.44 8.01 -11.43
CA ILE B 22 14.07 8.33 -12.70
C ILE B 22 13.89 7.13 -13.63
N ASP B 23 13.08 7.34 -14.67
CA ASP B 23 12.79 6.30 -15.66
C ASP B 23 13.98 6.17 -16.60
N ASN B 24 14.42 4.92 -16.83
CA ASN B 24 15.52 4.62 -17.74
C ASN B 24 14.97 3.84 -18.93
N TYR B 25 13.87 4.35 -19.51
CA TYR B 25 13.20 3.72 -20.64
C TYR B 25 13.16 2.20 -20.48
N ASP B 26 12.74 1.75 -19.29
CA ASP B 26 12.63 0.33 -19.00
C ASP B 26 11.18 0.00 -18.66
N SER B 27 10.82 -1.28 -18.88
CA SER B 27 9.44 -1.70 -18.84
C SER B 27 9.07 -2.20 -17.43
N PHE B 28 9.69 -1.62 -16.40
CA PHE B 28 9.32 -1.97 -15.03
C PHE B 28 9.14 -0.71 -14.18
N THR B 29 9.17 0.47 -14.81
CA THR B 29 9.20 1.72 -14.08
C THR B 29 7.85 1.96 -13.40
N HIS B 30 6.75 1.65 -14.09
CA HIS B 30 5.42 1.87 -13.55
C HIS B 30 5.07 0.82 -12.51
N ASN B 31 5.83 -0.28 -12.46
CA ASN B 31 5.67 -1.27 -11.41
C ASN B 31 6.27 -0.73 -10.10
N LEU B 32 7.40 -0.01 -10.20
CA LEU B 32 8.02 0.67 -9.06
C LEU B 32 7.09 1.79 -8.57
N PHE B 33 6.47 2.50 -9.52
CA PHE B 33 5.49 3.52 -9.22
C PHE B 33 4.39 2.95 -8.31
N GLN B 34 3.93 1.73 -8.64
CA GLN B 34 2.84 1.09 -7.92
C GLN B 34 3.26 0.82 -6.48
N TYR B 35 4.43 0.20 -6.32
CA TYR B 35 4.87 -0.26 -5.02
C TYR B 35 5.18 0.91 -4.10
N ILE B 36 5.79 1.98 -4.66
CA ILE B 36 6.07 3.18 -3.89
C ILE B 36 4.74 3.80 -3.44
N GLY B 37 3.80 3.91 -4.37
CA GLY B 37 2.48 4.44 -4.07
C GLY B 37 1.84 3.74 -2.87
N GLU B 38 1.90 2.40 -2.85
CA GLU B 38 1.23 1.60 -1.84
C GLU B 38 2.02 1.59 -0.54
N ALA B 39 3.36 1.61 -0.63
CA ALA B 39 4.21 1.47 0.54
C ALA B 39 4.25 2.78 1.33
N THR B 40 4.43 3.90 0.61
CA THR B 40 4.65 5.20 1.20
C THR B 40 3.34 5.98 1.31
N GLY B 41 2.33 5.56 0.54
CA GLY B 41 1.04 6.22 0.51
C GLY B 41 1.04 7.45 -0.40
N GLN B 42 2.12 7.62 -1.17
CA GLN B 42 2.32 8.79 -2.01
C GLN B 42 3.02 8.37 -3.28
N PRO B 43 2.47 8.70 -4.47
CA PRO B 43 3.05 8.27 -5.74
C PRO B 43 4.28 9.09 -6.12
N PRO B 44 5.36 8.45 -6.64
CA PRO B 44 6.55 9.19 -7.04
C PRO B 44 6.28 10.06 -8.26
N VAL B 45 7.05 11.14 -8.41
CA VAL B 45 7.04 11.93 -9.63
C VAL B 45 8.02 11.28 -10.59
N VAL B 46 7.52 10.76 -11.72
CA VAL B 46 8.37 10.08 -12.67
C VAL B 46 9.02 11.13 -13.59
N VAL B 47 10.30 10.92 -13.89
CA VAL B 47 11.05 11.80 -14.78
C VAL B 47 11.94 10.94 -15.66
N PRO B 48 11.97 11.15 -17.00
CA PRO B 48 12.87 10.41 -17.89
C PRO B 48 14.34 10.72 -17.62
N ASN B 49 15.21 9.79 -18.02
CA ASN B 49 16.63 9.85 -17.73
C ASN B 49 17.33 10.94 -18.55
N ASP B 50 16.61 11.54 -19.52
CA ASP B 50 17.19 12.53 -20.41
C ASP B 50 16.56 13.89 -20.16
N ALA B 51 16.37 14.25 -18.89
CA ALA B 51 15.87 15.56 -18.50
C ALA B 51 17.05 16.54 -18.46
N ASP B 52 16.94 17.61 -17.66
CA ASP B 52 17.97 18.63 -17.55
C ASP B 52 18.16 18.95 -16.07
N TRP B 53 19.36 18.66 -15.56
CA TRP B 53 19.64 18.66 -14.13
C TRP B 53 19.33 20.00 -13.48
N SER B 54 19.65 21.10 -14.19
CA SER B 54 19.48 22.44 -13.65
C SER B 54 18.00 22.79 -13.55
N ARG B 55 17.30 22.71 -14.70
CA ARG B 55 15.88 23.02 -14.77
C ARG B 55 15.10 22.18 -13.77
N LEU B 56 15.54 20.92 -13.60
CA LEU B 56 14.96 20.01 -12.63
C LEU B 56 15.21 20.53 -11.22
N PRO B 57 14.16 20.67 -10.38
CA PRO B 57 14.33 21.16 -9.01
C PRO B 57 14.56 20.04 -7.99
N VAL B 58 15.78 19.49 -8.01
CA VAL B 58 16.14 18.34 -7.22
C VAL B 58 15.95 18.64 -5.73
N GLU B 59 16.06 19.92 -5.35
CA GLU B 59 16.01 20.33 -3.97
C GLU B 59 14.57 20.28 -3.43
N ASP B 60 13.57 20.08 -4.31
CA ASP B 60 12.19 19.95 -3.85
C ASP B 60 11.94 18.57 -3.25
N PHE B 61 12.68 17.56 -3.75
CA PHE B 61 12.47 16.17 -3.39
C PHE B 61 13.25 15.79 -2.14
N ASP B 62 12.91 14.63 -1.58
CA ASP B 62 13.52 14.13 -0.35
C ASP B 62 14.23 12.80 -0.59
N ALA B 63 14.13 12.26 -1.81
CA ALA B 63 14.58 10.90 -2.08
C ALA B 63 14.54 10.65 -3.59
N ILE B 64 15.33 9.66 -4.03
CA ILE B 64 15.40 9.30 -5.44
C ILE B 64 15.43 7.77 -5.55
N VAL B 65 14.54 7.22 -6.38
CA VAL B 65 14.63 5.83 -6.78
C VAL B 65 15.06 5.82 -8.25
N VAL B 66 16.21 5.18 -8.51
CA VAL B 66 16.76 5.13 -9.85
C VAL B 66 16.37 3.78 -10.46
N SER B 67 15.54 3.84 -11.50
CA SER B 67 14.92 2.65 -12.05
C SER B 67 15.97 1.80 -12.78
N PRO B 68 15.71 0.49 -12.96
CA PRO B 68 16.52 -0.35 -13.82
C PRO B 68 16.50 0.11 -15.29
N GLY B 69 17.22 -0.62 -16.13
CA GLY B 69 17.28 -0.34 -17.55
C GLY B 69 18.08 -1.39 -18.32
N PRO B 70 18.05 -1.35 -19.66
CA PRO B 70 18.97 -2.14 -20.47
C PRO B 70 20.32 -1.43 -20.49
N GLY B 71 21.34 -2.08 -21.08
CA GLY B 71 22.65 -1.48 -21.28
C GLY B 71 23.47 -1.47 -19.99
N SER B 72 24.37 -0.48 -19.87
CA SER B 72 25.28 -0.34 -18.74
C SER B 72 25.08 1.02 -18.08
N PRO B 73 25.46 1.18 -16.78
CA PRO B 73 25.55 2.52 -16.18
C PRO B 73 26.60 3.41 -16.84
N ASP B 74 27.55 2.79 -17.55
CA ASP B 74 28.59 3.49 -18.30
C ASP B 74 27.97 4.42 -19.33
N ARG B 75 27.22 3.87 -20.29
CA ARG B 75 26.74 4.63 -21.43
C ARG B 75 25.65 5.62 -21.01
N GLU B 76 25.66 6.80 -21.63
CA GLU B 76 24.74 7.88 -21.32
C GLU B 76 23.36 7.55 -21.88
N ARG B 77 23.37 6.95 -23.09
CA ARG B 77 22.23 6.25 -23.67
C ARG B 77 21.31 5.70 -22.59
N ASP B 78 21.89 4.86 -21.72
CA ASP B 78 21.13 3.99 -20.84
C ASP B 78 20.86 4.66 -19.50
N PHE B 79 21.77 5.53 -19.05
CA PHE B 79 21.83 5.94 -17.65
C PHE B 79 21.47 7.43 -17.50
N GLY B 80 22.24 8.31 -18.15
CA GLY B 80 21.87 9.72 -18.29
C GLY B 80 21.97 10.52 -16.99
N ILE B 81 20.81 11.00 -16.49
CA ILE B 81 20.75 11.92 -15.37
C ILE B 81 20.83 11.15 -14.05
N SER B 82 20.51 9.84 -14.10
CA SER B 82 20.67 8.95 -12.95
C SER B 82 22.06 9.09 -12.34
N ARG B 83 23.07 9.10 -13.22
CA ARG B 83 24.47 9.31 -12.89
C ARG B 83 24.62 10.48 -11.90
N ARG B 84 23.97 11.60 -12.21
CA ARG B 84 24.15 12.83 -11.47
C ARG B 84 23.37 12.74 -10.15
N ALA B 85 22.30 11.94 -10.14
CA ALA B 85 21.50 11.74 -8.94
C ALA B 85 22.35 11.11 -7.84
N ILE B 86 23.22 10.17 -8.22
CA ILE B 86 24.05 9.43 -7.26
C ILE B 86 25.20 10.32 -6.81
N THR B 87 25.92 10.89 -7.79
CA THR B 87 27.17 11.58 -7.54
C THR B 87 26.91 12.92 -6.85
N ASP B 88 25.99 13.73 -7.41
CA ASP B 88 25.87 15.13 -7.03
C ASP B 88 24.74 15.34 -6.01
N SER B 89 23.54 14.85 -6.31
CA SER B 89 22.31 15.30 -5.65
C SER B 89 22.48 15.47 -4.15
N GLY B 90 23.23 14.55 -3.52
CA GLY B 90 23.40 14.55 -2.08
C GLY B 90 22.13 14.13 -1.35
N LEU B 91 21.23 13.43 -2.07
CA LEU B 91 19.98 12.93 -1.51
C LEU B 91 20.09 11.44 -1.25
N PRO B 92 19.17 10.86 -0.43
CA PRO B 92 18.99 9.41 -0.38
C PRO B 92 18.61 8.83 -1.74
N VAL B 93 19.28 7.74 -2.13
CA VAL B 93 19.07 7.15 -3.43
C VAL B 93 18.95 5.63 -3.28
N LEU B 94 18.01 5.06 -4.04
CA LEU B 94 17.91 3.62 -4.17
C LEU B 94 18.09 3.24 -5.64
N GLY B 95 19.24 2.64 -5.95
CA GLY B 95 19.46 2.09 -7.28
C GLY B 95 18.86 0.69 -7.39
N VAL B 96 17.98 0.49 -8.36
CA VAL B 96 17.34 -0.80 -8.56
C VAL B 96 17.93 -1.42 -9.83
N OCS B 97 18.66 -2.52 -9.66
CA OCS B 97 19.29 -3.22 -10.75
CB OCS B 97 18.27 -3.83 -11.72
SG OCS B 97 18.93 -5.13 -12.73
C OCS B 97 20.32 -2.31 -11.43
O OCS B 97 21.41 -2.12 -10.89
OD1 OCS B 97 18.56 -6.39 -11.88
OD2 OCS B 97 18.22 -5.05 -13.98
OD3 OCS B 97 20.35 -4.98 -12.73
N LEU B 98 19.98 -1.72 -12.58
CA LEU B 98 20.92 -0.89 -13.31
C LEU B 98 21.40 0.24 -12.40
N GLY B 99 20.48 0.76 -11.57
CA GLY B 99 20.81 1.73 -10.53
C GLY B 99 21.84 1.17 -9.54
N HIS B 100 21.62 -0.08 -9.10
CA HIS B 100 22.54 -0.78 -8.20
C HIS B 100 23.90 -0.99 -8.88
N GLN B 101 23.88 -1.29 -10.19
CA GLN B 101 25.08 -1.49 -10.99
C GLN B 101 25.82 -0.16 -11.17
N GLY B 102 25.06 0.95 -11.20
CA GLY B 102 25.63 2.28 -11.35
C GLY B 102 26.38 2.76 -10.11
N ILE B 103 25.83 2.46 -8.92
CA ILE B 103 26.45 2.86 -7.66
C ILE B 103 27.77 2.12 -7.47
N ALA B 104 27.79 0.84 -7.82
CA ALA B 104 29.01 0.04 -7.75
C ALA B 104 30.13 0.72 -8.53
N GLN B 105 29.82 1.06 -9.79
CA GLN B 105 30.82 1.52 -10.75
C GLN B 105 31.22 2.96 -10.46
N LEU B 106 30.23 3.81 -10.13
CA LEU B 106 30.47 5.24 -9.95
C LEU B 106 31.44 5.49 -8.81
N PHE B 107 31.52 4.57 -7.85
CA PHE B 107 32.42 4.69 -6.71
C PHE B 107 33.63 3.76 -6.87
N GLY B 108 33.98 3.44 -8.12
CA GLY B 108 35.23 2.76 -8.43
C GLY B 108 35.16 1.24 -8.27
N GLY B 109 33.95 0.70 -8.08
CA GLY B 109 33.75 -0.74 -8.04
C GLY B 109 33.70 -1.34 -9.44
N THR B 110 33.63 -2.68 -9.51
CA THR B 110 33.71 -3.39 -10.78
C THR B 110 32.33 -3.97 -11.13
N VAL B 111 31.91 -3.74 -12.37
CA VAL B 111 30.67 -4.29 -12.91
C VAL B 111 31.04 -5.36 -13.94
N GLY B 112 30.97 -6.62 -13.53
CA GLY B 112 31.45 -7.74 -14.33
C GLY B 112 30.37 -8.80 -14.57
N LEU B 113 30.68 -9.74 -15.47
CA LEU B 113 29.76 -10.78 -15.88
C LEU B 113 29.50 -11.72 -14.71
N ALA B 114 28.21 -11.99 -14.45
CA ALA B 114 27.78 -12.92 -13.42
C ALA B 114 27.99 -14.35 -13.92
N PRO B 115 28.13 -15.36 -13.01
CA PRO B 115 28.43 -16.72 -13.42
C PRO B 115 27.37 -17.33 -14.34
N GLU B 116 26.11 -16.90 -14.16
CA GLU B 116 25.04 -17.23 -15.07
C GLU B 116 24.08 -16.04 -15.18
N PRO B 117 23.82 -15.53 -16.41
CA PRO B 117 22.77 -14.53 -16.62
C PRO B 117 21.41 -15.00 -16.10
N MET B 118 20.73 -14.11 -15.36
CA MET B 118 19.49 -14.46 -14.69
C MET B 118 18.44 -13.41 -15.06
N HIS B 119 17.50 -13.80 -15.92
CA HIS B 119 16.48 -12.90 -16.43
C HIS B 119 15.09 -13.45 -16.13
N GLY B 120 14.38 -12.79 -15.20
CA GLY B 120 13.05 -13.23 -14.81
C GLY B 120 13.10 -14.55 -14.05
N ARG B 121 14.22 -14.81 -13.38
CA ARG B 121 14.44 -16.05 -12.65
C ARG B 121 14.66 -15.71 -11.18
N VAL B 122 14.13 -16.56 -10.30
CA VAL B 122 14.13 -16.25 -8.87
C VAL B 122 15.47 -16.67 -8.27
N SER B 123 15.81 -16.03 -7.14
CA SER B 123 16.90 -16.43 -6.28
C SER B 123 16.47 -16.25 -4.82
N GLU B 124 16.97 -17.16 -3.97
CA GLU B 124 16.92 -16.96 -2.54
C GLU B 124 18.02 -15.96 -2.16
N VAL B 125 17.57 -14.81 -1.62
CA VAL B 125 18.44 -13.73 -1.20
C VAL B 125 18.61 -13.83 0.32
N ARG B 126 19.86 -13.89 0.78
CA ARG B 126 20.14 -13.89 2.21
C ARG B 126 20.90 -12.60 2.56
N HIS B 127 20.52 -12.01 3.70
CA HIS B 127 20.84 -10.64 4.03
C HIS B 127 21.03 -10.48 5.54
N THR B 128 21.46 -9.27 5.94
CA THR B 128 21.90 -8.98 7.29
C THR B 128 20.78 -8.35 8.12
N GLY B 129 19.67 -7.99 7.46
CA GLY B 129 18.52 -7.40 8.12
C GLY B 129 18.65 -5.88 8.27
N GLU B 130 19.61 -5.30 7.53
CA GLU B 130 19.97 -3.90 7.72
C GLU B 130 19.40 -3.02 6.61
N ASP B 131 19.02 -1.79 7.01
CA ASP B 131 18.61 -0.71 6.13
C ASP B 131 17.42 -1.17 5.26
N VAL B 132 17.64 -1.38 3.95
CA VAL B 132 16.54 -1.69 3.05
C VAL B 132 16.04 -3.11 3.29
N PHE B 133 16.76 -3.89 4.09
CA PHE B 133 16.40 -5.27 4.36
C PHE B 133 15.74 -5.45 5.73
N ARG B 134 15.54 -4.36 6.48
CA ARG B 134 14.98 -4.43 7.83
C ARG B 134 13.67 -5.19 7.82
N GLY B 135 13.54 -6.15 8.74
CA GLY B 135 12.28 -6.81 9.01
C GLY B 135 11.95 -7.93 8.01
N LEU B 136 12.83 -8.13 7.02
CA LEU B 136 12.65 -9.15 6.00
C LEU B 136 13.28 -10.44 6.49
N PRO B 137 12.67 -11.63 6.25
CA PRO B 137 13.32 -12.90 6.55
C PRO B 137 14.50 -13.13 5.62
N SER B 138 15.45 -13.95 6.08
CA SER B 138 16.56 -14.41 5.30
C SER B 138 16.55 -15.95 5.29
N PRO B 139 16.40 -16.63 4.13
CA PRO B 139 16.25 -15.98 2.83
C PRO B 139 14.87 -15.41 2.55
N PHE B 140 14.79 -14.62 1.46
CA PHE B 140 13.52 -14.31 0.82
C PHE B 140 13.70 -14.40 -0.70
N THR B 141 12.59 -14.49 -1.43
CA THR B 141 12.61 -14.77 -2.86
C THR B 141 12.58 -13.45 -3.64
N ALA B 142 13.42 -13.38 -4.68
CA ALA B 142 13.49 -12.19 -5.52
C ALA B 142 13.86 -12.57 -6.96
N VAL B 143 13.30 -11.81 -7.92
CA VAL B 143 13.52 -12.04 -9.33
C VAL B 143 14.71 -11.20 -9.79
N ARG B 144 15.52 -11.77 -10.68
CA ARG B 144 16.71 -11.13 -11.21
C ARG B 144 16.53 -10.82 -12.70
N TYR B 145 17.15 -9.73 -13.17
CA TYR B 145 17.17 -9.34 -14.57
C TYR B 145 18.51 -8.70 -14.93
N HIS B 146 19.59 -9.49 -14.96
CA HIS B 146 20.90 -8.94 -15.21
C HIS B 146 21.89 -10.04 -15.59
N SER B 147 22.76 -9.71 -16.55
CA SER B 147 23.93 -10.52 -16.87
C SER B 147 25.12 -10.09 -16.00
N LEU B 148 25.11 -8.81 -15.60
CA LEU B 148 26.22 -8.16 -14.93
C LEU B 148 25.98 -8.11 -13.43
N ALA B 149 27.06 -8.04 -12.65
CA ALA B 149 26.98 -8.03 -11.20
C ALA B 149 28.23 -7.40 -10.59
N ALA B 150 28.08 -6.87 -9.37
CA ALA B 150 29.17 -6.22 -8.65
C ALA B 150 30.10 -7.26 -8.04
N THR B 151 31.40 -7.13 -8.33
CA THR B 151 32.37 -8.16 -7.96
C THR B 151 33.29 -7.61 -6.89
N ASP B 152 34.08 -6.58 -7.23
CA ASP B 152 34.95 -5.93 -6.27
C ASP B 152 34.27 -4.65 -5.78
N LEU B 153 33.85 -4.66 -4.52
CA LEU B 153 33.29 -3.48 -3.87
C LEU B 153 34.43 -2.66 -3.28
N PRO B 154 34.44 -1.32 -3.46
CA PRO B 154 35.34 -0.44 -2.71
C PRO B 154 35.07 -0.52 -1.21
N ASP B 155 35.93 0.11 -0.41
CA ASP B 155 35.75 0.17 1.03
C ASP B 155 34.61 1.13 1.36
N GLU B 156 34.35 2.08 0.44
CA GLU B 156 33.24 3.01 0.55
C GLU B 156 31.91 2.27 0.59
N LEU B 157 31.82 1.21 -0.22
CA LEU B 157 30.59 0.44 -0.37
C LEU B 157 30.65 -0.82 0.50
N GLU B 158 29.47 -1.26 0.94
CA GLU B 158 29.34 -2.38 1.86
C GLU B 158 28.17 -3.24 1.40
N PRO B 159 28.39 -4.52 1.00
CA PRO B 159 27.31 -5.42 0.61
C PRO B 159 26.46 -5.86 1.80
N LEU B 160 25.15 -5.99 1.56
CA LEU B 160 24.15 -6.22 2.58
C LEU B 160 23.40 -7.53 2.35
N ALA B 161 23.52 -8.09 1.14
CA ALA B 161 22.69 -9.19 0.71
C ALA B 161 23.41 -9.99 -0.37
N TRP B 162 23.11 -11.30 -0.42
CA TRP B 162 23.79 -12.20 -1.32
C TRP B 162 22.79 -13.21 -1.86
N SER B 163 23.03 -13.68 -3.08
CA SER B 163 22.17 -14.66 -3.72
C SER B 163 22.62 -16.08 -3.40
N ASP B 164 21.80 -17.06 -3.79
CA ASP B 164 22.06 -18.46 -3.52
C ASP B 164 23.20 -18.99 -4.40
N ASP B 165 23.57 -18.24 -5.45
CA ASP B 165 24.72 -18.58 -6.28
C ASP B 165 25.91 -17.67 -5.98
N GLY B 166 25.84 -16.92 -4.87
CA GLY B 166 26.98 -16.17 -4.35
C GLY B 166 27.26 -14.89 -5.11
N VAL B 167 26.19 -14.16 -5.43
CA VAL B 167 26.30 -12.87 -6.11
C VAL B 167 25.80 -11.81 -5.14
N VAL B 168 26.26 -10.57 -5.34
CA VAL B 168 25.83 -9.47 -4.51
C VAL B 168 24.42 -9.06 -4.93
N MET B 169 23.51 -9.03 -3.95
CA MET B 169 22.11 -8.71 -4.18
C MET B 169 21.75 -7.33 -3.63
N GLY B 170 22.61 -6.78 -2.77
CA GLY B 170 22.35 -5.51 -2.13
C GLY B 170 23.63 -4.88 -1.58
N LEU B 171 23.70 -3.54 -1.64
CA LEU B 171 24.83 -2.80 -1.09
C LEU B 171 24.35 -1.47 -0.51
N ARG B 172 25.26 -0.80 0.21
CA ARG B 172 25.07 0.57 0.61
C ARG B 172 26.43 1.28 0.55
N HIS B 173 26.38 2.62 0.61
CA HIS B 173 27.56 3.43 0.86
C HIS B 173 27.65 3.66 2.37
N ARG B 174 28.88 3.64 2.91
CA ARG B 174 29.10 3.69 4.35
C ARG B 174 28.79 5.08 4.91
N GLU B 175 29.06 6.11 4.11
CA GLU B 175 28.96 7.50 4.54
C GLU B 175 27.71 8.14 3.94
N LYS B 176 27.68 8.27 2.60
CA LYS B 176 26.55 8.83 1.89
C LYS B 176 25.35 7.89 1.99
N PRO B 177 24.09 8.39 1.91
CA PRO B 177 22.90 7.54 2.03
C PRO B 177 22.45 6.95 0.70
N LEU B 178 23.29 6.05 0.15
CA LEU B 178 23.02 5.34 -1.08
C LEU B 178 22.72 3.88 -0.75
N TRP B 179 21.76 3.30 -1.48
CA TRP B 179 21.45 1.88 -1.38
C TRP B 179 21.24 1.34 -2.79
N GLY B 180 21.72 0.12 -3.04
CA GLY B 180 21.48 -0.58 -4.28
C GLY B 180 20.92 -1.97 -4.03
N VAL B 181 20.01 -2.42 -4.92
CA VAL B 181 19.56 -3.80 -4.91
C VAL B 181 19.63 -4.34 -6.34
N GLN B 182 20.21 -5.54 -6.48
CA GLN B 182 20.48 -6.16 -7.77
C GLN B 182 19.34 -7.12 -8.13
N PHE B 183 18.19 -6.93 -7.47
CA PHE B 183 16.99 -7.68 -7.79
C PHE B 183 15.85 -6.70 -8.00
N HIS B 184 14.70 -7.22 -8.45
CA HIS B 184 13.54 -6.40 -8.77
C HIS B 184 12.48 -6.56 -7.68
N PRO B 185 12.47 -5.72 -6.63
CA PRO B 185 11.48 -5.83 -5.57
C PRO B 185 10.07 -5.77 -6.13
N GLU B 186 9.90 -5.03 -7.23
CA GLU B 186 8.61 -4.77 -7.83
C GLU B 186 8.13 -5.97 -8.66
N SER B 187 9.03 -6.93 -8.98
CA SER B 187 8.67 -8.06 -9.81
C SER B 187 7.66 -8.95 -9.10
N ILE B 188 6.77 -9.56 -9.89
CA ILE B 188 5.67 -10.36 -9.35
C ILE B 188 6.22 -11.61 -8.67
N GLY B 189 7.38 -12.08 -9.13
CA GLY B 189 8.01 -13.26 -8.55
C GLY B 189 8.80 -12.98 -7.28
N SER B 190 8.94 -11.69 -6.91
CA SER B 190 9.71 -11.28 -5.75
C SER B 190 8.80 -11.12 -4.54
N ASP B 191 9.36 -11.32 -3.33
CA ASP B 191 8.64 -11.08 -2.08
C ASP B 191 9.22 -9.86 -1.36
N PHE B 192 8.35 -9.20 -0.60
CA PHE B 192 8.69 -8.11 0.31
C PHE B 192 9.11 -6.87 -0.46
N GLY B 193 8.56 -6.69 -1.66
CA GLY B 193 8.88 -5.54 -2.49
C GLY B 193 8.46 -4.24 -1.83
N ARG B 194 7.21 -4.20 -1.37
CA ARG B 194 6.64 -3.04 -0.71
C ARG B 194 7.39 -2.71 0.58
N GLU B 195 7.79 -3.75 1.31
CA GLU B 195 8.57 -3.57 2.53
C GLU B 195 9.86 -2.81 2.21
N ILE B 196 10.60 -3.28 1.20
CA ILE B 196 11.87 -2.69 0.81
C ILE B 196 11.70 -1.21 0.49
N MET B 197 10.62 -0.84 -0.21
CA MET B 197 10.41 0.54 -0.62
C MET B 197 10.04 1.41 0.59
N ALA B 198 9.44 0.79 1.62
CA ALA B 198 9.11 1.49 2.86
C ALA B 198 10.38 1.74 3.68
N ASN B 199 11.25 0.72 3.78
CA ASN B 199 12.53 0.87 4.46
C ASN B 199 13.31 2.05 3.88
N PHE B 200 13.31 2.17 2.55
CA PHE B 200 14.04 3.24 1.87
C PHE B 200 13.44 4.60 2.22
N ARG B 201 12.10 4.67 2.23
CA ARG B 201 11.39 5.87 2.66
C ARG B 201 11.86 6.23 4.07
N ASP B 202 11.95 5.23 4.96
CA ASP B 202 12.36 5.43 6.35
C ASP B 202 13.82 5.89 6.43
N LEU B 203 14.68 5.32 5.60
CA LEU B 203 16.09 5.70 5.59
C LEU B 203 16.24 7.12 5.05
N ALA B 204 15.31 7.54 4.19
CA ALA B 204 15.33 8.88 3.60
C ALA B 204 14.83 9.91 4.61
N LEU B 205 13.77 9.55 5.35
CA LEU B 205 13.24 10.40 6.41
C LEU B 205 14.32 10.66 7.45
N ALA B 206 15.00 9.57 7.86
CA ALA B 206 16.01 9.61 8.92
C ALA B 206 17.13 10.55 8.53
N HIS B 207 17.60 10.41 7.28
CA HIS B 207 18.76 11.13 6.79
C HIS B 207 18.50 12.64 6.88
N HIS B 208 17.29 13.06 6.48
CA HIS B 208 16.93 14.48 6.47
C HIS B 208 16.80 15.03 7.89
N ARG B 209 16.42 14.17 8.84
CA ARG B 209 16.29 14.60 10.22
C ARG B 209 17.67 14.73 10.86
N ALA B 210 18.66 14.03 10.27
CA ALA B 210 20.04 14.12 10.74
C ALA B 210 20.73 15.38 10.24
N ARG B 211 20.18 16.03 9.20
CA ARG B 211 20.76 17.26 8.65
C ARG B 211 20.20 18.50 9.34
N ARG B 212 18.93 18.43 9.82
CA ARG B 212 18.33 19.51 10.59
C ARG B 212 19.09 19.69 11.91
N SER B 217 25.13 26.21 15.59
CA SER B 217 24.66 25.73 16.91
C SER B 217 25.17 26.64 18.02
N PRO B 218 24.35 26.97 19.03
CA PRO B 218 24.76 27.89 20.11
C PRO B 218 25.59 27.27 21.23
N TYR B 219 25.71 25.93 21.23
CA TYR B 219 26.38 25.20 22.28
C TYR B 219 27.49 24.30 21.71
N GLU B 220 28.53 24.10 22.53
CA GLU B 220 29.49 23.01 22.33
C GLU B 220 29.20 21.92 23.35
N LEU B 221 29.29 20.66 22.91
CA LEU B 221 29.07 19.51 23.76
C LEU B 221 30.40 18.80 24.01
N HIS B 222 30.77 18.68 25.29
CA HIS B 222 31.95 17.93 25.69
C HIS B 222 31.51 16.65 26.42
N VAL B 223 32.28 15.58 26.25
CA VAL B 223 31.93 14.27 26.80
C VAL B 223 33.19 13.57 27.29
N ARG B 224 33.03 12.73 28.32
CA ARG B 224 34.14 11.97 28.90
C ARG B 224 33.59 10.66 29.45
N ARG B 225 34.18 9.53 29.00
CA ARG B 225 33.83 8.22 29.51
C ARG B 225 34.75 7.86 30.68
N VAL B 226 34.25 6.97 31.56
CA VAL B 226 34.99 6.49 32.71
C VAL B 226 34.63 5.02 32.94
N ASP B 227 35.61 4.12 32.77
CA ASP B 227 35.37 2.69 32.77
C ASP B 227 35.27 2.14 34.20
N VAL B 228 34.37 2.73 34.99
CA VAL B 228 34.03 2.24 36.33
C VAL B 228 32.56 2.59 36.57
N LEU B 229 31.87 1.78 37.37
CA LEU B 229 30.45 1.99 37.63
C LEU B 229 30.18 1.92 39.13
N PRO B 230 29.93 3.08 39.79
CA PRO B 230 29.51 3.09 41.19
C PRO B 230 28.01 2.81 41.39
N ASP B 231 27.61 2.65 42.66
CA ASP B 231 26.22 2.41 43.01
C ASP B 231 25.39 3.65 42.66
N ALA B 232 24.35 3.44 41.85
CA ALA B 232 23.54 4.53 41.34
C ALA B 232 23.13 5.47 42.48
N GLU B 233 22.65 4.88 43.58
CA GLU B 233 22.09 5.67 44.68
C GLU B 233 23.20 6.49 45.34
N GLU B 234 24.40 5.90 45.45
CA GLU B 234 25.52 6.56 46.12
C GLU B 234 25.99 7.75 45.29
N VAL B 235 25.89 7.66 43.96
CA VAL B 235 26.25 8.76 43.09
C VAL B 235 25.36 9.97 43.44
N ARG B 236 24.06 9.71 43.64
CA ARG B 236 23.10 10.74 43.98
C ARG B 236 23.46 11.37 45.32
N ARG B 237 23.84 10.55 46.31
CA ARG B 237 24.21 11.02 47.63
C ARG B 237 25.53 11.80 47.57
N GLY B 238 26.51 11.24 46.84
CA GLY B 238 27.85 11.79 46.78
C GLY B 238 27.92 13.03 45.89
N CYS B 239 27.68 12.84 44.59
CA CYS B 239 27.98 13.84 43.58
C CYS B 239 26.94 14.96 43.58
N LEU B 240 25.65 14.59 43.67
CA LEU B 240 24.57 15.57 43.69
C LEU B 240 24.27 15.94 45.14
N PRO B 241 23.73 17.16 45.41
CA PRO B 241 23.38 17.58 46.77
C PRO B 241 21.99 17.17 47.21
N GLY B 242 21.75 17.16 48.53
CA GLY B 242 20.45 16.88 49.09
C GLY B 242 19.54 18.10 49.12
N GLU B 243 20.14 19.29 48.94
CA GLU B 243 19.47 20.56 49.17
C GLU B 243 19.04 21.21 47.85
N GLY B 244 19.84 21.03 46.78
CA GLY B 244 19.58 21.66 45.50
C GLY B 244 18.35 21.08 44.80
N THR B 245 18.19 21.43 43.51
CA THR B 245 17.13 20.88 42.69
C THR B 245 17.74 19.98 41.60
N THR B 246 17.66 18.66 41.84
CA THR B 246 18.36 17.66 41.07
C THR B 246 17.39 16.84 40.23
N PHE B 247 17.94 15.92 39.41
CA PHE B 247 17.15 14.89 38.77
C PHE B 247 17.91 13.56 38.82
N TRP B 248 17.15 12.46 38.78
CA TRP B 248 17.72 11.12 38.79
C TRP B 248 16.80 10.18 38.01
N LEU B 249 17.14 9.97 36.74
CA LEU B 249 16.43 9.01 35.91
C LEU B 249 17.04 7.64 36.13
N ASP B 250 16.24 6.74 36.75
CA ASP B 250 16.78 5.59 37.43
C ASP B 250 16.22 4.30 36.83
N SER B 251 17.09 3.55 36.14
CA SER B 251 16.81 2.17 35.77
C SER B 251 17.10 1.26 36.97
N SER B 252 16.15 1.21 37.91
CA SER B 252 16.28 0.34 39.08
C SER B 252 16.13 -1.13 38.66
N SER B 253 15.56 -1.36 37.48
CA SER B 253 15.56 -2.66 36.83
C SER B 253 16.42 -2.55 35.57
N VAL B 254 17.43 -3.43 35.43
CA VAL B 254 18.32 -3.39 34.28
C VAL B 254 18.27 -4.72 33.55
N LEU B 255 17.35 -4.84 32.59
CA LEU B 255 17.26 -6.01 31.73
C LEU B 255 17.76 -5.64 30.34
N GLU B 256 18.51 -6.56 29.72
CA GLU B 256 19.22 -6.25 28.47
C GLU B 256 18.24 -5.89 27.37
N GLY B 257 18.56 -4.79 26.66
CA GLY B 257 17.82 -4.35 25.50
C GLY B 257 16.44 -3.78 25.85
N ALA B 258 16.23 -3.48 27.14
CA ALA B 258 14.96 -3.00 27.66
C ALA B 258 15.17 -1.77 28.56
N SER B 259 16.22 -1.81 29.38
CA SER B 259 16.68 -0.65 30.13
C SER B 259 18.16 -0.81 30.46
N ARG B 260 18.95 0.24 30.17
CA ARG B 260 20.39 0.14 30.16
C ARG B 260 21.06 1.28 30.94
N PHE B 261 20.44 2.46 30.98
CA PHE B 261 21.12 3.66 31.43
C PHE B 261 20.42 4.28 32.65
N SER B 262 21.15 5.21 33.30
CA SER B 262 20.60 6.09 34.32
C SER B 262 21.26 7.46 34.19
N PHE B 263 20.53 8.52 34.59
CA PHE B 263 20.96 9.88 34.35
C PHE B 263 20.67 10.76 35.56
N LEU B 264 21.65 11.59 35.94
CA LEU B 264 21.58 12.45 37.11
C LEU B 264 22.19 13.82 36.81
N GLY B 265 21.69 14.86 37.46
CA GLY B 265 22.24 16.20 37.30
C GLY B 265 21.79 17.14 38.42
N ASP B 266 22.01 18.44 38.23
CA ASP B 266 21.55 19.47 39.16
C ASP B 266 21.50 20.81 38.42
N ASP B 267 21.17 21.90 39.13
CA ASP B 267 21.09 23.21 38.52
C ASP B 267 22.31 24.06 38.89
N ARG B 268 23.40 23.42 39.33
CA ARG B 268 24.66 24.11 39.60
C ARG B 268 25.51 24.16 38.33
N GLY B 269 24.90 24.61 37.23
CA GLY B 269 25.63 24.92 36.01
C GLY B 269 25.55 26.41 35.71
N PRO B 270 26.46 26.96 34.88
CA PRO B 270 26.32 28.33 34.41
C PRO B 270 25.08 28.52 33.53
N LEU B 271 24.75 27.49 32.74
CA LEU B 271 23.81 27.60 31.64
C LEU B 271 22.49 26.92 31.98
N ALA B 272 22.42 26.26 33.15
CA ALA B 272 21.24 25.51 33.55
C ALA B 272 20.08 26.46 33.84
N GLU B 273 18.87 25.94 33.65
CA GLU B 273 17.64 26.70 33.84
C GLU B 273 16.58 25.79 34.47
N TYR B 274 15.80 26.34 35.40
CA TYR B 274 14.56 25.73 35.82
C TYR B 274 13.42 26.39 35.04
N LEU B 275 12.40 25.60 34.73
CA LEU B 275 11.35 25.99 33.80
C LEU B 275 10.02 25.46 34.32
N THR B 276 9.02 26.34 34.45
CA THR B 276 7.69 25.90 34.86
C THR B 276 6.63 26.53 33.96
N TYR B 277 5.49 25.86 33.86
CA TYR B 277 4.34 26.34 33.11
C TYR B 277 3.09 26.22 33.97
N ARG B 278 2.16 27.17 33.77
CA ARG B 278 0.83 27.08 34.34
C ARG B 278 -0.20 27.22 33.22
N VAL B 279 -1.13 26.26 33.16
CA VAL B 279 -2.22 26.27 32.18
C VAL B 279 -3.08 27.50 32.40
N ALA B 280 -3.35 27.80 33.69
CA ALA B 280 -4.19 28.93 34.08
C ALA B 280 -3.67 30.21 33.42
N ASP B 281 -2.42 30.58 33.73
CA ASP B 281 -1.79 31.78 33.18
C ASP B 281 -1.60 31.65 31.67
N GLY B 282 -1.09 30.49 31.25
CA GLY B 282 -0.59 30.31 29.89
C GLY B 282 0.83 30.87 29.75
N VAL B 283 1.63 30.72 30.82
CA VAL B 283 2.87 31.46 30.97
C VAL B 283 4.02 30.49 31.26
N VAL B 284 5.06 30.56 30.42
CA VAL B 284 6.31 29.84 30.63
C VAL B 284 7.19 30.68 31.55
N SER B 285 7.73 30.05 32.61
CA SER B 285 8.51 30.76 33.61
C SER B 285 9.89 30.12 33.76
N VAL B 286 10.90 30.80 33.18
CA VAL B 286 12.27 30.30 33.11
C VAL B 286 13.11 31.05 34.14
N ARG B 287 13.91 30.32 34.93
CA ARG B 287 14.81 30.91 35.91
C ARG B 287 16.24 30.44 35.63
N GLY B 288 17.06 31.34 35.09
CA GLY B 288 18.47 31.06 34.85
C GLY B 288 19.26 30.94 36.16
N SER B 289 20.52 30.53 36.04
CA SER B 289 21.40 30.39 37.19
C SER B 289 21.86 31.76 37.71
N ASP B 290 21.62 32.80 36.90
CA ASP B 290 21.84 34.18 37.34
C ASP B 290 20.88 34.51 38.49
N GLY B 291 19.69 33.90 38.49
CA GLY B 291 18.71 34.08 39.54
C GLY B 291 17.42 34.69 39.00
N THR B 292 17.55 35.67 38.09
CA THR B 292 16.41 36.39 37.55
C THR B 292 15.60 35.46 36.65
N THR B 293 14.27 35.52 36.79
CA THR B 293 13.35 34.73 35.98
C THR B 293 13.03 35.48 34.69
N THR B 294 12.32 34.80 33.77
CA THR B 294 11.90 35.39 32.52
C THR B 294 10.57 34.75 32.08
N ARG B 295 9.47 35.46 32.34
CA ARG B 295 8.13 34.92 32.16
C ARG B 295 7.59 35.28 30.78
N THR B 296 7.22 34.25 30.01
CA THR B 296 6.76 34.40 28.64
C THR B 296 5.34 33.83 28.51
N ARG B 297 4.46 34.57 27.83
CA ARG B 297 3.11 34.11 27.53
C ARG B 297 3.12 33.36 26.21
N ARG B 298 3.06 32.02 26.27
CA ARG B 298 3.18 31.19 25.09
C ARG B 298 2.71 29.76 25.43
N PRO B 299 2.03 29.04 24.50
CA PRO B 299 1.71 27.62 24.68
C PRO B 299 2.94 26.75 24.86
N PHE B 300 2.94 25.91 25.89
CA PHE B 300 4.16 25.23 26.31
C PHE B 300 4.81 24.51 25.14
N PHE B 301 4.06 23.57 24.52
CA PHE B 301 4.63 22.70 23.50
C PHE B 301 5.26 23.55 22.39
N ASN B 302 4.61 24.67 22.04
CA ASN B 302 5.16 25.59 21.06
C ASN B 302 6.52 26.08 21.54
N TYR B 303 6.57 26.55 22.79
CA TYR B 303 7.79 27.08 23.39
C TYR B 303 8.87 26.00 23.42
N LEU B 304 8.50 24.79 23.86
CA LEU B 304 9.42 23.69 23.96
C LEU B 304 9.94 23.31 22.58
N GLU B 305 9.04 23.27 21.60
CA GLU B 305 9.40 23.01 20.21
C GLU B 305 10.39 24.08 19.72
N GLU B 306 10.10 25.34 20.05
CA GLU B 306 10.86 26.46 19.53
C GLU B 306 12.28 26.46 20.12
N GLN B 307 12.39 26.18 21.42
CA GLN B 307 13.67 26.19 22.11
C GLN B 307 14.55 25.05 21.62
N LEU B 308 13.93 23.89 21.37
CA LEU B 308 14.66 22.72 20.92
C LEU B 308 15.12 22.90 19.48
N GLU B 309 14.42 23.77 18.72
CA GLU B 309 14.84 24.15 17.39
C GLU B 309 16.15 24.93 17.50
N ARG B 310 16.13 26.01 18.29
CA ARG B 310 17.22 26.95 18.39
C ARG B 310 18.41 26.35 19.13
N ARG B 311 18.16 25.42 20.05
CA ARG B 311 19.20 24.79 20.85
C ARG B 311 19.56 23.41 20.31
N ARG B 312 19.42 23.21 19.00
CA ARG B 312 19.76 21.94 18.35
C ARG B 312 21.23 21.63 18.59
N VAL B 313 21.55 20.36 18.89
CA VAL B 313 22.92 19.91 19.04
C VAL B 313 23.04 18.51 18.45
N PRO B 314 23.91 18.30 17.43
CA PRO B 314 24.14 16.98 16.84
C PRO B 314 24.37 15.86 17.85
N VAL B 315 23.84 14.67 17.55
CA VAL B 315 24.06 13.48 18.36
C VAL B 315 25.55 13.16 18.33
N ALA B 316 26.14 12.98 19.53
CA ALA B 316 27.50 12.48 19.65
C ALA B 316 27.50 10.99 19.28
N PRO B 317 28.36 10.55 18.34
CA PRO B 317 28.40 9.14 17.92
C PRO B 317 29.07 8.17 18.89
N GLU B 318 29.92 8.68 19.78
CA GLU B 318 30.61 7.85 20.76
C GLU B 318 29.71 7.58 21.97
N LEU B 319 28.50 8.14 21.97
CA LEU B 319 27.48 7.86 22.97
C LEU B 319 26.59 6.72 22.49
N PRO B 320 26.34 5.67 23.31
CA PRO B 320 25.40 4.61 22.95
C PRO B 320 23.94 5.01 23.20
N PHE B 321 23.77 6.15 23.87
CA PHE B 321 22.46 6.73 24.11
C PHE B 321 22.37 8.05 23.35
N GLU B 322 21.13 8.50 23.10
CA GLU B 322 20.89 9.66 22.26
C GLU B 322 20.72 10.93 23.08
N PHE B 323 20.48 10.78 24.40
CA PHE B 323 20.33 11.93 25.29
C PHE B 323 21.66 12.68 25.38
N ASN B 324 21.84 13.68 24.50
CA ASN B 324 23.04 14.50 24.49
C ASN B 324 22.77 15.79 25.26
N LEU B 325 22.22 15.64 26.47
CA LEU B 325 21.76 16.73 27.32
C LEU B 325 20.47 17.33 26.74
N GLY B 326 19.83 18.18 27.54
CA GLY B 326 18.55 18.78 27.20
C GLY B 326 17.66 18.95 28.43
N TYR B 327 16.34 18.87 28.22
CA TYR B 327 15.36 19.12 29.26
C TYR B 327 14.98 17.80 29.94
N VAL B 328 15.08 17.78 31.28
CA VAL B 328 14.65 16.64 32.08
C VAL B 328 13.54 17.11 33.02
N GLY B 329 12.42 16.38 33.03
CA GLY B 329 11.26 16.77 33.82
C GLY B 329 9.99 16.07 33.39
N TYR B 330 8.83 16.65 33.74
CA TYR B 330 7.55 16.01 33.53
C TYR B 330 6.58 16.94 32.79
N LEU B 331 5.49 16.33 32.30
CA LEU B 331 4.37 16.99 31.66
C LEU B 331 3.11 16.59 32.42
N GLY B 332 2.52 17.55 33.15
CA GLY B 332 1.34 17.26 33.95
C GLY B 332 0.13 16.96 33.08
N TYR B 333 -0.84 16.23 33.65
CA TYR B 333 -2.02 15.79 32.93
C TYR B 333 -2.76 16.99 32.34
N GLU B 334 -2.83 18.09 33.09
CA GLU B 334 -3.71 19.21 32.77
C GLU B 334 -3.29 19.92 31.47
N LEU B 335 -2.07 19.64 30.99
CA LEU B 335 -1.59 20.15 29.72
C LEU B 335 -2.47 19.65 28.57
N LYS B 336 -3.35 18.68 28.85
CA LYS B 336 -4.38 18.27 27.92
C LYS B 336 -5.16 19.46 27.35
N ALA B 337 -5.20 20.56 28.12
CA ALA B 337 -5.92 21.77 27.72
C ALA B 337 -5.35 22.40 26.45
N GLU B 338 -4.12 22.01 26.07
CA GLU B 338 -3.47 22.52 24.86
C GLU B 338 -3.35 21.44 23.79
N THR B 339 -4.00 20.29 24.01
CA THR B 339 -3.91 19.18 23.07
C THR B 339 -5.33 18.90 22.54
N THR B 340 -6.05 17.97 23.17
CA THR B 340 -7.40 17.62 22.75
C THR B 340 -8.35 17.62 23.94
N GLY B 341 -7.97 18.35 25.01
CA GLY B 341 -8.69 18.33 26.26
C GLY B 341 -9.11 19.73 26.70
N ASP B 342 -9.88 19.80 27.80
CA ASP B 342 -10.43 21.04 28.30
C ASP B 342 -9.70 21.49 29.56
N PRO B 343 -9.59 22.81 29.81
CA PRO B 343 -9.09 23.32 31.09
C PRO B 343 -10.19 23.26 32.15
N ALA B 344 -10.38 22.07 32.75
CA ALA B 344 -11.46 21.84 33.70
C ALA B 344 -10.99 22.11 35.13
N HIS B 345 -9.75 21.70 35.45
CA HIS B 345 -9.24 21.74 36.81
C HIS B 345 -7.82 22.32 36.85
N ARG B 346 -7.55 23.15 37.88
CA ARG B 346 -6.21 23.62 38.17
C ARG B 346 -5.44 22.55 38.96
N SER B 347 -4.20 22.30 38.55
CA SER B 347 -3.29 21.46 39.32
C SER B 347 -2.78 22.25 40.53
N PRO B 348 -2.61 21.61 41.71
CA PRO B 348 -1.79 22.20 42.78
C PRO B 348 -0.35 22.44 42.33
N HIS B 349 0.17 21.57 41.46
CA HIS B 349 1.57 21.59 41.06
C HIS B 349 1.72 22.33 39.73
N PRO B 350 2.97 22.63 39.29
CA PRO B 350 3.21 23.13 37.94
C PRO B 350 2.81 22.11 36.88
N ASP B 351 2.25 22.61 35.77
CA ASP B 351 1.67 21.75 34.76
C ASP B 351 2.79 21.18 33.88
N ALA B 352 3.94 21.87 33.85
CA ALA B 352 5.19 21.31 33.37
C ALA B 352 6.33 21.80 34.25
N ALA B 353 7.34 20.95 34.46
CA ALA B 353 8.49 21.31 35.28
C ALA B 353 9.75 20.67 34.71
N PHE B 354 10.60 21.48 34.08
CA PHE B 354 11.78 20.98 33.38
C PHE B 354 13.03 21.68 33.86
N LEU B 355 14.04 20.88 34.23
CA LEU B 355 15.40 21.35 34.44
C LEU B 355 16.14 21.22 33.11
N PHE B 356 16.56 22.36 32.54
CA PHE B 356 17.47 22.33 31.41
C PHE B 356 18.86 21.93 31.93
N ALA B 357 19.29 20.72 31.58
CA ALA B 357 20.54 20.18 32.08
C ALA B 357 21.69 20.52 31.13
N ASP B 358 22.63 21.34 31.61
CA ASP B 358 23.84 21.65 30.86
C ASP B 358 24.96 20.72 31.28
N ARG B 359 24.73 19.91 32.33
CA ARG B 359 25.73 19.01 32.87
C ARG B 359 25.03 17.77 33.41
N ALA B 360 25.52 16.58 33.05
CA ALA B 360 24.85 15.35 33.45
C ALA B 360 25.84 14.20 33.56
N ILE B 361 25.51 13.25 34.45
CA ILE B 361 26.19 11.98 34.59
C ILE B 361 25.28 10.90 34.02
N ALA B 362 25.87 9.94 33.29
CA ALA B 362 25.09 8.90 32.64
C ALA B 362 25.73 7.54 32.92
N LEU B 363 24.98 6.65 33.58
CA LEU B 363 25.45 5.31 33.89
C LEU B 363 25.07 4.37 32.75
N ASP B 364 26.04 3.54 32.33
CA ASP B 364 25.79 2.46 31.39
C ASP B 364 25.89 1.14 32.13
N HIS B 365 24.73 0.59 32.51
CA HIS B 365 24.67 -0.58 33.38
C HIS B 365 25.09 -1.84 32.62
N GLN B 366 25.03 -1.81 31.28
CA GLN B 366 25.37 -2.98 30.47
C GLN B 366 26.89 -3.15 30.40
N GLU B 367 27.61 -2.05 30.17
CA GLU B 367 29.05 -2.10 29.93
C GLU B 367 29.83 -1.68 31.18
N GLY B 368 29.13 -1.24 32.23
CA GLY B 368 29.75 -0.95 33.51
C GLY B 368 30.69 0.26 33.47
N CYS B 369 30.19 1.37 32.90
CA CYS B 369 30.96 2.61 32.84
C CYS B 369 30.03 3.81 32.92
N CYS B 370 30.62 4.99 33.13
CA CYS B 370 29.89 6.25 33.18
C CYS B 370 30.31 7.14 32.02
N TYR B 371 29.37 8.01 31.58
CA TYR B 371 29.66 9.10 30.67
C TYR B 371 29.29 10.42 31.33
N LEU B 372 30.22 11.38 31.30
CA LEU B 372 29.93 12.74 31.73
C LEU B 372 29.65 13.58 30.49
N LEU B 373 28.67 14.49 30.59
CA LEU B 373 28.36 15.42 29.52
C LEU B 373 28.24 16.83 30.08
N ALA B 374 28.74 17.82 29.31
CA ALA B 374 28.73 19.20 29.74
C ALA B 374 28.71 20.13 28.53
N LEU B 375 28.05 21.28 28.68
CA LEU B 375 27.88 22.25 27.61
C LEU B 375 28.67 23.52 27.91
N ASP B 376 29.62 23.85 27.03
CA ASP B 376 30.16 25.20 26.94
C ASP B 376 29.42 25.93 25.82
N ARG B 377 29.22 27.24 26.00
CA ARG B 377 28.71 28.10 24.93
C ARG B 377 29.76 28.20 23.83
N ARG B 378 29.27 28.32 22.58
CA ARG B 378 30.13 28.37 21.41
C ARG B 378 30.99 29.63 21.50
N GLY B 379 32.32 29.44 21.41
CA GLY B 379 33.27 30.54 21.47
C GLY B 379 33.42 31.10 22.90
N HIS B 380 33.09 30.26 23.89
CA HIS B 380 33.13 30.64 25.29
C HIS B 380 33.63 29.45 26.11
N ASP B 381 34.04 29.72 27.36
CA ASP B 381 34.43 28.68 28.29
C ASP B 381 33.71 28.91 29.62
N ASP B 382 32.95 27.89 30.04
CA ASP B 382 32.18 27.95 31.27
C ASP B 382 32.54 26.74 32.13
N GLY B 383 33.79 26.26 32.00
CA GLY B 383 34.32 25.23 32.88
C GLY B 383 33.62 23.89 32.71
N ALA B 384 33.36 23.49 31.47
CA ALA B 384 32.81 22.18 31.18
C ALA B 384 33.89 21.12 31.43
N ARG B 385 35.02 21.27 30.73
CA ARG B 385 36.13 20.34 30.82
C ARG B 385 36.68 20.32 32.25
N ALA B 386 36.67 21.48 32.91
CA ALA B 386 37.04 21.60 34.30
C ALA B 386 36.09 20.78 35.19
N TRP B 387 34.79 20.80 34.85
CA TRP B 387 33.78 20.06 35.58
C TRP B 387 33.89 18.57 35.30
N LEU B 388 34.28 18.20 34.07
CA LEU B 388 34.34 16.80 33.67
C LEU B 388 35.42 16.07 34.45
N ARG B 389 36.55 16.74 34.69
CA ARG B 389 37.66 16.16 35.46
C ARG B 389 37.27 16.07 36.93
N GLU B 390 36.86 17.21 37.51
CA GLU B 390 36.32 17.28 38.86
C GLU B 390 35.37 16.11 39.11
N THR B 391 34.32 16.02 38.26
CA THR B 391 33.22 15.10 38.47
C THR B 391 33.65 13.65 38.23
N ALA B 392 34.44 13.42 37.18
CA ALA B 392 34.86 12.07 36.81
C ALA B 392 35.79 11.51 37.88
N GLU B 393 36.59 12.38 38.50
CA GLU B 393 37.50 11.98 39.57
C GLU B 393 36.68 11.48 40.75
N THR B 394 35.69 12.29 41.19
CA THR B 394 34.85 11.98 42.32
C THR B 394 34.31 10.55 42.23
N LEU B 395 33.84 10.18 41.03
CA LEU B 395 33.23 8.88 40.80
C LEU B 395 34.18 7.77 41.21
N THR B 396 35.40 7.81 40.67
CA THR B 396 36.37 6.72 40.78
C THR B 396 36.55 6.32 42.25
N GLY B 397 36.67 7.32 43.13
CA GLY B 397 36.80 7.06 44.56
C GLY B 397 35.61 6.30 45.12
N LEU B 398 34.40 6.72 44.72
CA LEU B 398 33.16 6.15 45.21
C LEU B 398 32.91 4.78 44.60
N ALA B 399 33.51 4.51 43.44
CA ALA B 399 33.31 3.26 42.71
C ALA B 399 33.96 2.08 43.44
N VAL B 400 35.06 2.34 44.15
CA VAL B 400 35.74 1.31 44.91
C VAL B 400 35.08 1.18 46.29
N ARG B 401 34.70 2.32 46.88
CA ARG B 401 34.05 2.34 48.19
C ARG B 401 32.71 1.63 48.12
N ALA B 402 31.93 1.87 47.06
CA ALA B 402 30.60 1.30 46.90
C ALA B 402 30.35 0.92 45.44
N PRO B 403 30.91 -0.21 44.94
CA PRO B 403 30.70 -0.63 43.55
C PRO B 403 29.27 -1.10 43.28
N ALA B 404 29.02 -1.55 42.04
CA ALA B 404 27.70 -1.99 41.64
C ALA B 404 27.34 -3.31 42.33
N GLY B 420 -5.54 -1.15 53.19
CA GLY B 420 -5.66 -0.88 51.75
C GLY B 420 -4.71 0.22 51.29
N PHE B 421 -5.15 1.48 51.44
CA PHE B 421 -4.37 2.64 51.02
C PHE B 421 -3.50 3.17 52.17
N GLY B 422 -3.46 2.45 53.29
CA GLY B 422 -2.60 2.83 54.41
C GLY B 422 -3.37 3.54 55.52
N PRO B 423 -2.73 3.74 56.70
CA PRO B 423 -3.44 4.11 57.92
C PRO B 423 -4.01 5.54 57.94
N LEU B 424 -3.16 6.53 57.65
CA LEU B 424 -3.56 7.93 57.69
C LEU B 424 -3.83 8.44 56.28
N ALA B 425 -4.01 7.53 55.32
CA ALA B 425 -4.20 7.91 53.93
C ALA B 425 -5.66 8.24 53.66
N ARG B 426 -5.88 9.33 52.91
CA ARG B 426 -7.21 9.78 52.55
C ARG B 426 -7.30 9.85 51.03
N ALA B 427 -8.13 8.98 50.44
CA ALA B 427 -8.42 9.03 49.02
C ALA B 427 -9.32 10.23 48.73
N ARG B 428 -9.31 10.71 47.49
CA ARG B 428 -10.23 11.75 47.07
C ARG B 428 -11.65 11.21 47.15
N HIS B 429 -11.87 10.07 46.49
CA HIS B 429 -13.10 9.31 46.58
C HIS B 429 -12.87 8.09 47.46
N ASP B 430 -13.71 7.92 48.49
CA ASP B 430 -13.72 6.68 49.26
C ASP B 430 -14.36 5.60 48.39
N LYS B 431 -14.38 4.36 48.89
CA LYS B 431 -14.87 3.23 48.11
C LYS B 431 -16.24 3.54 47.51
N ASP B 432 -17.21 3.84 48.39
CA ASP B 432 -18.60 4.06 47.99
C ASP B 432 -18.68 5.06 46.84
N ALA B 433 -17.99 6.20 46.99
CA ALA B 433 -17.99 7.24 45.97
C ALA B 433 -17.41 6.70 44.66
N TYR B 434 -16.30 5.96 44.76
CA TYR B 434 -15.60 5.46 43.58
C TYR B 434 -16.51 4.49 42.82
N LEU B 435 -17.24 3.65 43.56
CA LEU B 435 -18.14 2.66 42.98
C LEU B 435 -19.21 3.35 42.14
N LYS B 436 -19.68 4.50 42.63
CA LYS B 436 -20.77 5.23 42.00
C LYS B 436 -20.25 5.97 40.77
N ARG B 437 -18.95 6.33 40.79
CA ARG B 437 -18.29 6.94 39.63
C ARG B 437 -18.10 5.89 38.54
N ILE B 438 -17.79 4.65 38.93
CA ILE B 438 -17.67 3.55 37.98
C ILE B 438 -19.02 3.35 37.27
N ASP B 439 -20.10 3.33 38.05
CA ASP B 439 -21.46 3.22 37.51
C ASP B 439 -21.67 4.25 36.40
N GLU B 440 -21.25 5.51 36.66
CA GLU B 440 -21.38 6.59 35.69
C GLU B 440 -20.62 6.22 34.40
N CYS B 441 -19.43 5.64 34.57
CA CYS B 441 -18.63 5.18 33.44
C CYS B 441 -19.38 4.11 32.65
N LEU B 442 -20.00 3.16 33.35
CA LEU B 442 -20.72 2.07 32.71
C LEU B 442 -21.90 2.63 31.91
N LYS B 443 -22.52 3.70 32.42
CA LYS B 443 -23.68 4.30 31.79
C LYS B 443 -23.27 5.04 30.52
N GLU B 444 -22.15 5.78 30.59
CA GLU B 444 -21.63 6.48 29.43
C GLU B 444 -21.20 5.47 28.36
N ILE B 445 -20.69 4.31 28.81
CA ILE B 445 -20.27 3.25 27.91
C ILE B 445 -21.50 2.61 27.24
N ARG B 446 -22.58 2.45 28.01
CA ARG B 446 -23.81 1.84 27.49
C ARG B 446 -24.44 2.77 26.45
N ASN B 447 -24.38 4.09 26.72
CA ASN B 447 -24.81 5.11 25.76
C ASN B 447 -23.91 5.16 24.54
N GLY B 448 -22.64 4.75 24.68
CA GLY B 448 -21.69 4.75 23.58
C GLY B 448 -20.91 6.06 23.48
N GLU B 449 -20.83 6.80 24.59
CA GLU B 449 -20.03 8.01 24.67
C GLU B 449 -18.55 7.64 24.77
N SER B 450 -18.26 6.49 25.40
CA SER B 450 -16.91 5.97 25.47
C SER B 450 -16.94 4.45 25.26
N TYR B 451 -15.82 3.93 24.74
CA TYR B 451 -15.61 2.49 24.61
C TYR B 451 -14.83 1.99 25.84
N GLU B 452 -14.03 2.89 26.42
CA GLU B 452 -13.22 2.59 27.59
C GLU B 452 -12.91 3.89 28.34
N ILE B 453 -13.02 3.86 29.66
CA ILE B 453 -12.73 5.01 30.49
C ILE B 453 -11.68 4.61 31.54
N CYS B 454 -10.56 5.34 31.56
CA CYS B 454 -9.51 5.11 32.54
C CYS B 454 -9.79 5.99 33.76
N LEU B 455 -10.73 5.52 34.60
CA LEU B 455 -11.08 6.21 35.83
C LEU B 455 -9.92 6.07 36.82
N THR B 456 -9.65 7.15 37.56
CA THR B 456 -8.57 7.17 38.53
C THR B 456 -9.04 7.80 39.84
N ASN B 457 -8.41 7.38 40.94
CA ASN B 457 -8.54 8.00 42.24
C ASN B 457 -7.22 8.70 42.56
N MET B 458 -7.22 9.51 43.63
CA MET B 458 -6.06 10.29 44.02
C MET B 458 -5.96 10.27 45.54
N VAL B 459 -5.01 9.49 46.06
CA VAL B 459 -4.81 9.35 47.49
C VAL B 459 -3.80 10.39 47.95
N THR B 460 -4.06 10.98 49.13
CA THR B 460 -3.12 11.86 49.80
C THR B 460 -2.92 11.34 51.22
N ALA B 461 -1.74 11.59 51.79
CA ALA B 461 -1.41 11.08 53.11
C ALA B 461 -0.29 11.91 53.71
N PRO B 462 -0.41 12.36 54.99
CA PRO B 462 0.66 13.09 55.66
C PRO B 462 1.80 12.15 56.03
N THR B 463 3.04 12.60 55.75
CA THR B 463 4.23 11.78 55.90
C THR B 463 5.36 12.61 56.50
N GLU B 464 6.26 11.93 57.20
CA GLU B 464 7.40 12.55 57.87
C GLU B 464 8.61 12.61 56.94
N ALA B 465 8.76 11.60 56.09
CA ALA B 465 10.01 11.36 55.36
C ALA B 465 10.22 12.42 54.28
N THR B 466 11.50 12.64 53.94
CA THR B 466 11.90 13.52 52.85
C THR B 466 12.06 12.68 51.58
N ALA B 467 12.59 13.29 50.51
CA ALA B 467 12.55 12.73 49.17
C ALA B 467 13.43 11.48 49.04
N LEU B 468 14.74 11.63 49.23
CA LEU B 468 15.69 10.59 48.88
C LEU B 468 15.50 9.33 49.73
N PRO B 469 15.32 9.44 51.07
CA PRO B 469 15.04 8.26 51.89
C PRO B 469 13.86 7.40 51.41
N LEU B 470 12.78 8.06 50.97
CA LEU B 470 11.56 7.37 50.59
C LEU B 470 11.72 6.75 49.20
N TYR B 471 12.33 7.49 48.27
CA TYR B 471 12.62 6.93 46.96
C TYR B 471 13.51 5.70 47.13
N SER B 472 14.45 5.77 48.08
CA SER B 472 15.35 4.66 48.36
C SER B 472 14.56 3.40 48.69
N ALA B 473 13.52 3.54 49.52
CA ALA B 473 12.64 2.43 49.85
C ALA B 473 11.85 2.01 48.61
N LEU B 474 11.35 2.99 47.85
CA LEU B 474 10.44 2.75 46.74
C LEU B 474 11.12 1.96 45.62
N ARG B 475 12.36 2.36 45.26
CA ARG B 475 13.10 1.74 44.18
C ARG B 475 13.48 0.30 44.52
N ALA B 476 13.74 0.05 45.82
CA ALA B 476 14.06 -1.29 46.30
C ALA B 476 12.80 -2.16 46.31
N ILE B 477 11.65 -1.56 46.68
CA ILE B 477 10.37 -2.25 46.65
C ILE B 477 10.03 -2.61 45.20
N SER B 478 10.02 -1.60 44.31
CA SER B 478 9.63 -1.81 42.93
C SER B 478 10.74 -1.34 41.97
N PRO B 479 11.76 -2.19 41.72
CA PRO B 479 12.62 -2.04 40.55
C PRO B 479 11.83 -1.98 39.24
N VAL B 480 12.08 -0.91 38.46
CA VAL B 480 11.44 -0.73 37.17
C VAL B 480 12.43 -0.04 36.21
N PRO B 481 12.20 -0.13 34.88
CA PRO B 481 13.05 0.56 33.91
C PRO B 481 12.91 2.09 33.86
N TYR B 482 11.76 2.61 34.32
CA TYR B 482 11.46 4.03 34.18
C TYR B 482 11.23 4.68 35.54
N GLY B 483 12.01 4.26 36.54
CA GLY B 483 12.02 4.94 37.83
C GLY B 483 12.63 6.33 37.70
N ALA B 484 12.17 7.26 38.56
CA ALA B 484 12.65 8.64 38.49
C ALA B 484 12.54 9.30 39.86
N LEU B 485 13.50 10.19 40.16
CA LEU B 485 13.43 11.04 41.33
C LEU B 485 13.72 12.48 40.91
N LEU B 486 12.65 13.25 40.70
CA LEU B 486 12.75 14.68 40.52
C LEU B 486 12.65 15.35 41.89
N GLU B 487 13.63 16.21 42.21
CA GLU B 487 13.58 17.01 43.42
C GLU B 487 13.54 18.48 43.01
N PHE B 488 12.34 18.97 42.71
CA PHE B 488 12.16 20.36 42.34
C PHE B 488 11.62 21.14 43.55
N PRO B 489 11.61 22.50 43.51
CA PRO B 489 11.15 23.30 44.64
C PRO B 489 9.72 23.01 45.09
N GLU B 490 8.78 23.03 44.12
CA GLU B 490 7.36 23.01 44.44
C GLU B 490 6.89 21.58 44.72
N LEU B 491 7.70 20.58 44.30
CA LEU B 491 7.36 19.19 44.52
C LEU B 491 8.59 18.30 44.33
N SER B 492 8.58 17.15 45.02
CA SER B 492 9.41 16.02 44.62
C SER B 492 8.53 14.99 43.92
N VAL B 493 9.10 14.32 42.90
CA VAL B 493 8.40 13.26 42.20
C VAL B 493 9.20 11.97 42.38
N LEU B 494 8.50 10.89 42.79
CA LEU B 494 9.13 9.61 43.10
C LEU B 494 8.43 8.51 42.31
N SER B 495 8.84 8.34 41.05
CA SER B 495 8.17 7.44 40.12
C SER B 495 8.74 6.03 40.25
N ALA B 496 7.84 5.04 40.12
CA ALA B 496 8.21 3.65 39.89
C ALA B 496 7.43 3.13 38.69
N SER B 497 7.36 3.98 37.66
CA SER B 497 6.73 3.65 36.40
C SER B 497 7.45 2.50 35.72
N PRO B 498 6.73 1.44 35.31
CA PRO B 498 7.26 0.47 34.34
C PRO B 498 7.01 0.86 32.89
N GLU B 499 6.12 1.84 32.68
CA GLU B 499 5.51 2.08 31.37
C GLU B 499 6.37 3.01 30.52
N ARG B 500 6.44 2.71 29.22
CA ARG B 500 6.93 3.64 28.21
C ARG B 500 5.77 4.35 27.53
N PHE B 501 5.90 5.66 27.36
CA PHE B 501 4.93 6.46 26.61
C PHE B 501 5.42 6.64 25.18
N LEU B 502 6.56 7.33 25.03
CA LEU B 502 7.11 7.65 23.72
C LEU B 502 8.63 7.59 23.79
N THR B 503 9.23 6.79 22.90
CA THR B 503 10.67 6.78 22.72
C THR B 503 10.97 7.18 21.28
N ILE B 504 11.26 8.47 21.10
CA ILE B 504 11.51 9.05 19.80
C ILE B 504 13.01 9.09 19.60
N GLY B 505 13.48 8.62 18.44
CA GLY B 505 14.88 8.73 18.08
C GLY B 505 15.18 10.09 17.46
N ALA B 506 16.47 10.39 17.31
CA ALA B 506 16.92 11.52 16.52
C ALA B 506 16.57 11.29 15.05
N ASP B 507 16.57 10.02 14.63
CA ASP B 507 16.25 9.61 13.27
C ASP B 507 14.74 9.66 13.00
N GLY B 508 13.96 10.06 14.01
CA GLY B 508 12.53 10.30 13.83
C GLY B 508 11.68 9.04 13.96
N GLY B 509 12.29 7.93 14.41
CA GLY B 509 11.55 6.71 14.66
C GLY B 509 10.93 6.74 16.06
N VAL B 510 9.65 6.32 16.16
CA VAL B 510 8.88 6.45 17.39
C VAL B 510 8.49 5.06 17.90
N GLU B 511 8.49 4.89 19.23
CA GLU B 511 7.93 3.69 19.85
C GLU B 511 7.03 4.10 21.01
N SER B 512 6.04 3.26 21.30
CA SER B 512 5.11 3.46 22.40
C SER B 512 4.61 2.10 22.88
N LYS B 513 4.68 1.84 24.19
CA LYS B 513 4.30 0.54 24.74
C LYS B 513 3.17 0.72 25.75
N PRO B 514 1.93 1.01 25.29
CA PRO B 514 0.80 1.17 26.21
C PRO B 514 0.55 -0.05 27.10
N ILE B 515 0.59 0.18 28.42
CA ILE B 515 0.21 -0.82 29.39
C ILE B 515 -1.29 -0.68 29.64
N LYS B 516 -2.01 -1.79 29.48
CA LYS B 516 -3.39 -1.86 29.94
C LYS B 516 -3.78 -3.33 30.08
N GLY B 517 -4.23 -3.71 31.28
CA GLY B 517 -4.35 -5.09 31.69
C GLY B 517 -3.37 -5.40 32.80
N THR B 518 -3.87 -5.46 34.05
CA THR B 518 -3.04 -5.62 35.23
C THR B 518 -3.41 -6.91 35.95
N ARG B 519 -2.46 -7.45 36.74
CA ARG B 519 -2.72 -8.57 37.62
C ARG B 519 -1.80 -8.50 38.83
N PRO B 520 -2.28 -8.87 40.04
CA PRO B 520 -1.39 -9.03 41.19
C PRO B 520 -0.38 -10.15 40.93
N ARG B 521 0.66 -10.21 41.76
CA ARG B 521 1.58 -11.33 41.74
C ARG B 521 0.93 -12.49 42.51
N GLY B 522 1.40 -13.71 42.23
CA GLY B 522 1.00 -14.87 43.00
C GLY B 522 1.83 -15.00 44.29
N GLY B 523 1.29 -15.75 45.26
CA GLY B 523 2.02 -16.06 46.48
C GLY B 523 3.27 -16.88 46.21
N THR B 524 3.15 -17.84 45.28
CA THR B 524 4.22 -18.75 44.91
C THR B 524 4.48 -18.62 43.41
N ALA B 525 5.39 -19.46 42.88
CA ALA B 525 5.81 -19.40 41.48
C ALA B 525 4.75 -20.01 40.56
N GLU B 526 3.96 -20.94 41.10
CA GLU B 526 2.89 -21.61 40.36
C GLU B 526 1.71 -20.67 40.18
N GLU B 527 1.52 -19.77 41.16
CA GLU B 527 0.46 -18.78 41.12
C GLU B 527 0.74 -17.71 40.07
N ASP B 528 2.02 -17.34 39.93
CA ASP B 528 2.44 -16.32 38.96
C ASP B 528 2.16 -16.80 37.55
N GLU B 529 2.41 -18.09 37.28
CA GLU B 529 2.16 -18.66 35.97
C GLU B 529 0.67 -18.58 35.63
N ARG B 530 -0.17 -18.99 36.59
CA ARG B 530 -1.61 -18.94 36.43
C ARG B 530 -2.04 -17.55 36.00
N LEU B 531 -1.61 -16.54 36.76
CA LEU B 531 -2.00 -15.15 36.56
C LEU B 531 -1.42 -14.62 35.23
N ARG B 532 -0.17 -14.99 34.93
CA ARG B 532 0.47 -14.59 33.67
C ARG B 532 -0.37 -15.11 32.50
N ALA B 533 -0.73 -16.39 32.55
CA ALA B 533 -1.57 -16.99 31.53
C ALA B 533 -2.94 -16.32 31.52
N ASP B 534 -3.54 -16.16 32.70
CA ASP B 534 -4.87 -15.56 32.84
C ASP B 534 -4.91 -14.23 32.10
N LEU B 535 -3.96 -13.35 32.42
CA LEU B 535 -3.92 -12.00 31.87
C LEU B 535 -3.79 -12.04 30.34
N ALA B 536 -3.05 -13.04 29.83
CA ALA B 536 -2.79 -13.16 28.41
C ALA B 536 -4.07 -13.52 27.65
N GLY B 537 -4.86 -14.44 28.22
CA GLY B 537 -5.98 -15.06 27.53
C GLY B 537 -7.29 -14.32 27.69
N ARG B 538 -7.50 -13.68 28.85
CA ARG B 538 -8.76 -13.04 29.16
C ARG B 538 -9.20 -12.13 28.02
N GLU B 539 -10.44 -12.32 27.55
CA GLU B 539 -11.01 -11.53 26.48
C GLU B 539 -11.18 -10.08 26.95
N LYS B 540 -11.52 -9.91 28.23
CA LYS B 540 -11.75 -8.60 28.82
C LYS B 540 -10.47 -7.77 28.73
N ASP B 541 -9.36 -8.33 29.22
CA ASP B 541 -8.09 -7.62 29.30
C ASP B 541 -7.59 -7.29 27.90
N ARG B 542 -7.57 -8.29 27.02
CA ARG B 542 -7.10 -8.14 25.66
C ARG B 542 -7.83 -6.96 24.99
N ALA B 543 -9.14 -6.88 25.23
CA ALA B 543 -9.97 -5.80 24.69
C ALA B 543 -9.57 -4.47 25.30
N GLU B 544 -9.30 -4.46 26.61
CA GLU B 544 -8.85 -3.25 27.27
C GLU B 544 -7.62 -2.73 26.53
N ASN B 545 -6.61 -3.60 26.41
CA ASN B 545 -5.34 -3.26 25.77
C ASN B 545 -5.57 -2.85 24.31
N LEU B 546 -6.39 -3.63 23.59
CA LEU B 546 -6.55 -3.48 22.16
C LEU B 546 -7.00 -2.06 21.81
N MET B 547 -7.98 -1.54 22.56
CA MET B 547 -8.61 -0.28 22.22
C MET B 547 -7.59 0.86 22.30
N ILE B 548 -6.59 0.69 23.17
CA ILE B 548 -5.54 1.67 23.37
C ILE B 548 -4.57 1.58 22.19
N VAL B 549 -4.20 0.34 21.84
CA VAL B 549 -3.36 0.09 20.69
C VAL B 549 -3.91 0.86 19.49
N ASP B 550 -5.21 0.74 19.24
CA ASP B 550 -5.84 1.43 18.13
C ASP B 550 -5.78 2.93 18.34
N LEU B 551 -5.97 3.36 19.59
CA LEU B 551 -6.00 4.78 19.91
C LEU B 551 -4.61 5.38 19.69
N VAL B 552 -3.58 4.67 20.15
CA VAL B 552 -2.21 5.14 20.04
C VAL B 552 -1.77 5.11 18.58
N ARG B 553 -2.13 4.05 17.85
CA ARG B 553 -1.89 4.00 16.42
C ARG B 553 -2.41 5.27 15.77
N ASN B 554 -3.61 5.69 16.21
CA ASN B 554 -4.29 6.85 15.66
C ASN B 554 -3.43 8.09 15.89
N ASP B 555 -2.99 8.29 17.14
CA ASP B 555 -2.24 9.47 17.53
C ASP B 555 -0.94 9.53 16.73
N LEU B 556 -0.20 8.41 16.70
CA LEU B 556 1.04 8.33 15.96
C LEU B 556 0.78 8.63 14.48
N ASN B 557 -0.33 8.09 13.93
CA ASN B 557 -0.61 8.23 12.51
C ASN B 557 -0.80 9.69 12.12
N SER B 558 -1.27 10.55 13.04
CA SER B 558 -1.50 11.95 12.72
C SER B 558 -0.19 12.70 12.51
N VAL B 559 0.93 12.11 12.97
CA VAL B 559 2.23 12.76 12.90
C VAL B 559 3.25 11.91 12.16
N CYS B 560 2.88 10.70 11.72
CA CYS B 560 3.84 9.74 11.19
C CYS B 560 3.60 9.47 9.71
N ALA B 561 4.64 8.94 9.04
CA ALA B 561 4.64 8.70 7.61
C ALA B 561 3.73 7.52 7.29
N ILE B 562 3.04 7.62 6.15
CA ILE B 562 2.02 6.64 5.79
C ILE B 562 2.68 5.30 5.51
N GLY B 563 2.17 4.27 6.18
CA GLY B 563 2.74 2.94 6.14
C GLY B 563 3.69 2.67 7.31
N SER B 564 4.16 3.72 7.99
CA SER B 564 5.24 3.58 8.95
C SER B 564 4.73 3.00 10.27
N VAL B 565 3.46 3.30 10.60
CA VAL B 565 2.85 2.85 11.84
C VAL B 565 2.54 1.35 11.73
N HIS B 566 2.95 0.61 12.77
CA HIS B 566 2.72 -0.82 12.84
C HIS B 566 2.89 -1.27 14.28
N VAL B 567 2.63 -2.56 14.52
CA VAL B 567 2.53 -3.11 15.87
C VAL B 567 3.38 -4.38 15.94
N PRO B 568 4.71 -4.26 16.19
CA PRO B 568 5.58 -5.44 16.31
C PRO B 568 5.12 -6.50 17.30
N ARG B 569 4.72 -6.09 18.51
CA ARG B 569 4.22 -7.02 19.51
C ARG B 569 2.81 -6.61 19.90
N LEU B 570 2.04 -7.57 20.42
CA LEU B 570 0.66 -7.37 20.79
C LEU B 570 0.31 -8.34 21.92
N PHE B 571 -0.10 -7.78 23.07
CA PHE B 571 -0.50 -8.55 24.24
C PHE B 571 0.68 -9.38 24.77
N GLU B 572 1.83 -8.70 24.91
CA GLU B 572 2.98 -9.22 25.63
C GLU B 572 2.74 -8.98 27.12
N VAL B 573 3.20 -9.90 27.96
CA VAL B 573 3.06 -9.78 29.40
C VAL B 573 4.44 -9.52 30.00
N GLU B 574 4.52 -8.48 30.84
CA GLU B 574 5.74 -8.16 31.56
C GLU B 574 5.45 -8.23 33.06
N THR B 575 6.41 -8.76 33.82
CA THR B 575 6.26 -9.05 35.24
C THR B 575 7.14 -8.09 36.04
N TYR B 576 6.53 -7.42 37.03
CA TYR B 576 7.25 -6.54 37.94
C TYR B 576 6.86 -6.90 39.37
N ALA B 577 7.63 -6.40 40.34
CA ALA B 577 7.51 -6.83 41.73
C ALA B 577 6.07 -6.69 42.24
N PRO B 578 5.32 -5.63 41.89
CA PRO B 578 3.93 -5.50 42.34
C PRO B 578 2.86 -6.18 41.47
N VAL B 579 3.09 -6.27 40.14
CA VAL B 579 2.04 -6.68 39.22
C VAL B 579 2.62 -7.29 37.94
N HIS B 580 1.74 -8.02 37.22
CA HIS B 580 1.94 -8.44 35.85
C HIS B 580 1.14 -7.52 34.94
N GLN B 581 1.77 -7.05 33.85
CA GLN B 581 1.18 -6.02 33.01
C GLN B 581 1.13 -6.49 31.56
N LEU B 582 -0.02 -6.27 30.91
CA LEU B 582 -0.20 -6.61 29.51
C LEU B 582 0.23 -5.40 28.67
N VAL B 583 1.23 -5.63 27.80
CA VAL B 583 1.91 -4.56 27.09
C VAL B 583 1.83 -4.83 25.59
N SER B 584 1.58 -3.77 24.81
CA SER B 584 1.58 -3.86 23.36
C SER B 584 2.48 -2.76 22.79
N THR B 585 3.23 -3.10 21.73
CA THR B 585 4.26 -2.21 21.20
C THR B 585 3.85 -1.68 19.83
N ILE B 586 4.00 -0.36 19.66
CA ILE B 586 3.59 0.34 18.46
C ILE B 586 4.76 1.21 18.00
N ARG B 587 4.95 1.31 16.68
CA ARG B 587 6.07 2.07 16.14
C ARG B 587 5.60 2.91 14.95
N GLY B 588 6.42 3.90 14.58
CA GLY B 588 6.11 4.79 13.48
C GLY B 588 7.33 5.62 13.07
N ARG B 589 7.12 6.49 12.07
CA ARG B 589 8.15 7.40 11.59
C ARG B 589 7.53 8.79 11.45
N LEU B 590 8.14 9.78 12.09
CA LEU B 590 7.65 11.14 12.00
C LEU B 590 7.76 11.61 10.55
N ARG B 591 6.74 12.34 10.10
CA ARG B 591 6.75 12.94 8.78
C ARG B 591 7.87 13.97 8.72
N PRO B 592 8.35 14.35 7.51
CA PRO B 592 9.28 15.46 7.38
C PRO B 592 8.64 16.71 7.98
N GLY B 593 9.47 17.53 8.64
CA GLY B 593 8.99 18.75 9.29
C GLY B 593 7.91 18.47 10.34
N THR B 594 8.12 17.44 11.17
CA THR B 594 7.31 17.22 12.36
C THR B 594 8.23 17.14 13.58
N SER B 595 8.16 18.17 14.43
CA SER B 595 9.03 18.25 15.59
C SER B 595 8.69 17.12 16.56
N THR B 596 9.72 16.63 17.26
CA THR B 596 9.54 15.65 18.31
C THR B 596 8.54 16.17 19.34
N ALA B 597 8.49 17.49 19.54
CA ALA B 597 7.52 18.11 20.43
C ALA B 597 6.10 17.94 19.89
N ALA B 598 5.92 18.16 18.58
CA ALA B 598 4.63 17.98 17.94
C ALA B 598 4.13 16.55 18.14
N CYS B 599 5.06 15.59 18.09
CA CYS B 599 4.71 14.20 18.26
C CYS B 599 4.19 13.92 19.67
N VAL B 600 4.87 14.49 20.67
CA VAL B 600 4.45 14.33 22.04
C VAL B 600 3.10 15.01 22.25
N ARG B 601 2.90 16.17 21.60
CA ARG B 601 1.65 16.92 21.70
C ARG B 601 0.47 16.08 21.21
N ALA B 602 0.66 15.43 20.05
CA ALA B 602 -0.41 14.72 19.37
C ALA B 602 -0.78 13.43 20.11
N ALA B 603 0.05 13.00 21.08
CA ALA B 603 -0.18 11.73 21.76
C ALA B 603 -0.55 11.95 23.23
N PHE B 604 -0.74 13.22 23.63
CA PHE B 604 -0.80 13.59 25.04
C PHE B 604 -2.18 14.12 25.42
N PRO B 605 -2.80 13.64 26.55
CA PRO B 605 -2.26 12.57 27.39
C PRO B 605 -2.34 11.18 26.74
N GLY B 606 -1.48 10.27 27.22
CA GLY B 606 -1.44 8.92 26.69
C GLY B 606 -2.79 8.23 26.83
N GLY B 607 -3.24 7.59 25.74
CA GLY B 607 -4.44 6.77 25.72
C GLY B 607 -4.44 5.73 26.85
N SER B 608 -3.27 5.14 27.10
CA SER B 608 -3.04 4.29 28.25
C SER B 608 -3.83 4.79 29.46
N MET B 609 -3.80 6.11 29.67
CA MET B 609 -4.27 6.72 30.90
C MET B 609 -5.60 7.46 30.71
N THR B 610 -6.17 7.43 29.50
CA THR B 610 -7.45 8.09 29.25
C THR B 610 -8.50 7.09 28.76
N GLY B 611 -8.18 6.36 27.68
CA GLY B 611 -9.15 5.51 27.01
C GLY B 611 -9.75 6.23 25.81
N ALA B 612 -10.51 5.49 24.99
CA ALA B 612 -10.95 5.98 23.69
C ALA B 612 -12.47 6.06 23.65
N PRO B 613 -13.07 6.98 22.86
CA PRO B 613 -12.33 8.00 22.12
C PRO B 613 -11.86 9.12 23.06
N LYS B 614 -10.64 9.61 22.83
CA LYS B 614 -9.88 10.28 23.86
C LYS B 614 -10.59 11.57 24.30
N LYS B 615 -10.99 12.39 23.33
CA LYS B 615 -11.58 13.70 23.64
C LYS B 615 -12.81 13.52 24.53
N ARG B 616 -13.77 12.73 24.04
CA ARG B 616 -15.04 12.53 24.74
C ARG B 616 -14.79 11.90 26.10
N THR B 617 -13.86 10.94 26.13
CA THR B 617 -13.54 10.20 27.34
C THR B 617 -12.91 11.12 28.38
N MET B 618 -12.11 12.10 27.91
CA MET B 618 -11.42 13.02 28.81
C MET B 618 -12.41 14.00 29.44
N GLU B 619 -13.50 14.31 28.73
CA GLU B 619 -14.56 15.15 29.25
C GLU B 619 -15.32 14.44 30.36
N ILE B 620 -15.57 13.13 30.16
CA ILE B 620 -16.20 12.29 31.16
C ILE B 620 -15.31 12.27 32.41
N ILE B 621 -14.01 12.03 32.19
CA ILE B 621 -13.03 12.00 33.26
C ILE B 621 -13.10 13.30 34.06
N ASP B 622 -13.18 14.44 33.36
CA ASP B 622 -13.23 15.75 33.99
C ASP B 622 -14.36 15.81 35.01
N ARG B 623 -15.57 15.43 34.55
CA ARG B 623 -16.79 15.58 35.32
C ARG B 623 -16.75 14.72 36.59
N LEU B 624 -16.17 13.51 36.48
CA LEU B 624 -16.31 12.49 37.51
C LEU B 624 -15.20 12.57 38.56
N GLU B 625 -13.99 12.94 38.12
CA GLU B 625 -12.85 12.90 39.02
C GLU B 625 -12.89 14.11 39.96
N GLU B 626 -13.52 15.21 39.51
CA GLU B 626 -13.84 16.34 40.35
C GLU B 626 -12.55 17.03 40.82
N GLY B 627 -11.50 16.96 40.00
CA GLY B 627 -10.24 17.58 40.37
C GLY B 627 -9.07 17.16 39.48
N PRO B 628 -7.88 17.75 39.70
CA PRO B 628 -6.73 17.53 38.82
C PRO B 628 -5.93 16.27 39.14
N ARG B 629 -5.36 15.64 38.10
CA ARG B 629 -4.42 14.56 38.29
C ARG B 629 -3.02 15.13 38.59
N GLY B 630 -2.71 16.28 38.00
CA GLY B 630 -1.41 16.90 38.15
C GLY B 630 -0.33 16.09 37.46
N VAL B 631 0.64 15.60 38.24
CA VAL B 631 1.78 14.87 37.71
C VAL B 631 1.31 13.48 37.25
N TYR B 632 0.31 12.93 37.95
CA TYR B 632 -0.16 11.57 37.73
C TYR B 632 -0.84 11.46 36.36
N SER B 633 -0.54 10.35 35.67
CA SER B 633 -1.03 10.05 34.34
C SER B 633 -0.46 11.02 33.30
N GLY B 634 0.59 11.75 33.68
CA GLY B 634 1.32 12.58 32.72
C GLY B 634 2.48 11.80 32.11
N ALA B 635 3.50 12.53 31.65
CA ALA B 635 4.70 11.93 31.10
C ALA B 635 5.94 12.47 31.81
N LEU B 636 6.93 11.59 32.04
CA LEU B 636 8.15 11.97 32.72
C LEU B 636 9.35 11.42 31.95
N GLY B 637 10.34 12.29 31.68
CA GLY B 637 11.54 11.88 31.00
C GLY B 637 12.28 13.06 30.38
N TRP B 638 13.01 12.80 29.29
CA TRP B 638 13.95 13.77 28.75
C TRP B 638 13.65 14.09 27.29
N PHE B 639 14.02 15.33 26.90
CA PHE B 639 14.07 15.76 25.52
C PHE B 639 15.50 16.17 25.18
N ALA B 640 16.13 15.45 24.26
CA ALA B 640 17.53 15.68 23.90
C ALA B 640 17.62 16.83 22.90
N LEU B 641 18.80 17.46 22.86
CA LEU B 641 19.06 18.54 21.91
C LEU B 641 19.21 17.97 20.50
N SER B 642 19.54 16.68 20.40
CA SER B 642 19.64 15.99 19.13
C SER B 642 18.27 15.88 18.46
N GLY B 643 17.20 15.91 19.27
CA GLY B 643 15.85 15.75 18.78
C GLY B 643 15.18 14.48 19.30
N ALA B 644 15.96 13.66 20.02
CA ALA B 644 15.45 12.47 20.67
C ALA B 644 14.60 12.85 21.88
N ALA B 645 13.93 11.84 22.44
CA ALA B 645 13.19 11.97 23.68
C ALA B 645 12.95 10.58 24.27
N ASP B 646 12.71 10.51 25.58
CA ASP B 646 12.27 9.27 26.19
C ASP B 646 11.32 9.62 27.34
N LEU B 647 10.05 9.22 27.19
CA LEU B 647 9.00 9.60 28.12
C LEU B 647 8.34 8.33 28.67
N SER B 648 8.30 8.23 30.00
CA SER B 648 7.49 7.24 30.69
C SER B 648 6.09 7.80 30.94
N ILE B 649 5.12 6.90 31.15
CA ILE B 649 3.86 7.31 31.75
C ILE B 649 4.08 7.40 33.25
N VAL B 650 3.37 8.34 33.89
CA VAL B 650 3.47 8.52 35.33
C VAL B 650 2.41 7.69 36.03
N ILE B 651 2.81 6.48 36.43
CA ILE B 651 2.07 5.64 37.34
C ILE B 651 3.02 5.10 38.40
N ARG B 652 2.46 4.51 39.46
CA ARG B 652 3.21 3.99 40.59
C ARG B 652 4.16 5.08 41.09
N THR B 653 3.60 6.24 41.43
CA THR B 653 4.36 7.47 41.61
C THR B 653 3.86 8.23 42.83
N ILE B 654 4.78 8.82 43.58
CA ILE B 654 4.47 9.60 44.77
C ILE B 654 5.00 11.02 44.59
N VAL B 655 4.11 12.02 44.61
CA VAL B 655 4.52 13.40 44.66
C VAL B 655 4.68 13.80 46.11
N LEU B 656 5.68 14.66 46.40
CA LEU B 656 5.85 15.24 47.71
C LEU B 656 5.77 16.75 47.61
N ALA B 657 4.91 17.36 48.43
CA ALA B 657 4.78 18.80 48.46
C ALA B 657 4.05 19.21 49.75
N ASP B 658 4.69 20.08 50.53
CA ASP B 658 4.13 20.59 51.77
C ASP B 658 3.90 19.41 52.72
N GLY B 659 4.93 18.56 52.86
CA GLY B 659 4.92 17.44 53.80
C GLY B 659 3.71 16.53 53.63
N GLN B 660 3.42 16.17 52.37
CA GLN B 660 2.21 15.44 52.03
C GLN B 660 2.46 14.60 50.79
N ALA B 661 2.19 13.29 50.88
CA ALA B 661 2.45 12.36 49.80
C ALA B 661 1.18 12.10 49.01
N GLU B 662 1.16 12.56 47.75
CA GLU B 662 0.05 12.37 46.83
C GLU B 662 0.42 11.30 45.81
N PHE B 663 -0.41 10.25 45.69
CA PHE B 663 -0.23 9.25 44.65
C PHE B 663 -1.58 8.88 44.04
N GLY B 664 -1.56 8.62 42.73
CA GLY B 664 -2.77 8.29 41.98
C GLY B 664 -2.82 6.80 41.63
N VAL B 665 -4.05 6.27 41.57
CA VAL B 665 -4.30 4.93 41.05
C VAL B 665 -5.58 4.97 40.21
N GLY B 666 -5.78 3.92 39.40
CA GLY B 666 -6.92 3.84 38.50
C GLY B 666 -6.95 2.54 37.73
N GLY B 667 -7.64 2.54 36.58
CA GLY B 667 -7.78 1.36 35.75
C GLY B 667 -8.88 1.53 34.71
N ALA B 668 -8.94 0.62 33.74
CA ALA B 668 -9.86 0.73 32.63
C ALA B 668 -11.26 0.27 33.05
N ILE B 669 -12.27 1.06 32.70
CA ILE B 669 -13.66 0.67 32.84
C ILE B 669 -14.23 0.42 31.45
N VAL B 670 -14.91 -0.74 31.32
CA VAL B 670 -15.48 -1.22 30.07
C VAL B 670 -16.86 -1.79 30.37
N SER B 671 -17.56 -2.27 29.34
CA SER B 671 -18.91 -2.81 29.52
C SER B 671 -18.90 -4.03 30.42
N LEU B 672 -17.80 -4.80 30.38
CA LEU B 672 -17.68 -6.05 31.11
C LEU B 672 -17.20 -5.82 32.54
N SER B 673 -16.85 -4.56 32.89
CA SER B 673 -16.26 -4.26 34.19
C SER B 673 -17.23 -4.56 35.33
N ASP B 674 -16.75 -5.28 36.34
CA ASP B 674 -17.45 -5.41 37.62
C ASP B 674 -16.98 -4.30 38.55
N GLN B 675 -17.94 -3.57 39.13
CA GLN B 675 -17.66 -2.41 39.96
C GLN B 675 -16.67 -2.77 41.07
N GLU B 676 -17.02 -3.79 41.86
CA GLU B 676 -16.26 -4.15 43.06
C GLU B 676 -14.84 -4.61 42.71
N GLU B 677 -14.69 -5.27 41.55
CA GLU B 677 -13.40 -5.81 41.13
C GLU B 677 -12.47 -4.68 40.70
N GLU B 678 -12.99 -3.74 39.91
CA GLU B 678 -12.20 -2.65 39.36
C GLU B 678 -11.74 -1.70 40.46
N PHE B 679 -12.45 -1.66 41.60
CA PHE B 679 -12.00 -0.91 42.78
C PHE B 679 -10.79 -1.58 43.43
N THR B 680 -10.88 -2.91 43.60
CA THR B 680 -9.82 -3.71 44.20
C THR B 680 -8.53 -3.58 43.38
N GLU B 681 -8.69 -3.46 42.05
CA GLU B 681 -7.56 -3.30 41.14
C GLU B 681 -6.73 -2.09 41.56
N THR B 682 -7.40 -1.01 41.98
CA THR B 682 -6.73 0.24 42.30
C THR B 682 -5.95 0.11 43.61
N VAL B 683 -6.43 -0.74 44.52
CA VAL B 683 -5.79 -0.91 45.81
C VAL B 683 -4.52 -1.73 45.63
N VAL B 684 -4.60 -2.72 44.73
CA VAL B 684 -3.45 -3.56 44.38
C VAL B 684 -2.36 -2.68 43.77
N LYS B 685 -2.76 -1.70 42.96
CA LYS B 685 -1.82 -0.85 42.24
C LYS B 685 -1.08 0.09 43.19
N ALA B 686 -1.61 0.28 44.40
CA ALA B 686 -1.06 1.23 45.36
C ALA B 686 -0.07 0.57 46.33
N ARG B 687 0.00 -0.76 46.32
CA ARG B 687 0.79 -1.53 47.28
C ARG B 687 2.23 -1.01 47.36
N ALA B 688 2.85 -0.73 46.21
CA ALA B 688 4.22 -0.25 46.17
C ALA B 688 4.34 1.08 46.91
N MET B 689 3.46 2.04 46.57
CA MET B 689 3.46 3.35 47.20
C MET B 689 3.10 3.25 48.68
N VAL B 690 2.09 2.41 48.99
CA VAL B 690 1.60 2.23 50.36
C VAL B 690 2.65 1.52 51.21
N THR B 691 3.45 0.65 50.57
CA THR B 691 4.51 -0.05 51.27
C THR B 691 5.64 0.91 51.62
N ALA B 692 6.01 1.76 50.64
CA ALA B 692 7.16 2.64 50.74
C ALA B 692 7.01 3.63 51.89
N LEU B 693 5.78 4.11 52.11
CA LEU B 693 5.49 5.09 53.14
C LEU B 693 5.59 4.46 54.53
N ASP B 694 5.08 3.23 54.68
CA ASP B 694 5.04 2.56 55.97
C ASP B 694 6.46 2.16 56.39
N TRP C . -14.84 -15.48 -27.23
CA TRP C . -15.55 -14.20 -26.98
C TRP C . -16.69 -14.45 -25.99
O TRP C . -17.18 -13.45 -25.42
CB TRP C . -16.05 -13.59 -28.31
CG TRP C . -15.04 -13.66 -29.41
CD1 TRP C . -14.84 -14.70 -30.26
CD2 TRP C . -14.05 -12.67 -29.75
NE1 TRP C . -13.81 -14.43 -31.11
CE2 TRP C . -13.31 -13.19 -30.83
CE3 TRP C . -13.73 -11.39 -29.27
CZ2 TRP C . -12.26 -12.49 -31.43
CZ3 TRP C . -12.68 -10.70 -29.85
CH2 TRP C . -11.96 -11.25 -30.92
OXT TRP C . -17.03 -15.63 -25.80
C1 SIN D . 4.17 -16.74 -28.58
O1 SIN D . 3.54 -16.31 -27.59
O2 SIN D . 5.12 -17.54 -28.50
C2 SIN D . 3.76 -16.21 -29.95
C3 SIN D . 4.22 -17.03 -31.15
C4 SIN D . 3.15 -17.35 -32.17
O3 SIN D . 3.28 -16.90 -33.31
O4 SIN D . 2.19 -18.06 -31.80
MG MG E . -4.75 -6.62 11.28
MG MG F . 10.73 -20.32 -26.22
N TRP G . 15.78 3.22 31.26
CA TRP G . 16.08 4.35 30.35
C TRP G . 17.19 3.96 29.38
O TRP G . 17.63 4.86 28.64
CB TRP G . 16.46 5.61 31.14
CG TRP G . 15.49 5.96 32.22
CD1 TRP G . 15.47 5.44 33.48
CD2 TRP G . 14.39 6.87 32.14
NE1 TRP G . 14.44 5.99 34.19
CE2 TRP G . 13.75 6.86 33.39
CE3 TRP G . 13.87 7.69 31.12
CZ2 TRP G . 12.63 7.65 33.66
CZ3 TRP G . 12.77 8.47 31.39
CH2 TRP G . 12.16 8.45 32.65
OXT TRP G . 17.59 2.78 29.42
#